data_7KR1
# 
_entry.id   7KR1 
# 
_audit_conform.dict_name       mmcif_pdbx.dic 
_audit_conform.dict_version    5.380 
_audit_conform.dict_location   http://mmcif.pdb.org/dictionaries/ascii/mmcif_pdbx.dic 
# 
loop_
_database_2.database_id 
_database_2.database_code 
_database_2.pdbx_database_accession 
_database_2.pdbx_DOI 
PDB   7KR1         pdb_00007kr1 10.2210/pdb7kr1/pdb 
WWPDB D_1000253026 ?            ?                   
# 
_pdbx_database_status.status_code                     REL 
_pdbx_database_status.status_code_sf                  REL 
_pdbx_database_status.status_code_mr                  ? 
_pdbx_database_status.entry_id                        7KR1 
_pdbx_database_status.recvd_initial_deposition_date   2020-11-18 
_pdbx_database_status.SG_entry                        N 
_pdbx_database_status.deposit_site                    RCSB 
_pdbx_database_status.process_site                    RCSB 
_pdbx_database_status.status_code_cs                  ? 
_pdbx_database_status.status_code_nmr_data            ? 
_pdbx_database_status.methods_development_category    ? 
_pdbx_database_status.pdb_format_compatible           Y 
# 
loop_
_audit_author.name 
_audit_author.pdbx_ordinal 
_audit_author.identifier_ORCID 
'Correy, G.J.'   1 0000-0001-5155-7325 
'Young, I.D.'    2 0000-0003-4713-9504 
'Thompson, M.C.' 3 0000-0002-6099-2027 
'Fraser, J.S.'   4 0000-0002-5080-2859 
# 
_citation.abstract                  ? 
_citation.abstract_id_CAS           ? 
_citation.book_id_ISBN              ? 
_citation.book_publisher            ? 
_citation.book_publisher_city       ? 
_citation.book_title                ? 
_citation.coordinate_linkage        ? 
_citation.country                   US 
_citation.database_id_Medline       ? 
_citation.details                   ? 
_citation.id                        primary 
_citation.journal_abbrev            'Sci Adv' 
_citation.journal_id_ASTM           ? 
_citation.journal_id_CSD            ? 
_citation.journal_id_ISSN           2375-2548 
_citation.journal_full              ? 
_citation.journal_issue             ? 
_citation.journal_volume            7 
_citation.language                  ? 
_citation.page_first                ? 
_citation.page_last                 ? 
_citation.title                     
'Fragment binding to the Nsp3 macrodomain of SARS-CoV-2 identified through crystallographic screening and computational docking.' 
_citation.year                      2021 
_citation.database_id_CSD           ? 
_citation.pdbx_database_id_DOI      10.1126/sciadv.abf8711 
_citation.pdbx_database_id_PubMed   33853786 
_citation.unpublished_flag          ? 
# 
loop_
_citation_author.citation_id 
_citation_author.name 
_citation_author.ordinal 
_citation_author.identifier_ORCID 
primary 'Schuller, M.'         1  0000-0002-1551-0359 
primary 'Correy, G.J.'         2  0000-0001-5155-7325 
primary 'Gahbauer, S.'         3  0000-0002-3115-9757 
primary 'Fearon, D.'           4  0000-0003-3529-7863 
primary 'Wu, T.'               5  0000-0001-6988-1414 
primary 'Diaz, R.E.'           6  0000-0002-1172-9919 
primary 'Young, I.D.'          7  0000-0003-4713-9504 
primary 'Carvalho Martins, L.' 8  0000-0002-7747-6782 
primary 'Smith, D.H.'          9  0000-0002-5136-4491 
primary 'Schulze-Gahmen, U.'   10 0000-0003-3919-4474 
primary 'Owens, T.W.'          11 0000-0001-7423-4879 
primary 'Deshpande, I.'        12 0000-0002-8276-9635 
primary 'Merz, G.E.'           13 0000-0003-0842-4935 
primary 'Thwin, A.C.'          14 0000-0002-1423-8189 
primary 'Biel, J.T.'           15 0000-0002-0935-8362 
primary 'Peters, J.K.'         16 0000-0003-3541-7431 
primary 'Moritz, M.'           17 0000-0003-3811-5623 
primary 'Herrera, N.'          18 0000-0003-4157-9429 
primary 'Kratochvil, H.T.'     19 0000-0001-8039-6823 
primary 'Aimon, A.'            20 0000-0002-9135-129X 
primary 'Bennett, J.M.'        21 0000-0003-1396-8400 
primary 'Brandao Neto, J.'     22 0000-0001-6015-320X 
primary 'Cohen, A.E.'          23 0000-0003-2414-9427 
primary 'Dias, A.'             24 0000-0003-3609-7003 
primary 'Douangamath, A.'      25 ?                   
primary 'Dunnett, L.'          26 0000-0001-6710-6959 
primary 'Fedorov, O.'          27 0000-0002-8662-7300 
primary 'Ferla, M.P.'          28 ?                   
primary 'Fuchs, M.R.'          29 0000-0001-9784-0927 
primary 'Gorrie-Stone, T.J.'   30 0000-0002-1817-1495 
primary 'Holton, J.M.'         31 0000-0002-0596-0137 
primary 'Johnson, M.G.'        32 0000-0001-9213-0598 
primary 'Krojer, T.'           33 0000-0003-0661-0814 
primary 'Meigs, G.'            34 0000-0002-8530-661X 
primary 'Powell, A.J.'         35 0000-0002-0462-2240 
primary 'Rack, J.G.M.'         36 0000-0001-8341-6439 
primary 'Rangel, V.L.'         37 0000-0002-7580-3452 
primary 'Russi, S.'            38 ?                   
primary 'Skyner, R.E.'         39 0000-0003-3614-6661 
primary 'Smith, C.A.'          40 0000-0002-1885-1511 
primary 'Soares, A.S.'         41 0000-0002-6565-8503 
primary 'Wierman, J.L.'        42 0000-0002-5206-9662 
primary 'Zhu, K.'              43 ?                   
primary 
;O'Brien, P.
;
44 0000-0002-9966-1962 
primary 'Jura, N.'             45 0000-0001-5129-641X 
primary 'Ashworth, A.'         46 0000-0003-1446-7878 
primary 'Irwin, J.J.'          47 0000-0002-1195-6417 
primary 'Thompson, M.C.'       48 0000-0002-6099-2027 
primary 'Gestwicki, J.E.'      49 ?                   
primary 'von Delft, F.'        50 0000-0003-0378-0017 
primary 'Shoichet, B.K.'       51 0000-0002-6098-7367 
primary 'Fraser, J.S.'         52 0000-0002-5080-2859 
primary 'Ahel, I.'             53 0000-0002-9446-3756 
# 
_cell.angle_alpha                  90.000 
_cell.angle_alpha_esd              ? 
_cell.angle_beta                   98.950 
_cell.angle_beta_esd               ? 
_cell.angle_gamma                  90.000 
_cell.angle_gamma_esd              ? 
_cell.entry_id                     7KR1 
_cell.details                      ? 
_cell.formula_units_Z              ? 
_cell.length_a                     134.837 
_cell.length_a_esd                 ? 
_cell.length_b                     30.447 
_cell.length_b_esd                 ? 
_cell.length_c                     37.878 
_cell.length_c_esd                 ? 
_cell.volume                       ? 
_cell.volume_esd                   ? 
_cell.Z_PDB                        4 
_cell.reciprocal_angle_alpha       ? 
_cell.reciprocal_angle_beta        ? 
_cell.reciprocal_angle_gamma       ? 
_cell.reciprocal_angle_alpha_esd   ? 
_cell.reciprocal_angle_beta_esd    ? 
_cell.reciprocal_angle_gamma_esd   ? 
_cell.reciprocal_length_a          ? 
_cell.reciprocal_length_b          ? 
_cell.reciprocal_length_c          ? 
_cell.reciprocal_length_a_esd      ? 
_cell.reciprocal_length_b_esd      ? 
_cell.reciprocal_length_c_esd      ? 
_cell.pdbx_unique_axis             ? 
# 
_symmetry.entry_id                         7KR1 
_symmetry.cell_setting                     ? 
_symmetry.Int_Tables_number                5 
_symmetry.space_group_name_Hall            ? 
_symmetry.space_group_name_H-M             'C 1 2 1' 
_symmetry.pdbx_full_space_group_name_H-M   ? 
# 
loop_
_entity.id 
_entity.type 
_entity.src_method 
_entity.pdbx_description 
_entity.formula_weight 
_entity.pdbx_number_of_molecules 
_entity.pdbx_ec 
_entity.pdbx_mutation 
_entity.pdbx_fragment 
_entity.details 
1 polymer man 'Non-structural protein 3' 18548.027 1  '3.4.19.121, 3.4.22.-' ? 'macrodomain (UNP residues 1024-1192)' ? 
2 water   nat water                      18.015    82 ?                      ? ?                                      ? 
# 
_entity_name_com.entity_id   1 
_entity_name_com.name        'nsp3,PL2-PRO,Papain-like protease,Papain-like proteinase,PL-PRO' 
# 
_entity_poly.entity_id                      1 
_entity_poly.type                           'polypeptide(L)' 
_entity_poly.nstd_linkage                   no 
_entity_poly.nstd_monomer                   no 
_entity_poly.pdbx_seq_one_letter_code       
;SNAGEVNSFSGYLKLTDNVYIKNADIVEEAKKVKPTVVVNAANVYLKHGGGVAGALNKATNNAMQVESDDYIATNGPLKV
GGSCVLSGHNLAKHCLHVVGPNVNKGEDIQLLKSAYENFNQHEVLLAPLLSAGIFGADPIHSLRVCVDTVRTNVYLAVFD
KNLYDKLVSSFLE
;
_entity_poly.pdbx_seq_one_letter_code_can   
;SNAGEVNSFSGYLKLTDNVYIKNADIVEEAKKVKPTVVVNAANVYLKHGGGVAGALNKATNNAMQVESDDYIATNGPLKV
GGSCVLSGHNLAKHCLHVVGPNVNKGEDIQLLKSAYENFNQHEVLLAPLLSAGIFGADPIHSLRVCVDTVRTNVYLAVFD
KNLYDKLVSSFLE
;
_entity_poly.pdbx_strand_id                 A 
_entity_poly.pdbx_target_identifier         ? 
# 
loop_
_entity_poly_seq.entity_id 
_entity_poly_seq.num 
_entity_poly_seq.mon_id 
_entity_poly_seq.hetero 
1 1   SER n 
1 2   ASN n 
1 3   ALA n 
1 4   GLY n 
1 5   GLU n 
1 6   VAL n 
1 7   ASN n 
1 8   SER n 
1 9   PHE n 
1 10  SER n 
1 11  GLY n 
1 12  TYR n 
1 13  LEU n 
1 14  LYS n 
1 15  LEU n 
1 16  THR n 
1 17  ASP n 
1 18  ASN n 
1 19  VAL n 
1 20  TYR n 
1 21  ILE n 
1 22  LYS n 
1 23  ASN n 
1 24  ALA n 
1 25  ASP n 
1 26  ILE n 
1 27  VAL n 
1 28  GLU n 
1 29  GLU n 
1 30  ALA n 
1 31  LYS n 
1 32  LYS n 
1 33  VAL n 
1 34  LYS n 
1 35  PRO n 
1 36  THR n 
1 37  VAL n 
1 38  VAL n 
1 39  VAL n 
1 40  ASN n 
1 41  ALA n 
1 42  ALA n 
1 43  ASN n 
1 44  VAL n 
1 45  TYR n 
1 46  LEU n 
1 47  LYS n 
1 48  HIS n 
1 49  GLY n 
1 50  GLY n 
1 51  GLY n 
1 52  VAL n 
1 53  ALA n 
1 54  GLY n 
1 55  ALA n 
1 56  LEU n 
1 57  ASN n 
1 58  LYS n 
1 59  ALA n 
1 60  THR n 
1 61  ASN n 
1 62  ASN n 
1 63  ALA n 
1 64  MET n 
1 65  GLN n 
1 66  VAL n 
1 67  GLU n 
1 68  SER n 
1 69  ASP n 
1 70  ASP n 
1 71  TYR n 
1 72  ILE n 
1 73  ALA n 
1 74  THR n 
1 75  ASN n 
1 76  GLY n 
1 77  PRO n 
1 78  LEU n 
1 79  LYS n 
1 80  VAL n 
1 81  GLY n 
1 82  GLY n 
1 83  SER n 
1 84  CYS n 
1 85  VAL n 
1 86  LEU n 
1 87  SER n 
1 88  GLY n 
1 89  HIS n 
1 90  ASN n 
1 91  LEU n 
1 92  ALA n 
1 93  LYS n 
1 94  HIS n 
1 95  CYS n 
1 96  LEU n 
1 97  HIS n 
1 98  VAL n 
1 99  VAL n 
1 100 GLY n 
1 101 PRO n 
1 102 ASN n 
1 103 VAL n 
1 104 ASN n 
1 105 LYS n 
1 106 GLY n 
1 107 GLU n 
1 108 ASP n 
1 109 ILE n 
1 110 GLN n 
1 111 LEU n 
1 112 LEU n 
1 113 LYS n 
1 114 SER n 
1 115 ALA n 
1 116 TYR n 
1 117 GLU n 
1 118 ASN n 
1 119 PHE n 
1 120 ASN n 
1 121 GLN n 
1 122 HIS n 
1 123 GLU n 
1 124 VAL n 
1 125 LEU n 
1 126 LEU n 
1 127 ALA n 
1 128 PRO n 
1 129 LEU n 
1 130 LEU n 
1 131 SER n 
1 132 ALA n 
1 133 GLY n 
1 134 ILE n 
1 135 PHE n 
1 136 GLY n 
1 137 ALA n 
1 138 ASP n 
1 139 PRO n 
1 140 ILE n 
1 141 HIS n 
1 142 SER n 
1 143 LEU n 
1 144 ARG n 
1 145 VAL n 
1 146 CYS n 
1 147 VAL n 
1 148 ASP n 
1 149 THR n 
1 150 VAL n 
1 151 ARG n 
1 152 THR n 
1 153 ASN n 
1 154 VAL n 
1 155 TYR n 
1 156 LEU n 
1 157 ALA n 
1 158 VAL n 
1 159 PHE n 
1 160 ASP n 
1 161 LYS n 
1 162 ASN n 
1 163 LEU n 
1 164 TYR n 
1 165 ASP n 
1 166 LYS n 
1 167 LEU n 
1 168 VAL n 
1 169 SER n 
1 170 SER n 
1 171 PHE n 
1 172 LEU n 
1 173 GLU n 
# 
_entity_src_gen.entity_id                          1 
_entity_src_gen.pdbx_src_id                        1 
_entity_src_gen.pdbx_alt_source_flag               sample 
_entity_src_gen.pdbx_seq_type                      'Biological sequence' 
_entity_src_gen.pdbx_beg_seq_num                   1 
_entity_src_gen.pdbx_end_seq_num                   173 
_entity_src_gen.gene_src_common_name               2019-nCoV 
_entity_src_gen.gene_src_genus                     ? 
_entity_src_gen.pdbx_gene_src_gene                 ? 
_entity_src_gen.gene_src_species                   ? 
_entity_src_gen.gene_src_strain                    ? 
_entity_src_gen.gene_src_tissue                    ? 
_entity_src_gen.gene_src_tissue_fraction           ? 
_entity_src_gen.gene_src_details                   ? 
_entity_src_gen.pdbx_gene_src_fragment             ? 
_entity_src_gen.pdbx_gene_src_scientific_name      'Severe acute respiratory syndrome coronavirus 2' 
_entity_src_gen.pdbx_gene_src_ncbi_taxonomy_id     2697049 
_entity_src_gen.pdbx_gene_src_variant              ? 
_entity_src_gen.pdbx_gene_src_cell_line            ? 
_entity_src_gen.pdbx_gene_src_atcc                 ? 
_entity_src_gen.pdbx_gene_src_organ                ? 
_entity_src_gen.pdbx_gene_src_organelle            ? 
_entity_src_gen.pdbx_gene_src_cell                 ? 
_entity_src_gen.pdbx_gene_src_cellular_location    ? 
_entity_src_gen.host_org_common_name               ? 
_entity_src_gen.pdbx_host_org_scientific_name      'Escherichia coli BL21(DE3)' 
_entity_src_gen.pdbx_host_org_ncbi_taxonomy_id     469008 
_entity_src_gen.host_org_genus                     ? 
_entity_src_gen.pdbx_host_org_gene                 ? 
_entity_src_gen.pdbx_host_org_organ                ? 
_entity_src_gen.host_org_species                   ? 
_entity_src_gen.pdbx_host_org_tissue               ? 
_entity_src_gen.pdbx_host_org_tissue_fraction      ? 
_entity_src_gen.pdbx_host_org_strain               ? 
_entity_src_gen.pdbx_host_org_variant              ? 
_entity_src_gen.pdbx_host_org_cell_line            ? 
_entity_src_gen.pdbx_host_org_atcc                 ? 
_entity_src_gen.pdbx_host_org_culture_collection   ? 
_entity_src_gen.pdbx_host_org_cell                 ? 
_entity_src_gen.pdbx_host_org_organelle            ? 
_entity_src_gen.pdbx_host_org_cellular_location    ? 
_entity_src_gen.pdbx_host_org_vector_type          ? 
_entity_src_gen.pdbx_host_org_vector               ? 
_entity_src_gen.host_org_details                   ? 
_entity_src_gen.expression_system_id               ? 
_entity_src_gen.plasmid_name                       ? 
_entity_src_gen.plasmid_details                    ? 
_entity_src_gen.pdbx_description                   ? 
# 
_struct_ref.id                         1 
_struct_ref.db_name                    UNP 
_struct_ref.db_code                    R1AB_SARS2 
_struct_ref.pdbx_db_accession          P0DTD1 
_struct_ref.pdbx_db_isoform            ? 
_struct_ref.entity_id                  1 
_struct_ref.pdbx_seq_one_letter_code   
;EVNSFSGYLKLTDNVYIKNADIVEEAKKVKPTVVVNAANVYLKHGGGVAGALNKATNNAMQVESDDYIATNGPLKVGGSC
VLSGHNLAKHCLHVVGPNVNKGEDIQLLKSAYENFNQHEVLLAPLLSAGIFGADPIHSLRVCVDTVRTNVYLAVFDKNLY
DKLVSSFLE
;
_struct_ref.pdbx_align_begin           1024 
# 
_struct_ref_seq.align_id                      1 
_struct_ref_seq.ref_id                        1 
_struct_ref_seq.pdbx_PDB_id_code              7KR1 
_struct_ref_seq.pdbx_strand_id                A 
_struct_ref_seq.seq_align_beg                 5 
_struct_ref_seq.pdbx_seq_align_beg_ins_code   ? 
_struct_ref_seq.seq_align_end                 173 
_struct_ref_seq.pdbx_seq_align_end_ins_code   ? 
_struct_ref_seq.pdbx_db_accession             P0DTD1 
_struct_ref_seq.db_align_beg                  1024 
_struct_ref_seq.pdbx_db_align_beg_ins_code    ? 
_struct_ref_seq.db_align_end                  1192 
_struct_ref_seq.pdbx_db_align_end_ins_code    ? 
_struct_ref_seq.pdbx_auth_seq_align_beg       2 
_struct_ref_seq.pdbx_auth_seq_align_end       170 
# 
loop_
_struct_ref_seq_dif.align_id 
_struct_ref_seq_dif.pdbx_pdb_id_code 
_struct_ref_seq_dif.mon_id 
_struct_ref_seq_dif.pdbx_pdb_strand_id 
_struct_ref_seq_dif.seq_num 
_struct_ref_seq_dif.pdbx_pdb_ins_code 
_struct_ref_seq_dif.pdbx_seq_db_name 
_struct_ref_seq_dif.pdbx_seq_db_accession_code 
_struct_ref_seq_dif.db_mon_id 
_struct_ref_seq_dif.pdbx_seq_db_seq_num 
_struct_ref_seq_dif.details 
_struct_ref_seq_dif.pdbx_auth_seq_num 
_struct_ref_seq_dif.pdbx_ordinal 
1 7KR1 SER A 1 ? UNP P0DTD1 ? ? 'expression tag' -2 1 
1 7KR1 ASN A 2 ? UNP P0DTD1 ? ? 'expression tag' -1 2 
1 7KR1 ALA A 3 ? UNP P0DTD1 ? ? 'expression tag' 0  3 
1 7KR1 GLY A 4 ? UNP P0DTD1 ? ? 'expression tag' 1  4 
# 
loop_
_chem_comp.id 
_chem_comp.type 
_chem_comp.mon_nstd_flag 
_chem_comp.name 
_chem_comp.pdbx_synonyms 
_chem_comp.formula 
_chem_comp.formula_weight 
ALA 'L-peptide linking' y ALANINE         ? 'C3 H7 N O2'     89.093  
ARG 'L-peptide linking' y ARGININE        ? 'C6 H15 N4 O2 1' 175.209 
ASN 'L-peptide linking' y ASPARAGINE      ? 'C4 H8 N2 O3'    132.118 
ASP 'L-peptide linking' y 'ASPARTIC ACID' ? 'C4 H7 N O4'     133.103 
CYS 'L-peptide linking' y CYSTEINE        ? 'C3 H7 N O2 S'   121.158 
GLN 'L-peptide linking' y GLUTAMINE       ? 'C5 H10 N2 O3'   146.144 
GLU 'L-peptide linking' y 'GLUTAMIC ACID' ? 'C5 H9 N O4'     147.129 
GLY 'peptide linking'   y GLYCINE         ? 'C2 H5 N O2'     75.067  
HIS 'L-peptide linking' y HISTIDINE       ? 'C6 H10 N3 O2 1' 156.162 
HOH non-polymer         . WATER           ? 'H2 O'           18.015  
ILE 'L-peptide linking' y ISOLEUCINE      ? 'C6 H13 N O2'    131.173 
LEU 'L-peptide linking' y LEUCINE         ? 'C6 H13 N O2'    131.173 
LYS 'L-peptide linking' y LYSINE          ? 'C6 H15 N2 O2 1' 147.195 
MET 'L-peptide linking' y METHIONINE      ? 'C5 H11 N O2 S'  149.211 
PHE 'L-peptide linking' y PHENYLALANINE   ? 'C9 H11 N O2'    165.189 
PRO 'L-peptide linking' y PROLINE         ? 'C5 H9 N O2'     115.130 
SER 'L-peptide linking' y SERINE          ? 'C3 H7 N O3'     105.093 
THR 'L-peptide linking' y THREONINE       ? 'C4 H9 N O3'     119.119 
TYR 'L-peptide linking' y TYROSINE        ? 'C9 H11 N O3'    181.189 
VAL 'L-peptide linking' y VALINE          ? 'C5 H11 N O2'    117.146 
# 
_exptl.absorpt_coefficient_mu     ? 
_exptl.absorpt_correction_T_max   ? 
_exptl.absorpt_correction_T_min   ? 
_exptl.absorpt_correction_type    ? 
_exptl.absorpt_process_details    ? 
_exptl.entry_id                   7KR1 
_exptl.crystals_number            1 
_exptl.details                    ? 
_exptl.method                     'X-RAY DIFFRACTION' 
_exptl.method_details             ? 
# 
_exptl_crystal.colour                      ? 
_exptl_crystal.density_diffrn              ? 
_exptl_crystal.density_Matthews            2.12 
_exptl_crystal.density_method              ? 
_exptl_crystal.density_percent_sol         42.06 
_exptl_crystal.description                 ? 
_exptl_crystal.F_000                       ? 
_exptl_crystal.id                          1 
_exptl_crystal.preparation                 ? 
_exptl_crystal.size_max                    ? 
_exptl_crystal.size_mid                    ? 
_exptl_crystal.size_min                    ? 
_exptl_crystal.size_rad                    ? 
_exptl_crystal.colour_lustre               ? 
_exptl_crystal.colour_modifier             ? 
_exptl_crystal.colour_primary              ? 
_exptl_crystal.density_meas                ? 
_exptl_crystal.density_meas_esd            ? 
_exptl_crystal.density_meas_gt             ? 
_exptl_crystal.density_meas_lt             ? 
_exptl_crystal.density_meas_temp           ? 
_exptl_crystal.density_meas_temp_esd       ? 
_exptl_crystal.density_meas_temp_gt        ? 
_exptl_crystal.density_meas_temp_lt        ? 
_exptl_crystal.pdbx_crystal_image_url      ? 
_exptl_crystal.pdbx_crystal_image_format   ? 
_exptl_crystal.pdbx_mosaicity              ? 
_exptl_crystal.pdbx_mosaicity_esd          ? 
# 
_exptl_crystal_grow.apparatus       ? 
_exptl_crystal_grow.atmosphere      ? 
_exptl_crystal_grow.crystal_id      1 
_exptl_crystal_grow.details         ? 
_exptl_crystal_grow.method          'VAPOR DIFFUSION, SITTING DROP' 
_exptl_crystal_grow.method_ref      ? 
_exptl_crystal_grow.pH              8.5 
_exptl_crystal_grow.pressure        ? 
_exptl_crystal_grow.pressure_esd    ? 
_exptl_crystal_grow.seeding         ? 
_exptl_crystal_grow.seeding_ref     ? 
_exptl_crystal_grow.temp            293 
_exptl_crystal_grow.temp_details    ? 
_exptl_crystal_grow.temp_esd        ? 
_exptl_crystal_grow.time            ? 
_exptl_crystal_grow.pdbx_details    '100 mM Tris, pH 8.5, 100 mM sodium acetate, 28% PEG4000' 
_exptl_crystal_grow.pdbx_pH_range   ? 
# 
_diffrn.ambient_environment              ? 
_diffrn.ambient_temp                     310 
_diffrn.ambient_temp_details             ? 
_diffrn.ambient_temp_esd                 ? 
_diffrn.crystal_id                       1 
_diffrn.crystal_support                  ? 
_diffrn.crystal_treatment                ? 
_diffrn.details                          ? 
_diffrn.id                               1 
_diffrn.ambient_pressure                 ? 
_diffrn.ambient_pressure_esd             ? 
_diffrn.ambient_pressure_gt              ? 
_diffrn.ambient_pressure_lt              ? 
_diffrn.ambient_temp_gt                  ? 
_diffrn.ambient_temp_lt                  ? 
_diffrn.pdbx_serial_crystal_experiment   N 
# 
_diffrn_detector.details                      ? 
_diffrn_detector.detector                     PIXEL 
_diffrn_detector.diffrn_id                    1 
_diffrn_detector.type                         'DECTRIS PILATUS3 S 6M' 
_diffrn_detector.area_resol_mean              ? 
_diffrn_detector.dtime                        ? 
_diffrn_detector.pdbx_frames_total            ? 
_diffrn_detector.pdbx_collection_time_total   ? 
_diffrn_detector.pdbx_collection_date         2020-06-19 
_diffrn_detector.pdbx_frequency               ? 
# 
_diffrn_radiation.collimation                      ? 
_diffrn_radiation.diffrn_id                        1 
_diffrn_radiation.filter_edge                      ? 
_diffrn_radiation.inhomogeneity                    ? 
_diffrn_radiation.monochromator                    ? 
_diffrn_radiation.polarisn_norm                    ? 
_diffrn_radiation.polarisn_ratio                   ? 
_diffrn_radiation.probe                            ? 
_diffrn_radiation.type                             ? 
_diffrn_radiation.xray_symbol                      ? 
_diffrn_radiation.wavelength_id                    1 
_diffrn_radiation.pdbx_monochromatic_or_laue_m_l   M 
_diffrn_radiation.pdbx_wavelength_list             ? 
_diffrn_radiation.pdbx_wavelength                  ? 
_diffrn_radiation.pdbx_diffrn_protocol             'SINGLE WAVELENGTH' 
_diffrn_radiation.pdbx_analyzer                    ? 
_diffrn_radiation.pdbx_scattering_type             x-ray 
# 
_diffrn_radiation_wavelength.id           1 
_diffrn_radiation_wavelength.wavelength   1.03314 
_diffrn_radiation_wavelength.wt           1.0 
# 
_diffrn_source.current                     ? 
_diffrn_source.details                     ? 
_diffrn_source.diffrn_id                   1 
_diffrn_source.power                       ? 
_diffrn_source.size                        ? 
_diffrn_source.source                      SYNCHROTRON 
_diffrn_source.target                      ? 
_diffrn_source.type                        'ALS BEAMLINE 8.3.1' 
_diffrn_source.voltage                     ? 
_diffrn_source.take-off_angle              ? 
_diffrn_source.pdbx_wavelength_list        1.03314 
_diffrn_source.pdbx_wavelength             ? 
_diffrn_source.pdbx_synchrotron_beamline   8.3.1 
_diffrn_source.pdbx_synchrotron_site       ALS 
# 
_reflns.B_iso_Wilson_estimate            ? 
_reflns.entry_id                         7KR1 
_reflns.data_reduction_details           ? 
_reflns.data_reduction_method            ? 
_reflns.d_resolution_high                1.55 
_reflns.d_resolution_low                 66.6 
_reflns.details                          ? 
_reflns.limit_h_max                      ? 
_reflns.limit_h_min                      ? 
_reflns.limit_k_max                      ? 
_reflns.limit_k_min                      ? 
_reflns.limit_l_max                      ? 
_reflns.limit_l_min                      ? 
_reflns.number_all                       ? 
_reflns.number_obs                       22439 
_reflns.observed_criterion               ? 
_reflns.observed_criterion_F_max         ? 
_reflns.observed_criterion_F_min         ? 
_reflns.observed_criterion_I_max         ? 
_reflns.observed_criterion_I_min         ? 
_reflns.observed_criterion_sigma_F       ? 
_reflns.observed_criterion_sigma_I       ? 
_reflns.percent_possible_obs             99.99 
_reflns.R_free_details                   ? 
_reflns.Rmerge_F_all                     ? 
_reflns.Rmerge_F_obs                     ? 
_reflns.Friedel_coverage                 ? 
_reflns.number_gt                        ? 
_reflns.threshold_expression             ? 
_reflns.pdbx_redundancy                  19.6 
_reflns.pdbx_Rmerge_I_obs                0.1932 
_reflns.pdbx_Rmerge_I_all                ? 
_reflns.pdbx_Rsym_value                  ? 
_reflns.pdbx_netI_over_av_sigmaI         ? 
_reflns.pdbx_netI_over_sigmaI            9.07 
_reflns.pdbx_res_netI_over_av_sigmaI_2   ? 
_reflns.pdbx_res_netI_over_sigmaI_2      ? 
_reflns.pdbx_chi_squared                 ? 
_reflns.pdbx_scaling_rejects             ? 
_reflns.pdbx_d_res_high_opt              ? 
_reflns.pdbx_d_res_low_opt               ? 
_reflns.pdbx_d_res_opt_method            ? 
_reflns.phase_calculation_details        ? 
_reflns.pdbx_Rrim_I_all                  ? 
_reflns.pdbx_Rpim_I_all                  0.04451 
_reflns.pdbx_d_opt                       ? 
_reflns.pdbx_number_measured_all         ? 
_reflns.pdbx_diffrn_id                   1 
_reflns.pdbx_ordinal                     1 
_reflns.pdbx_CC_half                     0.999 
_reflns.pdbx_CC_star                     ? 
_reflns.pdbx_R_split                     ? 
# 
_reflns_shell.d_res_high                  1.55 
_reflns_shell.d_res_low                   1.605 
_reflns_shell.meanI_over_sigI_all         ? 
_reflns_shell.meanI_over_sigI_obs         0.51 
_reflns_shell.number_measured_all         ? 
_reflns_shell.number_measured_obs         ? 
_reflns_shell.number_possible             ? 
_reflns_shell.number_unique_all           ? 
_reflns_shell.number_unique_obs           2242 
_reflns_shell.percent_possible_all        99.96 
_reflns_shell.percent_possible_obs        ? 
_reflns_shell.Rmerge_F_all                ? 
_reflns_shell.Rmerge_F_obs                ? 
_reflns_shell.Rmerge_I_all                ? 
_reflns_shell.Rmerge_I_obs                3.87 
_reflns_shell.meanI_over_sigI_gt          ? 
_reflns_shell.meanI_over_uI_all           ? 
_reflns_shell.meanI_over_uI_gt            ? 
_reflns_shell.number_measured_gt          ? 
_reflns_shell.number_unique_gt            ? 
_reflns_shell.percent_possible_gt         ? 
_reflns_shell.Rmerge_F_gt                 ? 
_reflns_shell.Rmerge_I_gt                 ? 
_reflns_shell.pdbx_redundancy             19.9 
_reflns_shell.pdbx_Rsym_value             ? 
_reflns_shell.pdbx_chi_squared            ? 
_reflns_shell.pdbx_netI_over_sigmaI_all   ? 
_reflns_shell.pdbx_netI_over_sigmaI_obs   ? 
_reflns_shell.pdbx_Rrim_I_all             ? 
_reflns_shell.pdbx_Rpim_I_all             0.8803 
_reflns_shell.pdbx_rejects                ? 
_reflns_shell.pdbx_ordinal                1 
_reflns_shell.pdbx_diffrn_id              1 
_reflns_shell.pdbx_CC_half                0.399 
_reflns_shell.pdbx_CC_star                ? 
_reflns_shell.pdbx_R_split                ? 
# 
_refine.aniso_B[1][1]                            ? 
_refine.aniso_B[1][2]                            ? 
_refine.aniso_B[1][3]                            ? 
_refine.aniso_B[2][2]                            ? 
_refine.aniso_B[2][3]                            ? 
_refine.aniso_B[3][3]                            ? 
_refine.B_iso_max                                92.140 
_refine.B_iso_mean                               30.2616 
_refine.B_iso_min                                14.480 
_refine.correlation_coeff_Fo_to_Fc               ? 
_refine.correlation_coeff_Fo_to_Fc_free          ? 
_refine.details                                  ? 
_refine.diff_density_max                         ? 
_refine.diff_density_max_esd                     ? 
_refine.diff_density_min                         ? 
_refine.diff_density_min_esd                     ? 
_refine.diff_density_rms                         ? 
_refine.diff_density_rms_esd                     ? 
_refine.entry_id                                 7KR1 
_refine.pdbx_refine_id                           'X-RAY DIFFRACTION' 
_refine.ls_abs_structure_details                 ? 
_refine.ls_abs_structure_Flack                   ? 
_refine.ls_abs_structure_Flack_esd               ? 
_refine.ls_abs_structure_Rogers                  ? 
_refine.ls_abs_structure_Rogers_esd              ? 
_refine.ls_d_res_high                            1.5500 
_refine.ls_d_res_low                             66.6000 
_refine.ls_extinction_coef                       ? 
_refine.ls_extinction_coef_esd                   ? 
_refine.ls_extinction_expression                 ? 
_refine.ls_extinction_method                     ? 
_refine.ls_goodness_of_fit_all                   ? 
_refine.ls_goodness_of_fit_all_esd               ? 
_refine.ls_goodness_of_fit_obs                   ? 
_refine.ls_goodness_of_fit_obs_esd               ? 
_refine.ls_hydrogen_treatment                    ? 
_refine.ls_matrix_type                           ? 
_refine.ls_number_constraints                    ? 
_refine.ls_number_parameters                     ? 
_refine.ls_number_reflns_all                     ? 
_refine.ls_number_reflns_obs                     22436 
_refine.ls_number_reflns_R_free                  1035 
_refine.ls_number_reflns_R_work                  21401 
_refine.ls_number_restraints                     ? 
_refine.ls_percent_reflns_obs                    99.9900 
_refine.ls_percent_reflns_R_free                 4.6100 
_refine.ls_R_factor_all                          ? 
_refine.ls_R_factor_obs                          0.1816 
_refine.ls_R_factor_R_free                       0.2214 
_refine.ls_R_factor_R_free_error                 ? 
_refine.ls_R_factor_R_free_error_details         ? 
_refine.ls_R_factor_R_work                       0.1797 
_refine.ls_R_Fsqd_factor_obs                     ? 
_refine.ls_R_I_factor_obs                        ? 
_refine.ls_redundancy_reflns_all                 ? 
_refine.ls_redundancy_reflns_obs                 ? 
_refine.ls_restrained_S_all                      ? 
_refine.ls_restrained_S_obs                      ? 
_refine.ls_shift_over_esd_max                    ? 
_refine.ls_shift_over_esd_mean                   ? 
_refine.ls_structure_factor_coef                 ? 
_refine.ls_weighting_details                     ? 
_refine.ls_weighting_scheme                      ? 
_refine.ls_wR_factor_all                         ? 
_refine.ls_wR_factor_obs                         ? 
_refine.ls_wR_factor_R_free                      ? 
_refine.ls_wR_factor_R_work                      ? 
_refine.occupancy_max                            ? 
_refine.occupancy_min                            ? 
_refine.solvent_model_details                    'FLAT BULK SOLVENT MODEL' 
_refine.solvent_model_param_bsol                 ? 
_refine.solvent_model_param_ksol                 ? 
_refine.pdbx_R_complete                          ? 
_refine.ls_R_factor_gt                           ? 
_refine.ls_goodness_of_fit_gt                    ? 
_refine.ls_goodness_of_fit_ref                   ? 
_refine.ls_shift_over_su_max                     ? 
_refine.ls_shift_over_su_max_lt                  ? 
_refine.ls_shift_over_su_mean                    ? 
_refine.ls_shift_over_su_mean_lt                 ? 
_refine.pdbx_ls_sigma_I                          ? 
_refine.pdbx_ls_sigma_F                          1.340 
_refine.pdbx_ls_sigma_Fsqd                       ? 
_refine.pdbx_data_cutoff_high_absF               ? 
_refine.pdbx_data_cutoff_high_rms_absF           ? 
_refine.pdbx_data_cutoff_low_absF                ? 
_refine.pdbx_isotropic_thermal_model             ? 
_refine.pdbx_ls_cross_valid_method               THROUGHOUT 
_refine.pdbx_method_to_determine_struct          'MOLECULAR REPLACEMENT' 
_refine.pdbx_starting_model                      'PDB entry 7KR0' 
_refine.pdbx_stereochemistry_target_values       ML 
_refine.pdbx_R_Free_selection_details            ? 
_refine.pdbx_stereochem_target_val_spec_case     ? 
_refine.pdbx_overall_ESU_R                       ? 
_refine.pdbx_overall_ESU_R_Free                  ? 
_refine.pdbx_solvent_vdw_probe_radii             1.1100 
_refine.pdbx_solvent_ion_probe_radii             ? 
_refine.pdbx_solvent_shrinkage_radii             0.9000 
_refine.pdbx_real_space_R                        ? 
_refine.pdbx_density_correlation                 ? 
_refine.pdbx_pd_number_of_powder_patterns        ? 
_refine.pdbx_pd_number_of_points                 ? 
_refine.pdbx_pd_meas_number_of_points            ? 
_refine.pdbx_pd_proc_ls_prof_R_factor            ? 
_refine.pdbx_pd_proc_ls_prof_wR_factor           ? 
_refine.pdbx_pd_Marquardt_correlation_coeff      ? 
_refine.pdbx_pd_Fsqrd_R_factor                   ? 
_refine.pdbx_pd_ls_matrix_band_width             ? 
_refine.pdbx_overall_phase_error                 24.8100 
_refine.pdbx_overall_SU_R_free_Cruickshank_DPI   ? 
_refine.pdbx_overall_SU_R_free_Blow_DPI          ? 
_refine.pdbx_overall_SU_R_Blow_DPI               ? 
_refine.pdbx_TLS_residual_ADP_flag               ? 
_refine.pdbx_diffrn_id                           1 
_refine.overall_SU_B                             ? 
_refine.overall_SU_ML                            0.2200 
_refine.overall_SU_R_Cruickshank_DPI             ? 
_refine.overall_SU_R_free                        ? 
_refine.overall_FOM_free_R_set                   ? 
_refine.overall_FOM_work_R_set                   ? 
_refine.pdbx_average_fsc_overall                 ? 
_refine.pdbx_average_fsc_work                    ? 
_refine.pdbx_average_fsc_free                    ? 
# 
_refine_hist.pdbx_refine_id                   'X-RAY DIFFRACTION' 
_refine_hist.cycle_id                         final 
_refine_hist.details                          ? 
_refine_hist.d_res_high                       1.5500 
_refine_hist.d_res_low                        66.6000 
_refine_hist.number_atoms_solvent             82 
_refine_hist.number_atoms_total               1354 
_refine_hist.number_reflns_all                ? 
_refine_hist.number_reflns_obs                ? 
_refine_hist.number_reflns_R_free             ? 
_refine_hist.number_reflns_R_work             ? 
_refine_hist.R_factor_all                     ? 
_refine_hist.R_factor_obs                     ? 
_refine_hist.R_factor_R_free                  ? 
_refine_hist.R_factor_R_work                  ? 
_refine_hist.pdbx_number_residues_total       168 
_refine_hist.pdbx_B_iso_mean_ligand           ? 
_refine_hist.pdbx_B_iso_mean_solvent          44.49 
_refine_hist.pdbx_number_atoms_protein        1272 
_refine_hist.pdbx_number_atoms_nucleic_acid   0 
_refine_hist.pdbx_number_atoms_ligand         0 
_refine_hist.pdbx_number_atoms_lipid          ? 
_refine_hist.pdbx_number_atoms_carb           ? 
_refine_hist.pdbx_pseudo_atom_details         ? 
# 
loop_
_refine_ls_shell.pdbx_refine_id 
_refine_ls_shell.d_res_high 
_refine_ls_shell.d_res_low 
_refine_ls_shell.number_reflns_all 
_refine_ls_shell.number_reflns_obs 
_refine_ls_shell.number_reflns_R_free 
_refine_ls_shell.number_reflns_R_work 
_refine_ls_shell.percent_reflns_obs 
_refine_ls_shell.percent_reflns_R_free 
_refine_ls_shell.R_factor_all 
_refine_ls_shell.R_factor_obs 
_refine_ls_shell.R_factor_R_free 
_refine_ls_shell.R_factor_R_free_error 
_refine_ls_shell.R_factor_R_work 
_refine_ls_shell.redundancy_reflns_all 
_refine_ls_shell.redundancy_reflns_obs 
_refine_ls_shell.wR_factor_all 
_refine_ls_shell.wR_factor_obs 
_refine_ls_shell.wR_factor_R_free 
_refine_ls_shell.wR_factor_R_work 
_refine_ls_shell.pdbx_R_complete 
_refine_ls_shell.pdbx_total_number_of_bins_used 
_refine_ls_shell.pdbx_phase_error 
_refine_ls_shell.pdbx_fsc_work 
_refine_ls_shell.pdbx_fsc_free 
'X-RAY DIFFRACTION' 1.5500 1.6300  3168 . 146 3022 100.0000 . . . 0.3573 0.0000 0.3165 . . . . . . . 7 . . . 
'X-RAY DIFFRACTION' 1.6300 1.7300  3188 . 150 3038 100.0000 . . . 0.3012 0.0000 0.2683 . . . . . . . 7 . . . 
'X-RAY DIFFRACTION' 1.7300 1.8700  3172 . 147 3025 100.0000 . . . 0.2665 0.0000 0.2399 . . . . . . . 7 . . . 
'X-RAY DIFFRACTION' 1.8700 2.0600  3176 . 115 3061 100.0000 . . . 0.2437 0.0000 0.1916 . . . . . . . 7 . . . 
'X-RAY DIFFRACTION' 2.0600 2.3500  3207 . 146 3061 100.0000 . . . 0.2186 0.0000 0.1782 . . . . . . . 7 . . . 
'X-RAY DIFFRACTION' 2.3500 2.9600  3208 . 193 3015 100.0000 . . . 0.2465 0.0000 0.1915 . . . . . . . 7 . . . 
'X-RAY DIFFRACTION' 2.9700 66.6000 3317 . 138 3179 100.0000 . . . 0.1759 0.0000 0.1451 . . . . . . . 7 . . . 
# 
_struct.entry_id                     7KR1 
_struct.title                        'Crystal structure of SARS-CoV-2 NSP3 macrodomain (C2 crystal form, 310 K)' 
_struct.pdbx_model_details           ? 
_struct.pdbx_formula_weight          ? 
_struct.pdbx_formula_weight_method   ? 
_struct.pdbx_model_type_details      ? 
_struct.pdbx_CASP_flag               N 
# 
_struct_keywords.entry_id        7KR1 
_struct_keywords.text            'Macrodomain, ADP-ribose, SARS-CoV-2, VIRAL PROTEIN' 
_struct_keywords.pdbx_keywords   'VIRAL PROTEIN' 
# 
loop_
_struct_asym.id 
_struct_asym.pdbx_blank_PDB_chainid_flag 
_struct_asym.pdbx_modified 
_struct_asym.entity_id 
_struct_asym.details 
A N N 1 ? 
B N N 2 ? 
# 
loop_
_struct_conf.conf_type_id 
_struct_conf.id 
_struct_conf.pdbx_PDB_helix_id 
_struct_conf.beg_label_comp_id 
_struct_conf.beg_label_asym_id 
_struct_conf.beg_label_seq_id 
_struct_conf.pdbx_beg_PDB_ins_code 
_struct_conf.end_label_comp_id 
_struct_conf.end_label_asym_id 
_struct_conf.end_label_seq_id 
_struct_conf.pdbx_end_PDB_ins_code 
_struct_conf.beg_auth_comp_id 
_struct_conf.beg_auth_asym_id 
_struct_conf.beg_auth_seq_id 
_struct_conf.end_auth_comp_id 
_struct_conf.end_auth_asym_id 
_struct_conf.end_auth_seq_id 
_struct_conf.pdbx_PDB_helix_class 
_struct_conf.details 
_struct_conf.pdbx_PDB_helix_length 
HELX_P HELX_P1 AA1 ASP A 25  ? LYS A 34  ? ASP A 22  LYS A 31  1 ? 10 
HELX_P HELX_P2 AA2 GLY A 50  ? THR A 60  ? GLY A 47  THR A 57  1 ? 11 
HELX_P HELX_P3 AA3 ASN A 62  ? GLY A 76  ? ASN A 59  GLY A 73  1 ? 15 
HELX_P HELX_P4 AA4 ASN A 102 ? GLY A 106 ? ASN A 99  GLY A 103 5 ? 5  
HELX_P HELX_P5 AA5 GLN A 110 ? TYR A 116 ? GLN A 107 TYR A 113 1 ? 7  
HELX_P HELX_P6 AA6 GLU A 117 ? HIS A 122 ? GLU A 114 HIS A 119 5 ? 6  
HELX_P HELX_P7 AA7 ALA A 132 ? GLY A 136 ? ALA A 129 GLY A 133 5 ? 5  
HELX_P HELX_P8 AA8 ASP A 138 ? VAL A 150 ? ASP A 135 VAL A 147 1 ? 13 
HELX_P HELX_P9 AA9 ASP A 160 ? GLU A 173 ? ASP A 157 GLU A 170 1 ? 14 
# 
_struct_conf_type.id          HELX_P 
_struct_conf_type.criteria    ? 
_struct_conf_type.reference   ? 
# 
loop_
_struct_sheet.id 
_struct_sheet.type 
_struct_sheet.number_strands 
_struct_sheet.details 
AA1 ? 4 ? 
AA2 ? 3 ? 
# 
loop_
_struct_sheet_order.sheet_id 
_struct_sheet_order.range_id_1 
_struct_sheet_order.range_id_2 
_struct_sheet_order.offset 
_struct_sheet_order.sense 
AA1 1 2 ? anti-parallel 
AA1 2 3 ? parallel      
AA1 3 4 ? parallel      
AA2 1 2 ? parallel      
AA2 2 3 ? anti-parallel 
# 
loop_
_struct_sheet_range.sheet_id 
_struct_sheet_range.id 
_struct_sheet_range.beg_label_comp_id 
_struct_sheet_range.beg_label_asym_id 
_struct_sheet_range.beg_label_seq_id 
_struct_sheet_range.pdbx_beg_PDB_ins_code 
_struct_sheet_range.end_label_comp_id 
_struct_sheet_range.end_label_asym_id 
_struct_sheet_range.end_label_seq_id 
_struct_sheet_range.pdbx_end_PDB_ins_code 
_struct_sheet_range.beg_auth_comp_id 
_struct_sheet_range.beg_auth_asym_id 
_struct_sheet_range.beg_auth_seq_id 
_struct_sheet_range.end_auth_comp_id 
_struct_sheet_range.end_auth_asym_id 
_struct_sheet_range.end_auth_seq_id 
AA1 1 LEU A 13  ? LYS A 14  ? LEU A 10  LYS A 11  
AA1 2 VAL A 19  ? ASN A 23  ? VAL A 16  ASN A 20  
AA1 3 ASN A 153 ? VAL A 158 ? ASN A 150 VAL A 155 
AA1 4 VAL A 124 ? ALA A 127 ? VAL A 121 ALA A 124 
AA2 1 VAL A 37  ? ALA A 41  ? VAL A 34  ALA A 38  
AA2 2 HIS A 94  ? VAL A 98  ? HIS A 91  VAL A 95  
AA2 3 SER A 83  ? SER A 87  ? SER A 80  SER A 84  
# 
loop_
_pdbx_struct_sheet_hbond.sheet_id 
_pdbx_struct_sheet_hbond.range_id_1 
_pdbx_struct_sheet_hbond.range_id_2 
_pdbx_struct_sheet_hbond.range_1_label_atom_id 
_pdbx_struct_sheet_hbond.range_1_label_comp_id 
_pdbx_struct_sheet_hbond.range_1_label_asym_id 
_pdbx_struct_sheet_hbond.range_1_label_seq_id 
_pdbx_struct_sheet_hbond.range_1_PDB_ins_code 
_pdbx_struct_sheet_hbond.range_1_auth_atom_id 
_pdbx_struct_sheet_hbond.range_1_auth_comp_id 
_pdbx_struct_sheet_hbond.range_1_auth_asym_id 
_pdbx_struct_sheet_hbond.range_1_auth_seq_id 
_pdbx_struct_sheet_hbond.range_2_label_atom_id 
_pdbx_struct_sheet_hbond.range_2_label_comp_id 
_pdbx_struct_sheet_hbond.range_2_label_asym_id 
_pdbx_struct_sheet_hbond.range_2_label_seq_id 
_pdbx_struct_sheet_hbond.range_2_PDB_ins_code 
_pdbx_struct_sheet_hbond.range_2_auth_atom_id 
_pdbx_struct_sheet_hbond.range_2_auth_comp_id 
_pdbx_struct_sheet_hbond.range_2_auth_asym_id 
_pdbx_struct_sheet_hbond.range_2_auth_seq_id 
AA1 1 2 N LEU A 13  ? N LEU A 10  O ILE A 21  ? O ILE A 18  
AA1 2 3 N TYR A 20  ? N TYR A 17  O LEU A 156 ? O LEU A 153 
AA1 3 4 O TYR A 155 ? O TYR A 152 N LEU A 125 ? N LEU A 122 
AA2 1 2 N ASN A 40  ? N ASN A 37  O LEU A 96  ? O LEU A 93  
AA2 2 3 O CYS A 95  ? O CYS A 92  N LEU A 86  ? N LEU A 83  
# 
_atom_sites.entry_id                    7KR1 
_atom_sites.Cartn_transf_matrix[1][1]   ? 
_atom_sites.Cartn_transf_matrix[1][2]   ? 
_atom_sites.Cartn_transf_matrix[1][3]   ? 
_atom_sites.Cartn_transf_matrix[2][1]   ? 
_atom_sites.Cartn_transf_matrix[2][2]   ? 
_atom_sites.Cartn_transf_matrix[2][3]   ? 
_atom_sites.Cartn_transf_matrix[3][1]   ? 
_atom_sites.Cartn_transf_matrix[3][2]   ? 
_atom_sites.Cartn_transf_matrix[3][3]   ? 
_atom_sites.Cartn_transf_vector[1]      ? 
_atom_sites.Cartn_transf_vector[2]      ? 
_atom_sites.Cartn_transf_vector[3]      ? 
_atom_sites.fract_transf_matrix[1][1]   -0.00108333 
_atom_sites.fract_transf_matrix[1][2]   -0.00716135 
_atom_sites.fract_transf_matrix[1][3]   -0.00197555 
_atom_sites.fract_transf_matrix[2][1]   0.02809500 
_atom_sites.fract_transf_matrix[2][2]   0.00044127 
_atom_sites.fract_transf_matrix[2][3]   -0.01700602 
_atom_sites.fract_transf_matrix[3][1]   0.01253293 
_atom_sites.fract_transf_matrix[3][2]   -0.01188160 
_atom_sites.fract_transf_matrix[3][3]   0.02039687 
_atom_sites.fract_transf_vector[1]      0.133670 
_atom_sites.fract_transf_vector[2]      0.490568 
_atom_sites.fract_transf_vector[3]      0.175621 
_atom_sites.solution_primary            ? 
_atom_sites.solution_secondary          ? 
_atom_sites.solution_hydrogens          ? 
_atom_sites.special_details             ? 
# 
loop_
_atom_type.symbol 
C 
H 
N 
O 
S 
# 
loop_
_atom_site.group_PDB 
_atom_site.id 
_atom_site.type_symbol 
_atom_site.label_atom_id 
_atom_site.label_alt_id 
_atom_site.label_comp_id 
_atom_site.label_asym_id 
_atom_site.label_entity_id 
_atom_site.label_seq_id 
_atom_site.pdbx_PDB_ins_code 
_atom_site.Cartn_x 
_atom_site.Cartn_y 
_atom_site.Cartn_z 
_atom_site.occupancy 
_atom_site.B_iso_or_equiv 
_atom_site.pdbx_formal_charge 
_atom_site.auth_seq_id 
_atom_site.auth_comp_id 
_atom_site.auth_asym_id 
_atom_site.auth_atom_id 
_atom_site.pdbx_PDB_model_num 
ATOM   1    N N   . VAL A 1 6   ? -4.615  7.391   17.840  1.00 55.91 ? 3   VAL A N   1 
ATOM   2    C CA  . VAL A 1 6   ? -4.932  6.273   16.950  1.00 56.69 ? 3   VAL A CA  1 
ATOM   3    C C   . VAL A 1 6   ? -5.572  6.769   15.654  1.00 51.51 ? 3   VAL A C   1 
ATOM   4    O O   . VAL A 1 6   ? -6.561  7.504   15.688  1.00 45.34 ? 3   VAL A O   1 
ATOM   5    C CB  . VAL A 1 6   ? -5.855  5.253   17.646  1.00 60.32 ? 3   VAL A CB  1 
ATOM   6    C CG1 . VAL A 1 6   ? -6.533  4.346   16.622  1.00 49.40 ? 3   VAL A CG1 1 
ATOM   7    C CG2 . VAL A 1 6   ? -5.066  4.431   18.646  1.00 61.17 ? 3   VAL A CG2 1 
ATOM   8    N N   . ASN A 1 7   ? -5.010  6.352   14.513  1.00 42.51 ? 4   ASN A N   1 
ATOM   9    C CA  . ASN A 1 7   ? -5.526  6.741   13.198  1.00 35.01 ? 4   ASN A CA  1 
ATOM   10   C C   . ASN A 1 7   ? -5.572  8.271   13.049  1.00 37.63 ? 4   ASN A C   1 
ATOM   11   O O   . ASN A 1 7   ? -6.515  8.827   12.482  1.00 36.40 ? 4   ASN A O   1 
ATOM   12   C CB  . ASN A 1 7   ? -6.918  6.131   12.947  1.00 36.34 ? 4   ASN A CB  1 
ATOM   13   C CG  . ASN A 1 7   ? -6.877  4.653   12.496  1.00 44.58 ? 4   ASN A CG  1 
ATOM   14   O OD1 . ASN A 1 7   ? -5.962  4.210   11.805  1.00 38.17 ? 4   ASN A OD1 1 
ATOM   15   N ND2 . ASN A 1 7   ? -7.886  3.888   12.910  1.00 42.94 ? 4   ASN A ND2 1 
ATOM   16   N N   A SER A 1 8   ? -4.542  8.961   13.553  0.34 37.80 ? 5   SER A N   1 
ATOM   17   N N   B SER A 1 8   ? -4.544  8.951   13.568  0.66 37.77 ? 5   SER A N   1 
ATOM   18   C CA  A SER A 1 8   ? -4.508  10.429  13.529  0.34 37.98 ? 5   SER A CA  1 
ATOM   19   C CA  B SER A 1 8   ? -4.474  10.415  13.529  0.66 37.99 ? 5   SER A CA  1 
ATOM   20   C C   A SER A 1 8   ? -3.810  10.898  12.255  0.34 34.97 ? 5   SER A C   1 
ATOM   21   C C   B SER A 1 8   ? -3.780  10.840  12.239  0.66 34.97 ? 5   SER A C   1 
ATOM   22   O O   A SER A 1 8   ? -2.657  11.336  12.257  0.34 37.97 ? 5   SER A O   1 
ATOM   23   O O   B SER A 1 8   ? -2.595  11.179  12.213  0.66 38.16 ? 5   SER A O   1 
ATOM   24   C CB  A SER A 1 8   ? -3.817  10.979  14.772  0.34 41.29 ? 5   SER A CB  1 
ATOM   25   C CB  B SER A 1 8   ? -3.740  10.953  14.752  0.66 41.26 ? 5   SER A CB  1 
ATOM   26   O OG  A SER A 1 8   ? -2.409  10.983  14.615  0.34 40.53 ? 5   SER A OG  1 
ATOM   27   O OG  B SER A 1 8   ? -4.299  10.446  15.953  0.66 56.07 ? 5   SER A OG  1 
ATOM   28   N N   . PHE A 1 9   ? -4.541  10.812  11.147  1.00 30.88 ? 6   PHE A N   1 
ATOM   29   C CA  . PHE A 1 9   ? -4.028  11.235  9.847   1.00 24.66 ? 6   PHE A CA  1 
ATOM   30   C C   . PHE A 1 9   ? -4.140  12.749  9.737   1.00 26.70 ? 6   PHE A C   1 
ATOM   31   O O   . PHE A 1 9   ? -5.198  13.317  10.029  1.00 36.05 ? 6   PHE A O   1 
ATOM   32   C CB  . PHE A 1 9   ? -4.846  10.574  8.732   1.00 25.96 ? 6   PHE A CB  1 
ATOM   33   C CG  . PHE A 1 9   ? -4.664  9.062   8.628   1.00 31.71 ? 6   PHE A CG  1 
ATOM   34   C CD1 . PHE A 1 9   ? -3.531  8.504   8.039   1.00 27.50 ? 6   PHE A CD1 1 
ATOM   35   C CD2 . PHE A 1 9   ? -5.623  8.211   9.152   1.00 28.07 ? 6   PHE A CD2 1 
ATOM   36   C CE1 . PHE A 1 9   ? -3.390  7.124   7.921   1.00 27.24 ? 6   PHE A CE1 1 
ATOM   37   C CE2 . PHE A 1 9   ? -5.485  6.825   9.057   1.00 30.54 ? 6   PHE A CE2 1 
ATOM   38   C CZ  . PHE A 1 9   ? -4.361  6.287   8.450   1.00 25.50 ? 6   PHE A CZ  1 
ATOM   39   N N   A SER A 1 10  ? -3.062  13.402  9.304   0.38 29.25 ? 7   SER A N   1 
ATOM   40   N N   B SER A 1 10  ? -3.055  13.410  9.340   0.34 29.26 ? 7   SER A N   1 
ATOM   41   N N   C SER A 1 10  ? -3.066  13.393  9.277   0.28 29.23 ? 7   SER A N   1 
ATOM   42   C CA  A SER A 1 10  ? -3.061  14.853  9.175   0.38 28.17 ? 7   SER A CA  1 
ATOM   43   C CA  B SER A 1 10  ? -3.089  14.855  9.158   0.34 28.17 ? 7   SER A CA  1 
ATOM   44   C CA  C SER A 1 10  ? -3.009  14.846  9.189   0.28 28.17 ? 7   SER A CA  1 
ATOM   45   C C   A SER A 1 10  ? -2.376  15.261  7.883   0.38 26.89 ? 7   SER A C   1 
ATOM   46   C C   B SER A 1 10  ? -2.405  15.237  7.858   0.34 26.89 ? 7   SER A C   1 
ATOM   47   C C   C SER A 1 10  ? -2.365  15.258  7.874   0.28 26.90 ? 7   SER A C   1 
ATOM   48   O O   A SER A 1 10  ? -1.394  14.644  7.469   0.38 26.29 ? 7   SER A O   1 
ATOM   49   O O   B SER A 1 10  ? -1.461  14.582  7.413   0.34 26.31 ? 7   SER A O   1 
ATOM   50   O O   C SER A 1 10  ? -1.401  14.632  7.428   0.28 26.30 ? 7   SER A O   1 
ATOM   51   C CB  A SER A 1 10  ? -2.355  15.524  10.358  0.38 28.74 ? 7   SER A CB  1 
ATOM   52   C CB  B SER A 1 10  ? -2.420  15.613  10.313  0.34 28.77 ? 7   SER A CB  1 
ATOM   53   C CB  C SER A 1 10  ? -2.214  15.432  10.363  0.28 28.57 ? 7   SER A CB  1 
ATOM   54   O OG  A SER A 1 10  ? -0.994  15.149  10.407  0.38 27.37 ? 7   SER A OG  1 
ATOM   55   O OG  B SER A 1 10  ? -2.508  17.017  10.102  0.34 26.15 ? 7   SER A OG  1 
ATOM   56   O OG  C SER A 1 10  ? -2.590  14.818  11.586  0.28 31.45 ? 7   SER A OG  1 
ATOM   57   N N   . GLY A 1 11  ? -2.895  16.313  7.253   1.00 25.94 ? 8   GLY A N   1 
ATOM   58   C CA  . GLY A 1 11  ? -2.281  16.831  6.045   1.00 27.33 ? 8   GLY A CA  1 
ATOM   59   C C   . GLY A 1 11  ? -2.595  16.073  4.773   1.00 27.25 ? 8   GLY A C   1 
ATOM   60   O O   . GLY A 1 11  ? -1.889  16.246  3.770   1.00 26.86 ? 8   GLY A O   1 
ATOM   61   N N   . TYR A 1 12  ? -3.648  15.258  4.769   1.00 26.64 ? 9   TYR A N   1 
ATOM   62   C CA  . TYR A 1 12  ? -4.003  14.493  3.584   1.00 25.05 ? 9   TYR A CA  1 
ATOM   63   C C   . TYR A 1 12  ? -4.933  15.326  2.717   1.00 27.26 ? 9   TYR A C   1 
ATOM   64   O O   . TYR A 1 12  ? -5.751  16.099  3.221   1.00 27.08 ? 9   TYR A O   1 
ATOM   65   C CB  . TYR A 1 12  ? -4.681  13.171  3.947   1.00 24.21 ? 9   TYR A CB  1 
ATOM   66   C CG  . TYR A 1 12  ? -3.686  12.117  4.361   1.00 23.45 ? 9   TYR A CG  1 
ATOM   67   C CD1 . TYR A 1 12  ? -3.092  12.176  5.625   1.00 25.53 ? 9   TYR A CD1 1 
ATOM   68   C CD2 . TYR A 1 12  ? -3.297  11.085  3.492   1.00 21.51 ? 9   TYR A CD2 1 
ATOM   69   C CE1 . TYR A 1 12  ? -2.171  11.250  6.020   1.00 24.98 ? 9   TYR A CE1 1 
ATOM   70   C CE2 . TYR A 1 12  ? -2.360  10.137  3.895   1.00 22.92 ? 9   TYR A CE2 1 
ATOM   71   C CZ  . TYR A 1 12  ? -1.809  10.229  5.152   1.00 23.61 ? 9   TYR A CZ  1 
ATOM   72   O OH  . TYR A 1 12  ? -0.889  9.294   5.555   1.00 23.59 ? 9   TYR A OH  1 
ATOM   73   N N   . LEU A 1 13  ? -4.780  15.175  1.412   1.00 22.59 ? 10  LEU A N   1 
ATOM   74   C CA  . LEU A 1 13  ? -5.622  15.826  0.424   1.00 20.60 ? 10  LEU A CA  1 
ATOM   75   C C   . LEU A 1 13  ? -6.739  14.871  0.043   1.00 35.17 ? 10  LEU A C   1 
ATOM   76   O O   . LEU A 1 13  ? -6.479  13.702  -0.269  1.00 27.47 ? 10  LEU A O   1 
ATOM   77   C CB  . LEU A 1 13  ? -4.782  16.219  -0.792  1.00 22.35 ? 10  LEU A CB  1 
ATOM   78   C CG  . LEU A 1 13  ? -5.502  16.978  -1.917  1.00 30.61 ? 10  LEU A CG  1 
ATOM   79   C CD1 . LEU A 1 13  ? -5.737  18.425  -1.515  1.00 31.78 ? 10  LEU A CD1 1 
ATOM   80   C CD2 . LEU A 1 13  ? -4.677  16.885  -3.184  1.00 35.10 ? 10  LEU A CD2 1 
ATOM   81   N N   . LYS A 1 14  ? -7.985  15.352  0.070   1.00 29.14 ? 11  LYS A N   1 
ATOM   82   C CA  . LYS A 1 14  ? -9.111  14.525  -0.380  1.00 34.96 ? 11  LYS A CA  1 
ATOM   83   C C   . LYS A 1 14  ? -9.124  14.365  -1.907  1.00 35.44 ? 11  LYS A C   1 
ATOM   84   O O   . LYS A 1 14  ? -9.179  15.355  -2.664  1.00 34.28 ? 11  LYS A O   1 
ATOM   85   C CB  . LYS A 1 14  ? -10.433 15.146  0.046   1.00 42.31 ? 11  LYS A CB  1 
ATOM   86   C CG  . LYS A 1 14  ? -11.570 14.282  -0.258  1.00 44.13 ? 11  LYS A CG  1 
ATOM   87   C CD  . LYS A 1 14  ? -12.826 14.967  0.198   1.00 46.95 ? 11  LYS A CD  1 
ATOM   88   C CE  . LYS A 1 14  ? -12.893 14.994  1.714   1.00 54.05 ? 11  LYS A CE  1 
ATOM   89   N NZ  . LYS A 1 14  ? -13.051 13.640  2.383   1.00 64.55 ? 11  LYS A NZ  1 
ATOM   90   N N   . LEU A 1 15  ? -9.191  13.126  -2.359  1.00 27.35 ? 12  LEU A N   1 
ATOM   91   C CA  . LEU A 1 15  ? -9.417  12.877  -3.764  1.00 29.95 ? 12  LEU A CA  1 
ATOM   92   C C   . LEU A 1 15  ? -10.867 12.533  -4.059  1.00 30.78 ? 12  LEU A C   1 
ATOM   93   O O   . LEU A 1 15  ? -11.467 13.130  -4.958  1.00 32.84 ? 12  LEU A O   1 
ATOM   94   C CB  . LEU A 1 15  ? -8.486  11.777  -4.283  1.00 29.37 ? 12  LEU A CB  1 
ATOM   95   C CG  . LEU A 1 15  ? -6.995  12.113  -4.275  1.00 27.94 ? 12  LEU A CG  1 
ATOM   96   C CD1 . LEU A 1 15  ? -6.221  11.049  -5.048  1.00 28.21 ? 12  LEU A CD1 1 
ATOM   97   C CD2 . LEU A 1 15  ? -6.768  13.473  -4.899  1.00 36.27 ? 12  LEU A CD2 1 
ATOM   98   N N   . THR A 1 16  ? -11.450 11.591  -3.320  1.00 29.15 ? 13  THR A N   1 
ATOM   99   C CA  . THR A 1 16  ? -12.862 11.239  -3.461  1.00 25.55 ? 13  THR A CA  1 
ATOM   100  C C   . THR A 1 16  ? -13.416 11.210  -2.052  1.00 33.81 ? 13  THR A C   1 
ATOM   101  O O   . THR A 1 16  ? -12.683 11.567  -1.127  1.00 34.83 ? 13  THR A O   1 
ATOM   102  C CB  . THR A 1 16  ? -13.040 9.878   -4.119  1.00 32.83 ? 13  THR A CB  1 
ATOM   103  O OG1 . THR A 1 16  ? -12.441 8.884   -3.278  1.00 31.26 ? 13  THR A OG1 1 
ATOM   104  C CG2 . THR A 1 16  ? -12.341 9.854   -5.454  1.00 33.69 ? 13  THR A CG2 1 
ATOM   105  N N   . ASP A 1 17  ? -14.662 10.757  -1.824  1.00 31.00 ? 14  ASP A N   1 
ATOM   106  C CA  . ASP A 1 17  ? -15.104 10.754  -0.424  1.00 33.06 ? 14  ASP A CA  1 
ATOM   107  C C   . ASP A 1 17  ? -14.264 9.862   0.454   1.00 33.61 ? 14  ASP A C   1 
ATOM   108  O O   . ASP A 1 17  ? -14.220 10.084  1.663   1.00 36.40 ? 14  ASP A O   1 
ATOM   109  C CB  . ASP A 1 17  ? -16.548 10.290  -0.158  1.00 48.74 ? 14  ASP A CB  1 
ATOM   110  C CG  . ASP A 1 17  ? -17.564 11.382  -0.267  1.00 75.26 ? 14  ASP A CG  1 
ATOM   111  O OD1 . ASP A 1 17  ? -17.242 12.415  -0.900  1.00 71.71 ? 14  ASP A OD1 1 
ATOM   112  O OD2 . ASP A 1 17  ? -18.636 11.214  0.405   1.00 80.07 ? 14  ASP A OD2 1 
ATOM   113  N N   . ASN A 1 18  ? -13.666 8.796   -0.096  1.00 27.85 ? 15  ASN A N   1 
ATOM   114  C CA  . ASN A 1 18  ? -13.006 7.819   0.751   1.00 24.80 ? 15  ASN A CA  1 
ATOM   115  C C   . ASN A 1 18  ? -11.532 7.585   0.445   1.00 25.16 ? 15  ASN A C   1 
ATOM   116  O O   . ASN A 1 18  ? -10.932 6.706   1.074   1.00 26.08 ? 15  ASN A O   1 
ATOM   117  C CB  . ASN A 1 18  ? -13.741 6.469   0.684   1.00 29.38 ? 15  ASN A CB  1 
ATOM   118  C CG  . ASN A 1 18  ? -13.730 5.867   -0.705  1.00 24.97 ? 15  ASN A CG  1 
ATOM   119  O OD1 . ASN A 1 18  ? -14.128 6.502   -1.680  1.00 32.04 ? 15  ASN A OD1 1 
ATOM   120  N ND2 . ASN A 1 18  ? -13.221 4.647   -0.809  1.00 28.05 ? 15  ASN A ND2 1 
ATOM   121  N N   . VAL A 1 19  ? -10.938 8.326   -0.479  1.00 19.27 ? 16  VAL A N   1 
ATOM   122  C CA  . VAL A 1 19  ? -9.532  8.161   -0.863  1.00 17.17 ? 16  VAL A CA  1 
ATOM   123  C C   . VAL A 1 19  ? -8.808  9.485   -0.631  1.00 21.79 ? 16  VAL A C   1 
ATOM   124  O O   . VAL A 1 19  ? -9.194  10.521  -1.196  1.00 23.58 ? 16  VAL A O   1 
ATOM   125  C CB  . VAL A 1 19  ? -9.370  7.700   -2.320  1.00 26.51 ? 16  VAL A CB  1 
ATOM   126  C CG1 . VAL A 1 19  ? -7.888  7.494   -2.638  1.00 29.13 ? 16  VAL A CG1 1 
ATOM   127  C CG2 . VAL A 1 19  ? -10.124 6.355   -2.532  1.00 25.23 ? 16  VAL A CG2 1 
ATOM   128  N N   . TYR A 1 20  ? -7.760  9.440   0.191   1.00 21.22 ? 17  TYR A N   1 
ATOM   129  C CA  . TYR A 1 20  ? -6.953  10.600  0.541   1.00 23.18 ? 17  TYR A CA  1 
ATOM   130  C C   . TYR A 1 20  ? -5.508  10.329  0.149   1.00 25.05 ? 17  TYR A C   1 
ATOM   131  O O   . TYR A 1 20  ? -5.082  9.172   0.087   1.00 22.90 ? 17  TYR A O   1 
ATOM   132  C CB  . TYR A 1 20  ? -7.012  10.874  2.038   1.00 21.75 ? 17  TYR A CB  1 
ATOM   133  C CG  . TYR A 1 20  ? -8.406  11.021  2.574   1.00 28.76 ? 17  TYR A CG  1 
ATOM   134  C CD1 . TYR A 1 20  ? -9.156  9.900   2.907   1.00 30.76 ? 17  TYR A CD1 1 
ATOM   135  C CD2 . TYR A 1 20  ? -8.975  12.277  2.759   1.00 37.40 ? 17  TYR A CD2 1 
ATOM   136  C CE1 . TYR A 1 20  ? -10.440 10.017  3.407   1.00 38.58 ? 17  TYR A CE1 1 
ATOM   137  C CE2 . TYR A 1 20  ? -10.261 12.405  3.258   1.00 37.60 ? 17  TYR A CE2 1 
ATOM   138  C CZ  . TYR A 1 20  ? -10.983 11.272  3.583   1.00 45.37 ? 17  TYR A CZ  1 
ATOM   139  O OH  . TYR A 1 20  ? -12.262 11.396  4.079   1.00 54.30 ? 17  TYR A OH  1 
ATOM   140  N N   . ILE A 1 21  ? -4.734  11.397  -0.083  1.00 18.09 ? 18  ILE A N   1 
ATOM   141  C CA  . ILE A 1 21  ? -3.345  11.229  -0.497  1.00 18.70 ? 18  ILE A CA  1 
ATOM   142  C C   . ILE A 1 21  ? -2.450  12.263  0.175   1.00 25.21 ? 18  ILE A C   1 
ATOM   143  O O   . ILE A 1 21  ? -2.868  13.391  0.469   1.00 21.79 ? 18  ILE A O   1 
ATOM   144  C CB  . ILE A 1 21  ? -3.222  11.284  -2.037  1.00 21.48 ? 18  ILE A CB  1 
ATOM   145  C CG1 . ILE A 1 21  ? -1.861  10.760  -2.483  1.00 22.83 ? 18  ILE A CG1 1 
ATOM   146  C CG2 . ILE A 1 21  ? -3.460  12.735  -2.565  1.00 21.90 ? 18  ILE A CG2 1 
ATOM   147  C CD1 . ILE A 1 21  ? -1.668  10.785  -3.981  1.00 32.96 ? 18  ILE A CD1 1 
ATOM   148  N N   . LYS A 1 22  ? -1.202  11.855  0.441   1.00 22.29 ? 19  LYS A N   1 
ATOM   149  C CA  . LYS A 1 22  ? -0.220  12.734  1.056   1.00 20.32 ? 19  LYS A CA  1 
ATOM   150  C C   . LYS A 1 22  ? 1.149   12.424  0.480   1.00 24.95 ? 19  LYS A C   1 
ATOM   151  O O   . LYS A 1 22  ? 1.447   11.275  0.134   1.00 22.98 ? 19  LYS A O   1 
ATOM   152  C CB  . LYS A 1 22  ? -0.228  12.576  2.590   1.00 19.98 ? 19  LYS A CB  1 
ATOM   153  C CG  . LYS A 1 22  ? 0.759   13.498  3.364   1.00 23.01 ? 19  LYS A CG  1 
ATOM   154  C CD  . LYS A 1 22  ? 0.658   13.196  4.865   1.00 19.89 ? 19  LYS A CD  1 
ATOM   155  C CE  . LYS A 1 22  ? 1.459   14.176  5.727   1.00 25.64 ? 19  LYS A CE  1 
ATOM   156  N NZ  . LYS A 1 22  ? 1.346   13.796  7.178   1.00 26.30 ? 19  LYS A NZ  1 
ATOM   157  N N   . ASN A 1 23  ? 1.982   13.453  0.371   1.00 19.45 ? 20  ASN A N   1 
ATOM   158  C CA  . ASN A 1 23  ? 3.345   13.271  -0.118  1.00 19.49 ? 20  ASN A CA  1 
ATOM   159  C C   . ASN A 1 23  ? 4.200   13.011  1.117   1.00 25.91 ? 20  ASN A C   1 
ATOM   160  O O   . ASN A 1 23  ? 4.552   13.935  1.853   1.00 23.93 ? 20  ASN A O   1 
ATOM   161  C CB  . ASN A 1 23  ? 3.782   14.489  -0.942  1.00 21.66 ? 20  ASN A CB  1 
ATOM   162  C CG  . ASN A 1 23  ? 5.268   14.505  -1.250  1.00 36.35 ? 20  ASN A CG  1 
ATOM   163  O OD1 . ASN A 1 23  ? 5.958   15.484  -0.972  1.00 37.84 ? 20  ASN A OD1 1 
ATOM   164  N ND2 . ASN A 1 23  ? 5.787   13.376  -1.720  1.00 27.21 ? 20  ASN A ND2 1 
ATOM   165  N N   . ALA A 1 24  ? 4.491   11.739  1.375   1.00 21.87 ? 21  ALA A N   1 
ATOM   166  C CA  . ALA A 1 24  ? 5.108   11.357  2.648   1.00 20.50 ? 21  ALA A CA  1 
ATOM   167  C C   . ALA A 1 24  ? 5.665   9.943   2.541   1.00 28.07 ? 21  ALA A C   1 
ATOM   168  O O   . ALA A 1 24  ? 5.298   9.176   1.645   1.00 24.13 ? 21  ALA A O   1 
ATOM   169  C CB  . ALA A 1 24  ? 4.096   11.448  3.801   1.00 22.81 ? 21  ALA A CB  1 
ATOM   170  N N   A ASP A 1 25  ? 6.582   9.627   3.462   0.39 24.52 ? 22  ASP A N   1 
ATOM   171  N N   B ASP A 1 25  ? 6.568   9.620   3.476   0.61 24.48 ? 22  ASP A N   1 
ATOM   172  C CA  A ASP A 1 25  ? 7.113   8.279   3.615   0.39 26.44 ? 22  ASP A CA  1 
ATOM   173  C CA  B ASP A 1 25  ? 7.138   8.284   3.642   0.61 26.43 ? 22  ASP A CA  1 
ATOM   174  C C   A ASP A 1 25  ? 6.133   7.432   4.414   0.39 23.60 ? 22  ASP A C   1 
ATOM   175  C C   B ASP A 1 25  ? 6.176   7.411   4.444   0.61 23.48 ? 22  ASP A C   1 
ATOM   176  O O   A ASP A 1 25  ? 5.716   7.820   5.510   0.39 28.30 ? 22  ASP A O   1 
ATOM   177  O O   B ASP A 1 25  ? 5.802   7.766   5.567   0.61 28.28 ? 22  ASP A O   1 
ATOM   178  C CB  A ASP A 1 25  ? 8.463   8.316   4.333   0.39 28.60 ? 22  ASP A CB  1 
ATOM   179  C CB  B ASP A 1 25  ? 8.498   8.422   4.339   0.61 28.37 ? 22  ASP A CB  1 
ATOM   180  C CG  A ASP A 1 25  ? 8.943   6.927   4.752   0.39 34.23 ? 22  ASP A CG  1 
ATOM   181  C CG  B ASP A 1 25  ? 9.176   7.080   4.647   0.61 36.61 ? 22  ASP A CG  1 
ATOM   182  O OD1 A ASP A 1 25  ? 8.975   6.014   3.902   0.39 38.70 ? 22  ASP A OD1 1 
ATOM   183  O OD1 B ASP A 1 25  ? 8.692   6.008   4.229   0.61 39.86 ? 22  ASP A OD1 1 
ATOM   184  O OD2 A ASP A 1 25  ? 9.242   6.738   5.943   0.39 32.96 ? 22  ASP A OD2 1 
ATOM   185  O OD2 B ASP A 1 25  ? 10.241  7.117   5.300   0.61 44.60 ? 22  ASP A OD2 1 
ATOM   186  N N   . ILE A 1 26  ? 5.771   6.266   3.872   1.00 24.17 ? 23  ILE A N   1 
ATOM   187  C CA  . ILE A 1 26  ? 4.749   5.451   4.527   1.00 22.86 ? 23  ILE A CA  1 
ATOM   188  C C   . ILE A 1 26  ? 5.239   4.932   5.881   1.00 25.03 ? 23  ILE A C   1 
ATOM   189  O O   . ILE A 1 26  ? 4.443   4.780   6.817   1.00 23.80 ? 23  ILE A O   1 
ATOM   190  C CB  . ILE A 1 26  ? 4.312   4.319   3.580   1.00 23.81 ? 23  ILE A CB  1 
ATOM   191  C CG1 . ILE A 1 26  ? 3.128   3.543   4.163   1.00 21.23 ? 23  ILE A CG1 1 
ATOM   192  C CG2 . ILE A 1 26  ? 5.473   3.380   3.317   1.00 25.50 ? 23  ILE A CG2 1 
ATOM   193  C CD1 . ILE A 1 26  ? 2.560   2.488   3.184   1.00 25.88 ? 23  ILE A CD1 1 
ATOM   194  N N   . VAL A 1 27  ? 6.551   4.718   6.036   1.00 25.37 ? 24  VAL A N   1 
ATOM   195  C CA  . VAL A 1 27  ? 7.086   4.273   7.324   1.00 20.97 ? 24  VAL A CA  1 
ATOM   196  C C   . VAL A 1 27  ? 6.988   5.385   8.362   1.00 25.39 ? 24  VAL A C   1 
ATOM   197  O O   . VAL A 1 27  ? 6.562   5.155   9.504   1.00 26.94 ? 24  VAL A O   1 
ATOM   198  C CB  . VAL A 1 27  ? 8.533   3.772   7.154   1.00 26.10 ? 24  VAL A CB  1 
ATOM   199  C CG1 . VAL A 1 27  ? 9.160   3.491   8.520   1.00 34.31 ? 24  VAL A CG1 1 
ATOM   200  C CG2 . VAL A 1 27  ? 8.552   2.531   6.298   1.00 30.11 ? 24  VAL A CG2 1 
ATOM   201  N N   A GLU A 1 28  ? 7.373   6.609   7.986   0.60 24.38 ? 25  GLU A N   1 
ATOM   202  N N   B GLU A 1 28  ? 7.379   6.608   7.983   0.40 24.41 ? 25  GLU A N   1 
ATOM   203  C CA  A GLU A 1 28  ? 7.252   7.730   8.912   0.60 24.20 ? 25  GLU A CA  1 
ATOM   204  C CA  B GLU A 1 28  ? 7.258   7.741   8.898   0.40 24.32 ? 25  GLU A CA  1 
ATOM   205  C C   A GLU A 1 28  ? 5.796   7.993   9.267   0.60 24.59 ? 25  GLU A C   1 
ATOM   206  C C   B GLU A 1 28  ? 5.802   7.999   9.262   0.40 24.65 ? 25  GLU A C   1 
ATOM   207  O O   A GLU A 1 28  ? 5.468   8.258   10.427  0.60 30.98 ? 25  GLU A O   1 
ATOM   208  O O   B GLU A 1 28  ? 5.483   8.276   10.422  0.40 30.98 ? 25  GLU A O   1 
ATOM   209  C CB  A GLU A 1 28  ? 7.890   8.984   8.313   0.60 30.83 ? 25  GLU A CB  1 
ATOM   210  C CB  B GLU A 1 28  ? 7.882   9.003   8.285   0.40 30.83 ? 25  GLU A CB  1 
ATOM   211  C CG  A GLU A 1 28  ? 9.405   8.948   8.291   0.60 36.08 ? 25  GLU A CG  1 
ATOM   212  C CG  B GLU A 1 28  ? 9.411   9.023   8.267   0.40 36.03 ? 25  GLU A CG  1 
ATOM   213  C CD  A GLU A 1 28  ? 10.002  8.793   9.676   0.60 37.86 ? 25  GLU A CD  1 
ATOM   214  C CD  B GLU A 1 28  ? 9.992   10.264  7.592   0.40 37.50 ? 25  GLU A CD  1 
ATOM   215  O OE1 A GLU A 1 28  ? 9.650   9.591   10.577  0.60 47.66 ? 25  GLU A OE1 1 
ATOM   216  O OE1 B GLU A 1 28  ? 9.259   10.961  6.859   0.40 40.29 ? 25  GLU A OE1 1 
ATOM   217  O OE2 A GLU A 1 28  ? 10.809  7.857   9.865   0.60 41.56 ? 25  GLU A OE2 1 
ATOM   218  O OE2 B GLU A 1 28  ? 11.192  10.543  7.801   0.40 42.66 ? 25  GLU A OE2 1 
ATOM   219  N N   . GLU A 1 29  ? 4.898   7.892   8.284   1.00 25.54 ? 26  GLU A N   1 
ATOM   220  C CA  . GLU A 1 29  ? 3.477   8.080   8.556   1.00 26.47 ? 26  GLU A CA  1 
ATOM   221  C C   . GLU A 1 29  ? 2.965   7.037   9.540   1.00 24.72 ? 26  GLU A C   1 
ATOM   222  O O   . GLU A 1 29  ? 2.261   7.363   10.498  1.00 27.12 ? 26  GLU A O   1 
ATOM   223  C CB  . GLU A 1 29  ? 2.680   8.004   7.248   1.00 26.33 ? 26  GLU A CB  1 
ATOM   224  C CG  . GLU A 1 29  ? 2.666   9.268   6.431   1.00 28.12 ? 26  GLU A CG  1 
ATOM   225  C CD  . GLU A 1 29  ? 1.991   10.437  7.123   1.00 23.66 ? 26  GLU A CD  1 
ATOM   226  O OE1 . GLU A 1 29  ? 0.753   10.399  7.353   1.00 25.00 ? 26  GLU A OE1 1 
ATOM   227  O OE2 . GLU A 1 29  ? 2.705   11.407  7.406   1.00 28.66 ? 26  GLU A OE2 1 
ATOM   228  N N   . ALA A 1 30  ? 3.305   5.766   9.315   1.00 25.15 ? 27  ALA A N   1 
ATOM   229  C CA  . ALA A 1 30  ? 2.831   4.723   10.222  1.00 24.69 ? 27  ALA A CA  1 
ATOM   230  C C   . ALA A 1 30  ? 3.274   4.994   11.657  1.00 30.01 ? 27  ALA A C   1 
ATOM   231  O O   . ALA A 1 30  ? 2.496   4.804   12.595  1.00 28.53 ? 27  ALA A O   1 
ATOM   232  C CB  . ALA A 1 30  ? 3.322   3.354   9.761   1.00 24.90 ? 27  ALA A CB  1 
ATOM   233  N N   . LYS A 1 31  ? 4.506   5.474   11.851  1.00 32.64 ? 28  LYS A N   1 
ATOM   234  C CA  . LYS A 1 31  ? 4.964   5.720   13.220  1.00 29.90 ? 28  LYS A CA  1 
ATOM   235  C C   . LYS A 1 31  ? 4.221   6.889   13.864  1.00 34.22 ? 28  LYS A C   1 
ATOM   236  O O   . LYS A 1 31  ? 3.905   6.838   15.055  1.00 43.77 ? 28  LYS A O   1 
ATOM   237  C CB  . LYS A 1 31  ? 6.474   5.950   13.246  1.00 30.26 ? 28  LYS A CB  1 
ATOM   238  C CG  . LYS A 1 31  ? 7.288   4.733   12.826  1.00 32.12 ? 28  LYS A CG  1 
ATOM   239  C CD  . LYS A 1 31  ? 8.750   4.832   13.287  1.00 52.47 ? 28  LYS A CD  1 
ATOM   240  C CE  . LYS A 1 31  ? 9.646   5.532   12.275  1.00 52.89 ? 28  LYS A CE  1 
ATOM   241  N NZ  . LYS A 1 31  ? 10.674  6.380   12.959  1.00 68.20 ? 28  LYS A NZ  1 
ATOM   242  N N   . LYS A 1 32  ? 3.915   7.941   13.100  1.00 32.98 ? 29  LYS A N   1 
ATOM   243  C CA  . LYS A 1 32  ? 3.167   9.062   13.666  1.00 36.21 ? 29  LYS A CA  1 
ATOM   244  C C   . LYS A 1 32  ? 1.690   8.732   13.834  1.00 41.39 ? 29  LYS A C   1 
ATOM   245  O O   . LYS A 1 32  ? 1.068   9.127   14.831  1.00 38.00 ? 29  LYS A O   1 
ATOM   246  C CB  . LYS A 1 32  ? 3.293   10.301  12.779  1.00 36.47 ? 29  LYS A CB  1 
ATOM   247  C CG  . LYS A 1 32  ? 4.668   10.602  12.263  1.00 45.32 ? 29  LYS A CG  1 
ATOM   248  C CD  . LYS A 1 32  ? 4.697   11.970  11.606  1.00 54.21 ? 29  LYS A CD  1 
ATOM   249  C CE  . LYS A 1 32  ? 5.421   11.881  10.277  1.00 54.65 ? 29  LYS A CE  1 
ATOM   250  N NZ  . LYS A 1 32  ? 5.764   13.208  9.698   1.00 57.16 ? 29  LYS A NZ  1 
ATOM   251  N N   . VAL A 1 33  ? 1.112   8.031   12.855  1.00 36.09 ? 30  VAL A N   1 
ATOM   252  C CA  . VAL A 1 33  ? -0.339  7.899   12.767  1.00 31.71 ? 30  VAL A CA  1 
ATOM   253  C C   . VAL A 1 33  ? -0.855  6.776   13.659  1.00 39.16 ? 30  VAL A C   1 
ATOM   254  O O   . VAL A 1 33  ? -1.985  6.856   14.160  1.00 40.97 ? 30  VAL A O   1 
ATOM   255  C CB  . VAL A 1 33  ? -0.754  7.690   11.298  1.00 29.30 ? 30  VAL A CB  1 
ATOM   256  C CG1 . VAL A 1 33  ? -2.217  7.330   11.190  1.00 41.02 ? 30  VAL A CG1 1 
ATOM   257  C CG2 . VAL A 1 33  ? -0.464  8.963   10.487  1.00 35.96 ? 30  VAL A CG2 1 
ATOM   258  N N   . LYS A 1 34  ? -0.055  5.713   13.855  1.00 32.32 ? 31  LYS A N   1 
ATOM   259  C CA  . LYS A 1 34  ? -0.461  4.582   14.678  1.00 37.67 ? 31  LYS A CA  1 
ATOM   260  C C   . LYS A 1 34  ? -1.676  3.914   14.045  1.00 34.73 ? 31  LYS A C   1 
ATOM   261  O O   . LYS A 1 34  ? -2.698  3.780   14.730  1.00 35.26 ? 31  LYS A O   1 
ATOM   262  C CB  . LYS A 1 34  ? -0.906  5.065   16.053  1.00 46.89 ? 31  LYS A CB  1 
ATOM   263  C CG  . LYS A 1 34  ? 0.050   5.864   16.891  1.00 52.48 ? 31  LYS A CG  1 
ATOM   264  C CD  . LYS A 1 34  ? -0.604  5.954   18.260  1.00 71.25 ? 31  LYS A CD  1 
ATOM   265  C CE  . LYS A 1 34  ? 0.327   6.362   19.364  1.00 83.30 ? 31  LYS A CE  1 
ATOM   266  N NZ  . LYS A 1 34  ? -0.129  7.717   19.816  1.00 82.83 ? 31  LYS A NZ  1 
ATOM   267  N N   . PRO A 1 35  ? -1.678  3.567   12.759  1.00 26.97 ? 32  PRO A N   1 
ATOM   268  C CA  . PRO A 1 35  ? -2.930  3.123   12.136  1.00 24.45 ? 32  PRO A CA  1 
ATOM   269  C C   . PRO A 1 35  ? -3.326  1.717   12.563  1.00 26.95 ? 32  PRO A C   1 
ATOM   270  O O   . PRO A 1 35  ? -2.513  0.918   13.035  1.00 26.41 ? 32  PRO A O   1 
ATOM   271  C CB  . PRO A 1 35  ? -2.612  3.171   10.639  1.00 31.91 ? 32  PRO A CB  1 
ATOM   272  C CG  . PRO A 1 35  ? -1.163  2.831   10.590  1.00 25.09 ? 32  PRO A CG  1 
ATOM   273  C CD  . PRO A 1 35  ? -0.544  3.453   11.821  1.00 32.87 ? 32  PRO A CD  1 
ATOM   274  N N   . THR A 1 36  ? -4.625  1.436   12.400  1.00 23.75 ? 33  THR A N   1 
ATOM   275  C CA  . THR A 1 36  ? -5.126  0.092   12.665  1.00 22.45 ? 33  THR A CA  1 
ATOM   276  C C   . THR A 1 36  ? -4.538  -0.901  11.671  1.00 22.75 ? 33  THR A C   1 
ATOM   277  O O   . THR A 1 36  ? -4.156  -2.017  12.051  1.00 27.11 ? 33  THR A O   1 
ATOM   278  C CB  . THR A 1 36  ? -6.657  0.099   12.587  1.00 29.06 ? 33  THR A CB  1 
ATOM   279  O OG1 . THR A 1 36  ? -7.172  0.912   13.645  1.00 36.72 ? 33  THR A OG1 1 
ATOM   280  C CG2 . THR A 1 36  ? -7.221  -1.311  12.770  1.00 32.35 ? 33  THR A CG2 1 
ATOM   281  N N   . VAL A 1 37  ? -4.429  -0.496  10.398  1.00 19.57 ? 34  VAL A N   1 
ATOM   282  C CA  . VAL A 1 37  ? -3.940  -1.345  9.313   1.00 19.85 ? 34  VAL A CA  1 
ATOM   283  C C   . VAL A 1 37  ? -2.958  -0.561  8.451   1.00 21.93 ? 34  VAL A C   1 
ATOM   284  O O   . VAL A 1 37  ? -3.284  0.536   7.972   1.00 23.22 ? 34  VAL A O   1 
ATOM   285  C CB  . VAL A 1 37  ? -5.083  -1.861  8.415   1.00 22.91 ? 34  VAL A CB  1 
ATOM   286  C CG1 . VAL A 1 37  ? -4.520  -2.765  7.310   1.00 27.57 ? 34  VAL A CG1 1 
ATOM   287  C CG2 . VAL A 1 37  ? -6.112  -2.590  9.225   1.00 27.35 ? 34  VAL A CG2 1 
ATOM   288  N N   . VAL A 1 38  ? -1.776  -1.138  8.212   1.00 20.56 ? 35  VAL A N   1 
ATOM   289  C CA  . VAL A 1 38  ? -0.886  -0.643  7.159   1.00 19.31 ? 35  VAL A CA  1 
ATOM   290  C C   . VAL A 1 38  ? -0.803  -1.719  6.086   1.00 20.92 ? 35  VAL A C   1 
ATOM   291  O O   . VAL A 1 38  ? -0.776  -2.919  6.396   1.00 21.61 ? 35  VAL A O   1 
ATOM   292  C CB  . VAL A 1 38  ? 0.521   -0.273  7.674   1.00 19.28 ? 35  VAL A CB  1 
ATOM   293  C CG1 . VAL A 1 38  ? 1.223   -1.494  8.282   1.00 23.34 ? 35  VAL A CG1 1 
ATOM   294  C CG2 . VAL A 1 38  ? 1.355   0.355   6.551   1.00 22.39 ? 35  VAL A CG2 1 
ATOM   295  N N   . VAL A 1 39  ? -0.793  -1.302  4.825   1.00 17.20 ? 36  VAL A N   1 
ATOM   296  C CA  . VAL A 1 39  ? -0.766  -2.248  3.714   1.00 17.61 ? 36  VAL A CA  1 
ATOM   297  C C   . VAL A 1 39  ? 0.672   -2.379  3.237   1.00 19.38 ? 36  VAL A C   1 
ATOM   298  O O   . VAL A 1 39  ? 1.370   -1.378  3.057   1.00 18.00 ? 36  VAL A O   1 
ATOM   299  C CB  . VAL A 1 39  ? -1.672  -1.774  2.566   1.00 20.41 ? 36  VAL A CB  1 
ATOM   300  C CG1 . VAL A 1 39  ? -1.450  -2.611  1.291   1.00 22.14 ? 36  VAL A CG1 1 
ATOM   301  C CG2 . VAL A 1 39  ? -3.149  -1.716  3.008   1.00 18.08 ? 36  VAL A CG2 1 
ATOM   302  N N   . ASN A 1 40  ? 1.097   -3.604  2.977   1.00 18.72 ? 37  ASN A N   1 
ATOM   303  C CA  . ASN A 1 40  ? 2.405   -3.882  2.389   1.00 18.16 ? 37  ASN A CA  1 
ATOM   304  C C   . ASN A 1 40  ? 2.240   -4.307  0.936   1.00 17.16 ? 37  ASN A C   1 
ATOM   305  O O   . ASN A 1 40  ? 1.336   -5.082  0.612   1.00 19.75 ? 37  ASN A O   1 
ATOM   306  C CB  . ASN A 1 40  ? 3.122   -4.990  3.161   1.00 19.75 ? 37  ASN A CB  1 
ATOM   307  C CG  . ASN A 1 40  ? 4.499   -5.247  2.624   1.00 21.84 ? 37  ASN A CG  1 
ATOM   308  O OD1 . ASN A 1 40  ? 5.121   -4.336  2.093   1.00 20.97 ? 37  ASN A OD1 1 
ATOM   309  N ND2 . ASN A 1 40  ? 4.982   -6.491  2.732   1.00 21.80 ? 37  ASN A ND2 1 
ATOM   310  N N   . ALA A 1 41  ? 3.113   -3.789  0.056   1.00 17.19 ? 38  ALA A N   1 
ATOM   311  C CA  . ALA A 1 41  ? 3.149   -4.206  -1.352  1.00 21.84 ? 38  ALA A CA  1 
ATOM   312  C C   . ALA A 1 41  ? 4.031   -5.445  -1.439  1.00 22.70 ? 38  ALA A C   1 
ATOM   313  O O   . ALA A 1 41  ? 5.233   -5.368  -1.700  1.00 21.08 ? 38  ALA A O   1 
ATOM   314  C CB  . ALA A 1 41  ? 3.665   -3.074  -2.238  1.00 19.94 ? 38  ALA A CB  1 
ATOM   315  N N   . ALA A 1 42  ? 3.430   -6.607  -1.233  1.00 16.64 ? 39  ALA A N   1 
ATOM   316  C CA  . ALA A 1 42  ? 4.174   -7.837  -1.022  1.00 17.29 ? 39  ALA A CA  1 
ATOM   317  C C   . ALA A 1 42  ? 4.363   -8.598  -2.332  1.00 19.64 ? 39  ALA A C   1 
ATOM   318  O O   . ALA A 1 42  ? 3.727   -8.310  -3.353  1.00 20.31 ? 39  ALA A O   1 
ATOM   319  C CB  . ALA A 1 42  ? 3.447   -8.716  0.013   1.00 20.79 ? 39  ALA A CB  1 
ATOM   320  N N   . ASN A 1 43  ? 5.263   -9.577  -2.303  1.00 20.67 ? 40  ASN A N   1 
ATOM   321  C CA  . ASN A 1 43  ? 5.328   -10.585 -3.360  1.00 19.78 ? 40  ASN A CA  1 
ATOM   322  C C   . ASN A 1 43  ? 4.782   -11.911 -2.818  1.00 20.76 ? 40  ASN A C   1 
ATOM   323  O O   . ASN A 1 43  ? 4.502   -12.041 -1.617  1.00 21.21 ? 40  ASN A O   1 
ATOM   324  C CB  . ASN A 1 43  ? 6.765   -10.765 -3.884  1.00 17.94 ? 40  ASN A CB  1 
ATOM   325  C CG  . ASN A 1 43  ? 7.760   -11.012 -2.779  1.00 25.45 ? 40  ASN A CG  1 
ATOM   326  O OD1 . ASN A 1 43  ? 7.663   -12.031 -2.098  1.00 21.24 ? 40  ASN A OD1 1 
ATOM   327  N ND2 . ASN A 1 43  ? 8.775   -10.146 -2.651  1.00 26.21 ? 40  ASN A ND2 1 
ATOM   328  N N   . VAL A 1 44  ? 4.631   -12.908 -3.705  1.00 18.38 ? 41  VAL A N   1 
ATOM   329  C CA  . VAL A 1 44  ? 3.943   -14.145 -3.313  1.00 21.28 ? 41  VAL A CA  1 
ATOM   330  C C   . VAL A 1 44  ? 4.695   -14.913 -2.222  1.00 18.52 ? 41  VAL A C   1 
ATOM   331  O O   . VAL A 1 44  ? 4.072   -15.663 -1.474  1.00 22.48 ? 41  VAL A O   1 
ATOM   332  C CB  . VAL A 1 44  ? 3.680   -15.069 -4.529  1.00 20.13 ? 41  VAL A CB  1 
ATOM   333  C CG1 . VAL A 1 44  ? 2.673   -14.423 -5.485  1.00 26.32 ? 41  VAL A CG1 1 
ATOM   334  C CG2 . VAL A 1 44  ? 4.964   -15.427 -5.253  1.00 24.12 ? 41  VAL A CG2 1 
ATOM   335  N N   . TYR A 1 45  ? 6.005   -14.710 -2.078  1.00 17.49 ? 42  TYR A N   1 
ATOM   336  C CA  . TYR A 1 45  ? 6.780   -15.428 -1.065  1.00 19.12 ? 42  TYR A CA  1 
ATOM   337  C C   . TYR A 1 45  ? 6.960   -14.643 0.224   1.00 23.01 ? 42  TYR A C   1 
ATOM   338  O O   . TYR A 1 45  ? 7.656   -15.122 1.142   1.00 22.11 ? 42  TYR A O   1 
ATOM   339  C CB  . TYR A 1 45  ? 8.164   -15.811 -1.616  1.00 23.03 ? 42  TYR A CB  1 
ATOM   340  C CG  . TYR A 1 45  ? 8.117   -16.741 -2.798  1.00 28.16 ? 42  TYR A CG  1 
ATOM   341  C CD1 . TYR A 1 45  ? 7.735   -18.059 -2.639  1.00 28.56 ? 42  TYR A CD1 1 
ATOM   342  C CD2 . TYR A 1 45  ? 8.474   -16.304 -4.061  1.00 26.63 ? 42  TYR A CD2 1 
ATOM   343  C CE1 . TYR A 1 45  ? 7.691   -18.931 -3.736  1.00 32.38 ? 42  TYR A CE1 1 
ATOM   344  C CE2 . TYR A 1 45  ? 8.441   -17.151 -5.149  1.00 29.80 ? 42  TYR A CE2 1 
ATOM   345  C CZ  . TYR A 1 45  ? 8.048   -18.461 -4.982  1.00 33.61 ? 42  TYR A CZ  1 
ATOM   346  O OH  . TYR A 1 45  ? 8.021   -19.301 -6.078  1.00 41.45 ? 42  TYR A OH  1 
ATOM   347  N N   . LEU A 1 46  ? 6.347   -13.466 0.326   1.00 18.39 ? 43  LEU A N   1 
ATOM   348  C CA  . LEU A 1 46  ? 6.498   -12.571 1.489   1.00 20.02 ? 43  LEU A CA  1 
ATOM   349  C C   . LEU A 1 46  ? 7.969   -12.401 1.869   1.00 23.45 ? 43  LEU A C   1 
ATOM   350  O O   . LEU A 1 46  ? 8.353   -12.468 3.045   1.00 22.61 ? 43  LEU A O   1 
ATOM   351  C CB  . LEU A 1 46  ? 5.675   -13.078 2.678   1.00 21.40 ? 43  LEU A CB  1 
ATOM   352  C CG  . LEU A 1 46  ? 4.159   -13.129 2.510   1.00 25.66 ? 43  LEU A CG  1 
ATOM   353  C CD1 . LEU A 1 46  ? 3.534   -13.560 3.857   1.00 24.97 ? 43  LEU A CD1 1 
ATOM   354  C CD2 . LEU A 1 46  ? 3.639   -11.764 2.062   1.00 26.37 ? 43  LEU A CD2 1 
ATOM   355  N N   . LYS A 1 47  ? 8.811   -12.183 0.851   1.00 20.34 ? 44  LYS A N   1 
ATOM   356  C CA  . LYS A 1 47  ? 10.218  -11.851 1.049   1.00 20.88 ? 44  LYS A CA  1 
ATOM   357  C C   . LYS A 1 47  ? 10.351  -10.338 0.919   1.00 21.98 ? 44  LYS A C   1 
ATOM   358  O O   . LYS A 1 47  ? 10.197  -9.782  -0.174  1.00 23.95 ? 44  LYS A O   1 
ATOM   359  C CB  . LYS A 1 47  ? 11.090  -12.586 0.030   1.00 23.27 ? 44  LYS A CB  1 
ATOM   360  C CG  . LYS A 1 47  ? 11.112  -14.083 0.237   1.00 24.45 ? 44  LYS A CG  1 
ATOM   361  C CD  . LYS A 1 47  ? 11.650  -14.407 1.626   1.00 27.05 ? 44  LYS A CD  1 
ATOM   362  C CE  . LYS A 1 47  ? 11.544  -15.875 2.002   1.00 41.38 ? 44  LYS A CE  1 
ATOM   363  N NZ  . LYS A 1 47  ? 12.180  -16.082 3.345   1.00 44.37 ? 44  LYS A NZ  1 
ATOM   364  N N   . HIS A 1 48  ? 10.568  -9.666  2.045   1.00 21.14 ? 45  HIS A N   1 
ATOM   365  C CA  . HIS A 1 48  ? 10.531  -8.196  2.082   1.00 19.78 ? 45  HIS A CA  1 
ATOM   366  C C   . HIS A 1 48  ? 11.934  -7.634  1.864   1.00 26.18 ? 45  HIS A C   1 
ATOM   367  O O   . HIS A 1 48  ? 12.593  -7.145  2.776   1.00 29.31 ? 45  HIS A O   1 
ATOM   368  C CB  . HIS A 1 48  ? 9.911   -7.724  3.388   1.00 17.43 ? 45  HIS A CB  1 
ATOM   369  C CG  . HIS A 1 48  ? 8.676   -8.489  3.771   1.00 20.22 ? 45  HIS A CG  1 
ATOM   370  N ND1 . HIS A 1 48  ? 7.552   -8.527  2.967   1.00 21.80 ? 45  HIS A ND1 1 
ATOM   371  C CD2 . HIS A 1 48  ? 8.388   -9.254  4.854   1.00 20.19 ? 45  HIS A CD2 1 
ATOM   372  C CE1 . HIS A 1 48  ? 6.619   -9.262  3.546   1.00 21.13 ? 45  HIS A CE1 1 
ATOM   373  N NE2 . HIS A 1 48  ? 7.107   -9.731  4.685   1.00 19.21 ? 45  HIS A NE2 1 
ATOM   374  N N   . GLY A 1 49  ? 12.370  -7.706  0.608   1.00 29.37 ? 46  GLY A N   1 
ATOM   375  C CA  . GLY A 1 49  ? 13.735  -7.349  0.277   1.00 34.96 ? 46  GLY A CA  1 
ATOM   376  C C   . GLY A 1 49  ? 13.948  -5.909  -0.148  1.00 40.52 ? 46  GLY A C   1 
ATOM   377  O O   . GLY A 1 49  ? 15.006  -5.338  0.132   1.00 59.23 ? 46  GLY A O   1 
ATOM   378  N N   . GLY A 1 50  ? 12.973  -5.303  -0.825  1.00 32.86 ? 47  GLY A N   1 
ATOM   379  C CA  . GLY A 1 50  ? 13.168  -3.976  -1.367  1.00 29.29 ? 47  GLY A CA  1 
ATOM   380  C C   . GLY A 1 50  ? 11.864  -3.212  -1.458  1.00 33.14 ? 47  GLY A C   1 
ATOM   381  O O   . GLY A 1 50  ? 10.792  -3.720  -1.118  1.00 29.86 ? 47  GLY A O   1 
ATOM   382  N N   . GLY A 1 51  ? 11.972  -1.972  -1.930  1.00 32.56 ? 48  GLY A N   1 
ATOM   383  C CA  . GLY A 1 51  ? 10.792  -1.155  -2.081  1.00 29.73 ? 48  GLY A CA  1 
ATOM   384  C C   . GLY A 1 51  ? 10.119  -0.923  -0.741  1.00 27.99 ? 48  GLY A C   1 
ATOM   385  O O   . GLY A 1 51  ? 10.754  -0.892  0.328   1.00 27.79 ? 48  GLY A O   1 
ATOM   386  N N   A VAL A 1 52  ? 8.796   -0.746  -0.817  0.65 26.03 ? 49  VAL A N   1 
ATOM   387  N N   B VAL A 1 52  ? 8.798   -0.784  -0.781  0.35 26.02 ? 49  VAL A N   1 
ATOM   388  C CA  A VAL A 1 52  ? 7.966   -0.537  0.368   0.65 22.74 ? 49  VAL A CA  1 
ATOM   389  C CA  B VAL A 1 52  ? 8.101   -0.476  0.459   0.35 22.53 ? 49  VAL A CA  1 
ATOM   390  C C   A VAL A 1 52  ? 8.158   -1.668  1.364   0.65 20.96 ? 49  VAL A C   1 
ATOM   391  C C   B VAL A 1 52  ? 8.105   -1.677  1.402   0.35 21.07 ? 49  VAL A C   1 
ATOM   392  O O   A VAL A 1 52  ? 8.291   -1.436  2.571   0.65 24.10 ? 49  VAL A O   1 
ATOM   393  O O   B VAL A 1 52  ? 8.081   -1.501  2.628   0.35 23.63 ? 49  VAL A O   1 
ATOM   394  C CB  A VAL A 1 52  ? 6.487   -0.399  -0.049  0.65 22.71 ? 49  VAL A CB  1 
ATOM   395  C CB  B VAL A 1 52  ? 6.680   0.027   0.150   0.35 25.11 ? 49  VAL A CB  1 
ATOM   396  C CG1 A VAL A 1 52  ? 5.565   -0.423  1.180   0.65 21.57 ? 49  VAL A CG1 1 
ATOM   397  C CG1 B VAL A 1 52  ? 5.844   -1.081  -0.407  0.35 18.06 ? 49  VAL A CG1 1 
ATOM   398  C CG2 A VAL A 1 52  ? 6.278   0.891   -0.840  0.65 27.56 ? 49  VAL A CG2 1 
ATOM   399  C CG2 B VAL A 1 52  ? 6.039   0.598   1.391   0.35 28.46 ? 49  VAL A CG2 1 
ATOM   400  N N   . ALA A 1 53  ? 8.160   -2.908  0.870   1.00 20.90 ? 50  ALA A N   1 
ATOM   401  C CA  . ALA A 1 53  ? 8.209   -4.071  1.753   1.00 18.20 ? 50  ALA A CA  1 
ATOM   402  C C   . ALA A 1 53  ? 9.505   -4.088  2.550   1.00 19.04 ? 50  ALA A C   1 
ATOM   403  O O   . ALA A 1 53  ? 9.499   -4.324  3.764   1.00 22.73 ? 50  ALA A O   1 
ATOM   404  C CB  . ALA A 1 53  ? 8.044   -5.352  0.937   1.00 21.75 ? 50  ALA A CB  1 
ATOM   405  N N   . GLY A 1 54  ? 10.615  -3.794  1.885   1.00 21.49 ? 51  GLY A N   1 
ATOM   406  C CA  . GLY A 1 54  ? 11.887  -3.755  2.587   1.00 23.46 ? 51  GLY A CA  1 
ATOM   407  C C   . GLY A 1 54  ? 11.928  -2.670  3.640   1.00 22.14 ? 51  GLY A C   1 
ATOM   408  O O   . GLY A 1 54  ? 12.462  -2.878  4.736   1.00 25.95 ? 51  GLY A O   1 
ATOM   409  N N   . ALA A 1 55  ? 11.354  -1.505  3.334   1.00 24.05 ? 52  ALA A N   1 
ATOM   410  C CA  . ALA A 1 55  ? 11.328  -0.404  4.286   1.00 25.06 ? 52  ALA A CA  1 
ATOM   411  C C   . ALA A 1 55  ? 10.489  -0.745  5.503   1.00 23.02 ? 52  ALA A C   1 
ATOM   412  O O   . ALA A 1 55  ? 10.896  -0.484  6.642   1.00 24.39 ? 52  ALA A O   1 
ATOM   413  C CB  . ALA A 1 55  ? 10.800  0.867   3.614   1.00 28.51 ? 52  ALA A CB  1 
ATOM   414  N N   . LEU A 1 56  ? 9.289   -1.303  5.287   1.00 19.68 ? 53  LEU A N   1 
ATOM   415  C CA  . LEU A 1 56  ? 8.451   -1.642  6.434   1.00 20.85 ? 53  LEU A CA  1 
ATOM   416  C C   . LEU A 1 56  ? 9.133   -2.685  7.307   1.00 21.87 ? 53  LEU A C   1 
ATOM   417  O O   . LEU A 1 56  ? 9.114   -2.589  8.542   1.00 24.06 ? 53  LEU A O   1 
ATOM   418  C CB  . LEU A 1 56  ? 7.078   -2.160  5.983   1.00 21.58 ? 53  LEU A CB  1 
ATOM   419  C CG  . LEU A 1 56  ? 6.159   -1.177  5.261   1.00 20.41 ? 53  LEU A CG  1 
ATOM   420  C CD1 . LEU A 1 56  ? 4.954   -1.918  4.651   1.00 22.98 ? 53  LEU A CD1 1 
ATOM   421  C CD2 . LEU A 1 56  ? 5.707   -0.099  6.220   1.00 25.94 ? 53  LEU A CD2 1 
ATOM   422  N N   . ASN A 1 57  ? 9.722   -3.698  6.680   1.00 19.07 ? 54  ASN A N   1 
ATOM   423  C CA  . ASN A 1 57  ? 10.381  -4.756  7.435   1.00 19.94 ? 54  ASN A CA  1 
ATOM   424  C C   . ASN A 1 57  ? 11.538  -4.199  8.252   1.00 26.05 ? 54  ASN A C   1 
ATOM   425  O O   . ASN A 1 57  ? 11.689  -4.535  9.432   1.00 24.80 ? 54  ASN A O   1 
ATOM   426  C CB  . ASN A 1 57  ? 10.912  -5.837  6.500   1.00 20.83 ? 54  ASN A CB  1 
ATOM   427  C CG  . ASN A 1 57  ? 11.597  -6.956  7.258   1.00 29.16 ? 54  ASN A CG  1 
ATOM   428  O OD1 . ASN A 1 57  ? 11.075  -7.443  8.260   1.00 24.74 ? 54  ASN A OD1 1 
ATOM   429  N ND2 . ASN A 1 57  ? 12.820  -7.268  6.870   1.00 27.89 ? 54  ASN A ND2 1 
ATOM   430  N N   A LYS A 1 58  ? 12.383  -3.366  7.624   0.46 28.58 ? 55  LYS A N   1 
ATOM   431  N N   B LYS A 1 58  ? 12.369  -3.356  7.630   0.54 28.59 ? 55  LYS A N   1 
ATOM   432  C CA  A LYS A 1 58  ? 13.509  -2.752  8.334   0.46 31.92 ? 55  LYS A CA  1 
ATOM   433  C CA  B LYS A 1 58  ? 13.503  -2.768  8.342   0.54 31.94 ? 55  LYS A CA  1 
ATOM   434  C C   A LYS A 1 58  ? 13.040  -1.995  9.566   0.46 30.24 ? 55  LYS A C   1 
ATOM   435  C C   B LYS A 1 58  ? 13.047  -1.984  9.563   0.54 30.25 ? 55  LYS A C   1 
ATOM   436  O O   A LYS A 1 58  ? 13.690  -2.040  10.620  0.46 28.53 ? 55  LYS A O   1 
ATOM   437  O O   B LYS A 1 58  ? 13.711  -2.008  10.609  0.54 28.53 ? 55  LYS A O   1 
ATOM   438  C CB  A LYS A 1 58  ? 14.279  -1.812  7.402   0.46 31.13 ? 55  LYS A CB  1 
ATOM   439  C CB  B LYS A 1 58  ? 14.303  -1.875  7.397   0.54 31.05 ? 55  LYS A CB  1 
ATOM   440  C CG  A LYS A 1 58  ? 15.358  -0.966  8.109   0.46 40.46 ? 55  LYS A CG  1 
ATOM   441  C CG  B LYS A 1 58  ? 15.704  -2.375  7.170   0.54 41.18 ? 55  LYS A CG  1 
ATOM   442  C CD  A LYS A 1 58  ? 15.657  0.338   7.361   0.46 52.27 ? 55  LYS A CD  1 
ATOM   443  C CD  B LYS A 1 58  ? 15.673  -3.843  6.792   0.54 46.87 ? 55  LYS A CD  1 
ATOM   444  C CE  A LYS A 1 58  ? 16.884  1.056   7.923   0.46 61.78 ? 55  LYS A CE  1 
ATOM   445  C CE  B LYS A 1 58  ? 17.018  -4.506  7.042   0.54 54.84 ? 55  LYS A CE  1 
ATOM   446  N NZ  A LYS A 1 58  ? 16.693  1.511   9.332   0.46 64.47 ? 55  LYS A NZ  1 
ATOM   447  N NZ  B LYS A 1 58  ? 17.496  -4.250  8.431   0.54 63.34 ? 55  LYS A NZ  1 
ATOM   448  N N   . ALA A 1 59  ? 11.906  -1.300  9.457   1.00 23.23 ? 56  ALA A N   1 
ATOM   449  C CA  . ALA A 1 59  ? 11.369  -0.558  10.584  1.00 24.63 ? 56  ALA A CA  1 
ATOM   450  C C   . ALA A 1 59  ? 10.898  -1.456  11.721  1.00 32.52 ? 56  ALA A C   1 
ATOM   451  O O   . ALA A 1 59  ? 10.762  -0.968  12.851  1.00 27.34 ? 56  ALA A O   1 
ATOM   452  C CB  . ALA A 1 59  ? 10.226  0.342   10.103  1.00 29.77 ? 56  ALA A CB  1 
ATOM   453  N N   . THR A 1 60  ? 10.630  -2.744  11.456  1.00 25.74 ? 57  THR A N   1 
ATOM   454  C CA  . THR A 1 60  ? 10.335  -3.691  12.523  1.00 27.50 ? 57  THR A CA  1 
ATOM   455  C C   . THR A 1 60  ? 11.597  -4.411  12.992  1.00 28.19 ? 57  THR A C   1 
ATOM   456  O O   . THR A 1 60  ? 11.499  -5.361  13.777  1.00 30.90 ? 57  THR A O   1 
ATOM   457  C CB  . THR A 1 60  ? 9.276   -4.719  12.081  1.00 25.96 ? 57  THR A CB  1 
ATOM   458  O OG1 . THR A 1 60  ? 9.828   -5.631  11.122  1.00 24.25 ? 57  THR A OG1 1 
ATOM   459  C CG2 . THR A 1 60  ? 8.069   -4.028  11.452  1.00 31.14 ? 57  THR A CG2 1 
ATOM   460  N N   A ASN A 1 61  ? 12.765  -4.073  12.440  0.95 29.21 ? 58  ASN A N   1 
ATOM   461  N N   B ASN A 1 61  ? 12.762  -3.874  12.612  0.05 29.46 ? 58  ASN A N   1 
ATOM   462  C CA  A ASN A 1 61  ? 14.017  -4.778  12.740  0.95 28.53 ? 58  ASN A CA  1 
ATOM   463  C CA  B ASN A 1 61  ? 14.072  -4.452  12.871  0.05 29.73 ? 58  ASN A CA  1 
ATOM   464  C C   A ASN A 1 61  ? 13.877  -6.283  12.538  0.95 36.84 ? 58  ASN A C   1 
ATOM   465  C C   B ASN A 1 61  ? 14.003  -5.946  12.611  0.05 32.34 ? 58  ASN A C   1 
ATOM   466  O O   A ASN A 1 61  ? 14.305  -7.089  13.373  0.95 28.77 ? 58  ASN A O   1 
ATOM   467  O O   B ASN A 1 61  ? 14.521  -6.756  13.387  0.05 30.23 ? 58  ASN A O   1 
ATOM   468  C CB  A ASN A 1 61  ? 14.499  -4.459  14.150  0.95 32.62 ? 58  ASN A CB  1 
ATOM   469  C CB  B ASN A 1 61  ? 14.544  -4.109  14.284  0.05 31.52 ? 58  ASN A CB  1 
ATOM   470  C CG  A ASN A 1 61  ? 14.540  -2.976  14.413  0.95 28.98 ? 58  ASN A CG  1 
ATOM   471  C CG  B ASN A 1 61  ? 14.583  -2.607  14.532  0.05 30.99 ? 58  ASN A CG  1 
ATOM   472  O OD1 A ASN A 1 61  ? 15.519  -2.312  14.074  0.95 37.78 ? 58  ASN A OD1 1 
ATOM   473  O OD1 B ASN A 1 61  ? 15.573  -1.940  14.224  0.05 34.95 ? 58  ASN A OD1 1 
ATOM   474  N ND2 A ASN A 1 61  ? 13.505  -2.456  15.065  0.95 28.82 ? 58  ASN A ND2 1 
ATOM   475  N ND2 B ASN A 1 61  ? 13.510  -2.070  15.097  0.05 31.38 ? 58  ASN A ND2 1 
ATOM   476  N N   A ASN A 1 62  ? 13.226  -6.658  11.438  0.95 30.42 ? 59  ASN A N   1 
ATOM   477  N N   B ASN A 1 62  ? 13.315  -6.290  11.518  0.05 30.39 ? 59  ASN A N   1 
ATOM   478  C CA  A ASN A 1 62  ? 13.179  -7.990  10.857  0.95 26.84 ? 59  ASN A CA  1 
ATOM   479  C CA  B ASN A 1 62  ? 13.182  -7.627  10.955  0.05 28.90 ? 59  ASN A CA  1 
ATOM   480  C C   A ASN A 1 62  ? 12.109  -8.835  11.537  0.95 28.70 ? 59  ASN A C   1 
ATOM   481  C C   B ASN A 1 62  ? 12.187  -8.500  11.710  0.05 28.63 ? 59  ASN A C   1 
ATOM   482  O O   A ASN A 1 62  ? 11.933  -10.016 11.173  0.95 30.33 ? 59  ASN A O   1 
ATOM   483  O O   B ASN A 1 62  ? 12.227  -9.726  11.577  0.05 29.43 ? 59  ASN A O   1 
ATOM   484  C CB  A ASN A 1 62  ? 14.538  -8.699  10.943  0.95 30.04 ? 59  ASN A CB  1 
ATOM   485  C CB  B ASN A 1 62  ? 14.541  -8.329  10.867  0.05 31.38 ? 59  ASN A CB  1 
ATOM   486  C CG  A ASN A 1 62  ? 15.154  -8.942  9.595   0.95 45.95 ? 59  ASN A CG  1 
ATOM   487  C CG  B ASN A 1 62  ? 15.236  -8.074  9.546   0.05 36.67 ? 59  ASN A CG  1 
ATOM   488  O OD1 A ASN A 1 62  ? 14.463  -9.187  8.609   0.95 38.45 ? 59  ASN A OD1 1 
ATOM   489  O OD1 B ASN A 1 62  ? 15.126  -8.863  8.609   0.05 37.20 ? 59  ASN A OD1 1 
ATOM   490  N ND2 A ASN A 1 62  ? 16.476  -8.840  9.534   0.95 55.88 ? 59  ASN A ND2 1 
ATOM   491  N ND2 B ASN A 1 62  ? 15.953  -6.959  9.464   0.05 36.87 ? 59  ASN A ND2 1 
ATOM   492  N N   A ALA A 1 63  ? 11.386  -8.288  12.517  0.95 23.83 ? 60  ALA A N   1 
ATOM   493  N N   B ALA A 1 63  ? 11.276  -7.910  12.491  0.05 26.72 ? 60  ALA A N   1 
ATOM   494  C CA  A ALA A 1 63  ? 10.287  -9.030  13.115  0.95 26.92 ? 60  ALA A CA  1 
ATOM   495  C CA  B ALA A 1 63  ? 10.262  -8.713  13.172  0.05 27.66 ? 60  ALA A CA  1 
ATOM   496  C C   A ALA A 1 63  ? 9.270   -9.429  12.058  0.95 26.66 ? 60  ALA A C   1 
ATOM   497  C C   B ALA A 1 63  ? 9.212   -9.242  12.201  0.05 26.82 ? 60  ALA A C   1 
ATOM   498  O O   A ALA A 1 63  ? 8.731   -10.538 12.096  0.95 30.17 ? 60  ALA A O   1 
ATOM   499  O O   B ALA A 1 63  ? 8.594   -10.281 12.456  0.05 28.70 ? 60  ALA A O   1 
ATOM   500  C CB  A ALA A 1 63  ? 9.617   -8.200  14.208  0.95 31.12 ? 60  ALA A CB  1 
ATOM   501  C CB  B ALA A 1 63  ? 9.590   -7.891  14.274  0.05 30.45 ? 60  ALA A CB  1 
ATOM   502  N N   . MET A 1 64  ? 9.006   -8.541  11.088  1.00 24.45 ? 61  MET A N   1 
ATOM   503  C CA  . MET A 1 64  ? 7.998   -8.877  10.089  1.00 20.56 ? 61  MET A CA  1 
ATOM   504  C C   . MET A 1 64  ? 8.468   -10.013 9.195   1.00 20.81 ? 61  MET A C   1 
ATOM   505  O O   . MET A 1 64  ? 7.663   -10.858 8.792   1.00 23.81 ? 61  MET A O   1 
ATOM   506  C CB  . MET A 1 64  ? 7.643   -7.626  9.263   1.00 23.73 ? 61  MET A CB  1 
ATOM   507  C CG  . MET A 1 64  ? 6.664   -7.836  8.116   1.00 22.83 ? 61  MET A CG  1 
ATOM   508  S SD  . MET A 1 64  ? 6.638   -6.356  7.054   1.00 25.67 ? 61  MET A SD  1 
ATOM   509  C CE  . MET A 1 64  ? 5.456   -5.386  8.000   1.00 28.90 ? 61  MET A CE  1 
ATOM   510  N N   . GLN A 1 65  ? 9.763   -10.065 8.881   1.00 22.79 ? 62  GLN A N   1 
ATOM   511  C CA  . GLN A 1 65  ? 10.228  -11.155 8.028   1.00 24.17 ? 62  GLN A CA  1 
ATOM   512  C C   . GLN A 1 65  ? 10.140  -12.497 8.766   1.00 27.31 ? 62  GLN A C   1 
ATOM   513  O O   . GLN A 1 65  ? 9.729   -13.511 8.192   1.00 25.34 ? 62  GLN A O   1 
ATOM   514  C CB  . GLN A 1 65  ? 11.655  -10.883 7.553   1.00 24.69 ? 62  GLN A CB  1 
ATOM   515  C CG  . GLN A 1 65  ? 12.143  -11.879 6.507   1.00 21.54 ? 62  GLN A CG  1 
ATOM   516  C CD  . GLN A 1 65  ? 11.359  -11.741 5.202   1.00 22.80 ? 62  GLN A CD  1 
ATOM   517  O OE1 . GLN A 1 65  ? 11.570  -10.791 4.444   1.00 26.26 ? 62  GLN A OE1 1 
ATOM   518  N NE2 . GLN A 1 65  ? 10.459  -12.686 4.937   1.00 21.99 ? 62  GLN A NE2 1 
ATOM   519  N N   . VAL A 1 66  ? 10.497  -12.518 10.050  1.00 26.53 ? 63  VAL A N   1 
ATOM   520  C CA  . VAL A 1 66  ? 10.449  -13.775 10.797  1.00 27.14 ? 63  VAL A CA  1 
ATOM   521  C C   . VAL A 1 66  ? 9.030   -14.331 10.838  1.00 28.10 ? 63  VAL A C   1 
ATOM   522  O O   . VAL A 1 66  ? 8.801   -15.529 10.596  1.00 28.82 ? 63  VAL A O   1 
ATOM   523  C CB  . VAL A 1 66  ? 11.036  -13.553 12.203  1.00 29.73 ? 63  VAL A CB  1 
ATOM   524  C CG1 . VAL A 1 66  ? 10.973  -14.808 13.009  1.00 33.92 ? 63  VAL A CG1 1 
ATOM   525  C CG2 . VAL A 1 66  ? 12.477  -13.126 12.083  1.00 30.75 ? 63  VAL A CG2 1 
ATOM   526  N N   . GLU A 1 67  ? 8.051   -13.465 11.102  1.00 24.39 ? 64  GLU A N   1 
ATOM   527  C CA  . GLU A 1 67  ? 6.657   -13.878 11.117  1.00 24.89 ? 64  GLU A CA  1 
ATOM   528  C C   . GLU A 1 67  ? 6.207   -14.336 9.734   1.00 31.46 ? 64  GLU A C   1 
ATOM   529  O O   . GLU A 1 67  ? 5.466   -15.317 9.606   1.00 32.71 ? 64  GLU A O   1 
ATOM   530  C CB  . GLU A 1 67  ? 5.791   -12.717 11.599  1.00 26.11 ? 64  GLU A CB  1 
ATOM   531  C CG  . GLU A 1 67  ? 4.301   -13.014 11.584  1.00 25.43 ? 64  GLU A CG  1 
ATOM   532  C CD  . GLU A 1 67  ? 3.469   -11.756 11.765  1.00 26.39 ? 64  GLU A CD  1 
ATOM   533  O OE1 . GLU A 1 67  ? 3.972   -10.663 11.396  1.00 30.80 ? 64  GLU A OE1 1 
ATOM   534  O OE2 . GLU A 1 67  ? 2.335   -11.853 12.296  1.00 27.91 ? 64  GLU A OE2 1 
ATOM   535  N N   . SER A 1 68  ? 6.643   -13.625 8.684   1.00 25.26 ? 65  SER A N   1 
ATOM   536  C CA  . SER A 1 68  ? 6.244   -13.967 7.323   1.00 23.13 ? 65  SER A CA  1 
ATOM   537  C C   . SER A 1 68  ? 6.780   -15.335 6.912   1.00 25.66 ? 65  SER A C   1 
ATOM   538  O O   . SER A 1 68  ? 6.061   -16.125 6.277   1.00 29.49 ? 65  SER A O   1 
ATOM   539  C CB  . SER A 1 68  ? 6.731   -12.895 6.345   1.00 23.29 ? 65  SER A CB  1 
ATOM   540  O OG  . SER A 1 68  ? 6.131   -11.640 6.620   1.00 21.69 ? 65  SER A OG  1 
ATOM   541  N N   . ASP A 1 69  ? 8.046   -15.612 7.238   1.00 23.37 ? 66  ASP A N   1 
ATOM   542  C CA  . ASP A 1 69  ? 8.615   -16.929 6.953   1.00 32.96 ? 66  ASP A CA  1 
ATOM   543  C C   . ASP A 1 69  ? 7.780   -18.033 7.588   1.00 39.54 ? 66  ASP A C   1 
ATOM   544  O O   . ASP A 1 69  ? 7.566   -19.093 6.984   1.00 33.59 ? 66  ASP A O   1 
ATOM   545  C CB  . ASP A 1 69  ? 10.059  -17.013 7.446   1.00 32.42 ? 66  ASP A CB  1 
ATOM   546  C CG  . ASP A 1 69  ? 11.013  -16.127 6.660   1.00 36.92 ? 66  ASP A CG  1 
ATOM   547  O OD1 . ASP A 1 69  ? 10.674  -15.711 5.533   1.00 39.20 ? 66  ASP A OD1 1 
ATOM   548  O OD2 . ASP A 1 69  ? 12.125  -15.865 7.164   1.00 38.12 ? 66  ASP A OD2 1 
ATOM   549  N N   . ASP A 1 70  ? 7.291   -17.792 8.804   1.00 31.86 ? 67  ASP A N   1 
ATOM   550  C CA  . ASP A 1 70  ? 6.445   -18.764 9.483   1.00 35.14 ? 67  ASP A CA  1 
ATOM   551  C C   . ASP A 1 70  ? 5.137   -18.982 8.735   1.00 40.75 ? 67  ASP A C   1 
ATOM   552  O O   . ASP A 1 70  ? 4.673   -20.119 8.576   1.00 32.34 ? 67  ASP A O   1 
ATOM   553  C CB  . ASP A 1 70  ? 6.175   -18.278 10.908  1.00 42.78 ? 67  ASP A CB  1 
ATOM   554  C CG  . ASP A 1 70  ? 5.424   -19.283 11.735  1.00 48.27 ? 67  ASP A CG  1 
ATOM   555  O OD1 . ASP A 1 70  ? 6.068   -20.250 12.192  1.00 43.46 ? 67  ASP A OD1 1 
ATOM   556  O OD2 . ASP A 1 70  ? 4.200   -19.101 11.926  1.00 44.91 ? 67  ASP A OD2 1 
ATOM   557  N N   . TYR A 1 71  ? 4.507   -17.895 8.291   1.00 26.98 ? 68  TYR A N   1 
ATOM   558  C CA  . TYR A 1 71  ? 3.264   -18.042 7.551   1.00 28.40 ? 68  TYR A CA  1 
ATOM   559  C C   . TYR A 1 71  ? 3.487   -18.801 6.251   1.00 35.33 ? 68  TYR A C   1 
ATOM   560  O O   . TYR A 1 71  ? 2.668   -19.650 5.874   1.00 32.97 ? 68  TYR A O   1 
ATOM   561  C CB  . TYR A 1 71  ? 2.643   -16.670 7.285   1.00 25.29 ? 68  TYR A CB  1 
ATOM   562  C CG  . TYR A 1 71  ? 1.308   -16.727 6.571   1.00 27.17 ? 68  TYR A CG  1 
ATOM   563  C CD1 . TYR A 1 71  ? 0.129   -16.873 7.298   1.00 27.37 ? 68  TYR A CD1 1 
ATOM   564  C CD2 . TYR A 1 71  ? 1.216   -16.586 5.189   1.00 28.08 ? 68  TYR A CD2 1 
ATOM   565  C CE1 . TYR A 1 71  ? -1.100  -16.912 6.679   1.00 29.00 ? 68  TYR A CE1 1 
ATOM   566  C CE2 . TYR A 1 71  ? -0.016  -16.614 4.555   1.00 25.16 ? 68  TYR A CE2 1 
ATOM   567  C CZ  . TYR A 1 71  ? -1.169  -16.770 5.309   1.00 27.78 ? 68  TYR A CZ  1 
ATOM   568  O OH  . TYR A 1 71  ? -2.401  -16.805 4.702   1.00 32.29 ? 68  TYR A OH  1 
ATOM   569  N N   . ILE A 1 72  ? 4.591   -18.518 5.552   1.00 27.77 ? 69  ILE A N   1 
ATOM   570  C CA  . ILE A 1 72  ? 4.804   -19.169 4.260   1.00 29.61 ? 69  ILE A CA  1 
ATOM   571  C C   . ILE A 1 72  ? 5.052   -20.664 4.452   1.00 37.69 ? 69  ILE A C   1 
ATOM   572  O O   . ILE A 1 72  ? 4.674   -21.477 3.604   1.00 34.76 ? 69  ILE A O   1 
ATOM   573  C CB  . ILE A 1 72  ? 5.951   -18.484 3.495   1.00 31.64 ? 69  ILE A CB  1 
ATOM   574  C CG1 . ILE A 1 72  ? 5.485   -17.114 3.013   1.00 25.26 ? 69  ILE A CG1 1 
ATOM   575  C CG2 . ILE A 1 72  ? 6.401   -19.311 2.305   1.00 34.78 ? 69  ILE A CG2 1 
ATOM   576  C CD1 . ILE A 1 72  ? 4.254   -17.152 2.134   1.00 30.00 ? 69  ILE A CD1 1 
ATOM   577  N N   . ALA A 1 73  ? 5.658   -21.050 5.573   1.00 43.37 ? 70  ALA A N   1 
ATOM   578  C CA  . ALA A 1 73  ? 5.835   -22.465 5.879   1.00 36.26 ? 70  ALA A CA  1 
ATOM   579  C C   . ALA A 1 73  ? 4.519   -23.209 6.085   1.00 47.77 ? 70  ALA A C   1 
ATOM   580  O O   . ALA A 1 73  ? 4.493   -24.434 5.959   1.00 46.12 ? 70  ALA A O   1 
ATOM   581  C CB  . ALA A 1 73  ? 6.685   -22.605 7.131   1.00 33.71 ? 70  ALA A CB  1 
ATOM   582  N N   . THR A 1 74  ? 3.427   -22.512 6.421   1.00 33.43 ? 71  THR A N   1 
ATOM   583  C CA  . THR A 1 74  ? 2.121   -23.134 6.638   1.00 35.08 ? 71  THR A CA  1 
ATOM   584  C C   . THR A 1 74  ? 1.275   -23.153 5.386   1.00 46.35 ? 71  THR A C   1 
ATOM   585  O O   . THR A 1 74  ? 0.573   -24.136 5.114   1.00 42.94 ? 71  THR A O   1 
ATOM   586  C CB  . THR A 1 74  ? 1.320   -22.352 7.658   1.00 51.04 ? 71  THR A CB  1 
ATOM   587  O OG1 . THR A 1 74  ? 1.094   -21.016 7.162   1.00 61.09 ? 71  THR A OG1 1 
ATOM   588  C CG2 . THR A 1 74  ? 2.088   -22.382 9.006   1.00 47.16 ? 71  THR A CG2 1 
ATOM   589  N N   . ASN A 1 75  ? 1.282   -22.035 4.683   1.00 30.52 ? 72  ASN A N   1 
ATOM   590  C CA  . ASN A 1 75  ? 0.319   -21.763 3.632   1.00 31.25 ? 72  ASN A CA  1 
ATOM   591  C C   . ASN A 1 75  ? 0.914   -21.979 2.255   1.00 35.62 ? 72  ASN A C   1 
ATOM   592  O O   . ASN A 1 75  ? 0.166   -22.134 1.286   1.00 33.66 ? 72  ASN A O   1 
ATOM   593  C CB  . ASN A 1 75  ? -0.151  -20.309 3.798   1.00 37.79 ? 72  ASN A CB  1 
ATOM   594  C CG  . ASN A 1 75  ? -1.029  -19.831 2.662   1.00 38.14 ? 72  ASN A CG  1 
ATOM   595  O OD1 . ASN A 1 75  ? -2.236  -20.039 2.681   1.00 47.21 ? 72  ASN A OD1 1 
ATOM   596  N ND2 . ASN A 1 75  ? -0.436  -19.131 1.691   1.00 34.08 ? 72  ASN A ND2 1 
ATOM   597  N N   . GLY A 1 76  ? 2.242   -22.008 2.156   1.00 30.90 ? 73  GLY A N   1 
ATOM   598  C CA  . GLY A 1 76  ? 2.879   -21.903 0.871   1.00 32.44 ? 73  GLY A CA  1 
ATOM   599  C C   . GLY A 1 76  ? 2.736   -20.486 0.348   1.00 26.58 ? 73  GLY A C   1 
ATOM   600  O O   . GLY A 1 76  ? 2.287   -19.586 1.067   1.00 33.96 ? 73  GLY A O   1 
ATOM   601  N N   . PRO A 1 77  ? 3.133   -20.259 -0.904  1.00 29.32 ? 74  PRO A N   1 
ATOM   602  C CA  . PRO A 1 77  ? 3.079   -18.899 -1.470  1.00 23.12 ? 74  PRO A CA  1 
ATOM   603  C C   . PRO A 1 77  ? 1.645   -18.406 -1.589  1.00 24.68 ? 74  PRO A C   1 
ATOM   604  O O   . PRO A 1 77  ? 0.697   -19.191 -1.700  1.00 30.38 ? 74  PRO A O   1 
ATOM   605  C CB  . PRO A 1 77  ? 3.723   -19.054 -2.855  1.00 26.67 ? 74  PRO A CB  1 
ATOM   606  C CG  . PRO A 1 77  ? 3.749   -20.507 -3.135  1.00 39.82 ? 74  PRO A CG  1 
ATOM   607  C CD  . PRO A 1 77  ? 3.705   -21.245 -1.842  1.00 29.52 ? 74  PRO A CD  1 
ATOM   608  N N   . LEU A 1 78  ? 1.499   -17.090 -1.517  1.00 24.30 ? 75  LEU A N   1 
ATOM   609  C CA  . LEU A 1 78  ? 0.249   -16.430 -1.802  1.00 20.96 ? 75  LEU A CA  1 
ATOM   610  C C   . LEU A 1 78  ? -0.015  -16.511 -3.301  1.00 27.79 ? 75  LEU A C   1 
ATOM   611  O O   . LEU A 1 78  ? 0.867   -16.866 -4.101  1.00 29.27 ? 75  LEU A O   1 
ATOM   612  C CB  . LEU A 1 78  ? 0.301   -14.968 -1.344  1.00 23.15 ? 75  LEU A CB  1 
ATOM   613  C CG  . LEU A 1 78  ? 0.002   -14.657 0.140   1.00 34.32 ? 75  LEU A CG  1 
ATOM   614  C CD1 . LEU A 1 78  ? 0.994   -15.379 1.054   1.00 40.13 ? 75  LEU A CD1 1 
ATOM   615  C CD2 . LEU A 1 78  ? -0.001  -13.136 0.416   1.00 27.91 ? 75  LEU A CD2 1 
ATOM   616  N N   . LYS A 1 79  ? -1.240  -16.155 -3.696  1.00 21.87 ? 76  LYS A N   1 
ATOM   617  C CA  . LYS A 1 79  ? -1.595  -16.057 -5.108  1.00 24.50 ? 76  LYS A CA  1 
ATOM   618  C C   . LYS A 1 79  ? -1.595  -14.584 -5.491  1.00 26.45 ? 76  LYS A C   1 
ATOM   619  O O   . LYS A 1 79  ? -1.895  -13.718 -4.662  1.00 28.12 ? 76  LYS A O   1 
ATOM   620  C CB  . LYS A 1 79  ? -3.003  -16.630 -5.321  1.00 31.66 ? 76  LYS A CB  1 
ATOM   621  C CG  . LYS A 1 79  ? -3.021  -18.151 -4.995  1.00 46.32 ? 76  LYS A CG  1 
ATOM   622  C CD  . LYS A 1 79  ? -3.956  -18.970 -5.831  1.00 71.23 ? 76  LYS A CD  1 
ATOM   623  C CE  . LYS A 1 79  ? -5.332  -18.814 -5.275  1.00 81.88 ? 76  LYS A CE  1 
ATOM   624  N NZ  . LYS A 1 79  ? -6.166  -20.000 -5.686  1.00 92.14 ? 76  LYS A NZ  1 
ATOM   625  N N   . VAL A 1 80  ? -1.326  -14.299 -6.763  1.00 24.45 ? 77  VAL A N   1 
ATOM   626  C CA  . VAL A 1 80  ? -1.451  -12.925 -7.243  1.00 23.35 ? 77  VAL A CA  1 
ATOM   627  C C   . VAL A 1 80  ? -2.895  -12.464 -7.099  1.00 24.75 ? 77  VAL A C   1 
ATOM   628  O O   . VAL A 1 80  ? -3.834  -13.185 -7.456  1.00 23.93 ? 77  VAL A O   1 
ATOM   629  C CB  . VAL A 1 80  ? -0.957  -12.833 -8.694  1.00 22.83 ? 77  VAL A CB  1 
ATOM   630  C CG1 . VAL A 1 80  ? -1.074  -11.404 -9.225  1.00 23.56 ? 77  VAL A CG1 1 
ATOM   631  C CG2 . VAL A 1 80  ? 0.484   -13.325 -8.741  1.00 29.15 ? 77  VAL A CG2 1 
ATOM   632  N N   . GLY A 1 81  ? -3.090  -11.258 -6.554  1.00 20.78 ? 78  GLY A N   1 
ATOM   633  C CA  . GLY A 1 81  ? -4.416  -10.799 -6.197  1.00 18.80 ? 78  GLY A CA  1 
ATOM   634  C C   . GLY A 1 81  ? -4.822  -11.105 -4.781  1.00 24.08 ? 78  GLY A C   1 
ATOM   635  O O   . GLY A 1 81  ? -5.797  -10.520 -4.291  1.00 26.22 ? 78  GLY A O   1 
ATOM   636  N N   . GLY A 1 82  ? -4.087  -11.993 -4.104  1.00 19.52 ? 79  GLY A N   1 
ATOM   637  C CA  . GLY A 1 82  ? -4.432  -12.409 -2.765  1.00 22.43 ? 79  GLY A CA  1 
ATOM   638  C C   . GLY A 1 82  ? -3.741  -11.581 -1.705  1.00 26.10 ? 79  GLY A C   1 
ATOM   639  O O   . GLY A 1 82  ? -2.954  -10.681 -1.988  1.00 22.97 ? 79  GLY A O   1 
ATOM   640  N N   . SER A 1 83  ? -4.036  -11.921 -0.455  1.00 20.78 ? 80  SER A N   1 
ATOM   641  C CA  . SER A 1 83  ? -3.576  -11.159 0.700   1.00 20.98 ? 80  SER A CA  1 
ATOM   642  C C   . SER A 1 83  ? -3.561  -12.051 1.933   1.00 26.86 ? 80  SER A C   1 
ATOM   643  O O   . SER A 1 83  ? -4.107  -13.155 1.944   1.00 26.19 ? 80  SER A O   1 
ATOM   644  C CB  . SER A 1 83  ? -4.459  -9.940  0.933   1.00 22.39 ? 80  SER A CB  1 
ATOM   645  O OG  . SER A 1 83  ? -5.714  -10.366 1.461   1.00 29.46 ? 80  SER A OG  1 
ATOM   646  N N   . CYS A 1 84  ? -2.907  -11.553 2.971   1.00 21.14 ? 81  CYS A N   1 
ATOM   647  C CA  . CYS A 1 84  ? -2.963  -12.133 4.300   1.00 21.41 ? 81  CYS A CA  1 
ATOM   648  C C   . CYS A 1 84  ? -2.778  -11.034 5.336   1.00 22.34 ? 81  CYS A C   1 
ATOM   649  O O   . CYS A 1 84  ? -2.098  -10.028 5.098   1.00 23.45 ? 81  CYS A O   1 
ATOM   650  C CB  . CYS A 1 84  ? -1.939  -13.262 4.410   1.00 23.31 ? 81  CYS A CB  1 
ATOM   651  S SG  . CYS A 1 84  ? -0.227  -12.747 4.535   1.00 26.67 ? 81  CYS A SG  1 
ATOM   652  N N   . VAL A 1 85  ? -3.431  -11.210 6.479   1.00 22.51 ? 82  VAL A N   1 
ATOM   653  C CA  . VAL A 1 85  ? -3.341  -10.258 7.575   1.00 22.53 ? 82  VAL A CA  1 
ATOM   654  C C   . VAL A 1 85  ? -2.433  -10.842 8.636   1.00 27.58 ? 82  VAL A C   1 
ATOM   655  O O   . VAL A 1 85  ? -2.727  -11.897 9.208   1.00 25.90 ? 82  VAL A O   1 
ATOM   656  C CB  . VAL A 1 85  ? -4.723  -9.921  8.153   1.00 24.81 ? 82  VAL A CB  1 
ATOM   657  C CG1 . VAL A 1 85  ? -4.554  -8.876  9.231   1.00 29.72 ? 82  VAL A CG1 1 
ATOM   658  C CG2 . VAL A 1 85  ? -5.623  -9.389  7.050   1.00 30.80 ? 82  VAL A CG2 1 
ATOM   659  N N   . LEU A 1 86  ? -1.310  -10.174 8.869   1.00 20.65 ? 83  LEU A N   1 
ATOM   660  C CA  . LEU A 1 86  ? -0.350  -10.541 9.904   1.00 19.56 ? 83  LEU A CA  1 
ATOM   661  C C   . LEU A 1 86  ? -0.204  -9.363  10.875  1.00 23.12 ? 83  LEU A C   1 
ATOM   662  O O   . LEU A 1 86  ? -0.942  -8.371  10.805  1.00 23.92 ? 83  LEU A O   1 
ATOM   663  C CB  . LEU A 1 86  ? 0.999   -10.948 9.290   1.00 23.01 ? 83  LEU A CB  1 
ATOM   664  C CG  . LEU A 1 86  ? 0.988   -12.180 8.372   1.00 27.72 ? 83  LEU A CG  1 
ATOM   665  C CD1 . LEU A 1 86  ? 2.348   -12.393 7.702   1.00 27.09 ? 83  LEU A CD1 1 
ATOM   666  C CD2 . LEU A 1 86  ? 0.633   -13.384 9.219   1.00 28.58 ? 83  LEU A CD2 1 
ATOM   667  N N   . SER A 1 87  ? 0.745   -9.483  11.801  1.00 24.93 ? 84  SER A N   1 
ATOM   668  C CA  . SER A 1 87  ? 0.915   -8.441  12.804  1.00 27.57 ? 84  SER A CA  1 
ATOM   669  C C   . SER A 1 87  ? 1.500   -7.189  12.156  1.00 23.22 ? 84  SER A C   1 
ATOM   670  O O   . SER A 1 87  ? 2.289   -7.270  11.206  1.00 22.72 ? 84  SER A O   1 
ATOM   671  C CB  . SER A 1 87  ? 1.821   -8.932  13.943  1.00 27.48 ? 84  SER A CB  1 
ATOM   672  O OG  . SER A 1 87  ? 2.137   -7.874  14.845  1.00 28.08 ? 84  SER A OG  1 
ATOM   673  N N   . GLY A 1 88  ? 1.070   -6.029  12.649  1.00 26.26 ? 85  GLY A N   1 
ATOM   674  C CA  . GLY A 1 88  ? 1.713   -4.782  12.299  1.00 27.34 ? 85  GLY A CA  1 
ATOM   675  C C   . GLY A 1 88  ? 2.919   -4.443  13.132  1.00 28.26 ? 85  GLY A C   1 
ATOM   676  O O   . GLY A 1 88  ? 3.587   -3.452  12.837  1.00 24.66 ? 85  GLY A O   1 
ATOM   677  N N   . HIS A 1 89  ? 3.214   -5.231  14.166  1.00 26.98 ? 86  HIS A N   1 
ATOM   678  C CA  . HIS A 1 89  ? 4.401   -5.015  15.008  1.00 25.90 ? 86  HIS A CA  1 
ATOM   679  C C   . HIS A 1 89  ? 4.359   -3.584  15.539  1.00 24.43 ? 86  HIS A C   1 
ATOM   680  O O   . HIS A 1 89  ? 3.309   -3.184  16.074  1.00 27.31 ? 86  HIS A O   1 
ATOM   681  C CB  . HIS A 1 89  ? 5.638   -5.395  14.218  1.00 23.55 ? 86  HIS A CB  1 
ATOM   682  C CG  . HIS A 1 89  ? 5.585   -6.788  13.679  1.00 32.67 ? 86  HIS A CG  1 
ATOM   683  N ND1 . HIS A 1 89  ? 5.933   -7.885  14.439  1.00 38.50 ? 86  HIS A ND1 1 
ATOM   684  C CD2 . HIS A 1 89  ? 5.212   -7.270  12.471  1.00 26.18 ? 86  HIS A CD2 1 
ATOM   685  C CE1 . HIS A 1 89  ? 5.764   -8.984  13.725  1.00 32.30 ? 86  HIS A CE1 1 
ATOM   686  N NE2 . HIS A 1 89  ? 5.336   -8.638  12.524  1.00 26.71 ? 86  HIS A NE2 1 
ATOM   687  N N   . ASN A 1 90  ? 5.436   -2.800  15.421  1.00 27.70 ? 87  ASN A N   1 
ATOM   688  C CA  . ASN A 1 90  ? 5.459   -1.438  15.950  1.00 29.98 ? 87  ASN A CA  1 
ATOM   689  C C   . ASN A 1 90  ? 4.847   -0.402  15.011  1.00 34.14 ? 87  ASN A C   1 
ATOM   690  O O   . ASN A 1 90  ? 4.757   0.770   15.396  1.00 32.92 ? 87  ASN A O   1 
ATOM   691  C CB  . ASN A 1 90  ? 6.890   -1.005  16.284  1.00 27.47 ? 87  ASN A CB  1 
ATOM   692  C CG  . ASN A 1 90  ? 7.882   -1.337  15.180  1.00 30.75 ? 87  ASN A CG  1 
ATOM   693  O OD1 . ASN A 1 90  ? 7.964   -2.488  14.725  1.00 35.91 ? 87  ASN A OD1 1 
ATOM   694  N ND2 . ASN A 1 90  ? 8.627   -0.331  14.729  1.00 31.97 ? 87  ASN A ND2 1 
ATOM   695  N N   . LEU A 1 91  ? 4.426   -0.784  13.806  1.00 26.54 ? 88  LEU A N   1 
ATOM   696  C CA  . LEU A 1 91  ? 3.925   0.188   12.837  1.00 27.82 ? 88  LEU A CA  1 
ATOM   697  C C   . LEU A 1 91  ? 2.412   0.335   12.822  1.00 28.87 ? 88  LEU A C   1 
ATOM   698  O O   . LEU A 1 91  ? 1.911   1.368   12.363  1.00 32.42 ? 88  LEU A O   1 
ATOM   699  C CB  . LEU A 1 91  ? 4.376   -0.180  11.424  1.00 26.98 ? 88  LEU A CB  1 
ATOM   700  C CG  . LEU A 1 91  ? 5.871   -0.400  11.277  1.00 31.59 ? 88  LEU A CG  1 
ATOM   701  C CD1 . LEU A 1 91  ? 6.151   -1.037  9.930   1.00 35.98 ? 88  LEU A CD1 1 
ATOM   702  C CD2 . LEU A 1 91  ? 6.578   0.931   11.409  1.00 34.56 ? 88  LEU A CD2 1 
ATOM   703  N N   . ALA A 1 92  ? 1.682   -0.661  13.297  1.00 25.93 ? 89  ALA A N   1 
ATOM   704  C CA  . ALA A 1 92  ? 0.238   -0.724  13.139  1.00 23.90 ? 89  ALA A CA  1 
ATOM   705  C C   . ALA A 1 92  ? -0.236  -1.916  13.946  1.00 25.06 ? 89  ALA A C   1 
ATOM   706  O O   . ALA A 1 92  ? 0.561   -2.741  14.389  1.00 27.43 ? 89  ALA A O   1 
ATOM   707  C CB  . ALA A 1 92  ? -0.175  -0.874  11.666  1.00 27.44 ? 89  ALA A CB  1 
ATOM   708  N N   A LYS A 1 93  ? -1.548  -2.003  14.141  0.56 23.25 ? 90  LYS A N   1 
ATOM   709  N N   B LYS A 1 93  ? -1.550  -2.001  14.130  0.44 23.29 ? 90  LYS A N   1 
ATOM   710  C CA  A LYS A 1 93  ? -2.064  -3.191  14.804  0.56 24.27 ? 90  LYS A CA  1 
ATOM   711  C CA  B LYS A 1 93  ? -2.101  -3.173  14.794  0.44 24.30 ? 90  LYS A CA  1 
ATOM   712  C C   A LYS A 1 93  ? -1.959  -4.405  13.884  0.56 27.28 ? 90  LYS A C   1 
ATOM   713  C C   B LYS A 1 93  ? -1.987  -4.400  13.891  0.44 27.31 ? 90  LYS A C   1 
ATOM   714  O O   A LYS A 1 93  ? -1.507  -5.473  14.307  0.56 26.45 ? 90  LYS A O   1 
ATOM   715  O O   B LYS A 1 93  ? -1.558  -5.471  14.332  0.44 26.51 ? 90  LYS A O   1 
ATOM   716  C CB  A LYS A 1 93  ? -3.499  -2.946  15.261  0.56 30.55 ? 90  LYS A CB  1 
ATOM   717  C CB  B LYS A 1 93  ? -3.548  -2.896  15.196  0.44 30.63 ? 90  LYS A CB  1 
ATOM   718  C CG  A LYS A 1 93  ? -4.159  -4.135  15.921  0.56 38.88 ? 90  LYS A CG  1 
ATOM   719  C CG  B LYS A 1 93  ? -4.410  -4.120  15.394  0.44 39.14 ? 90  LYS A CG  1 
ATOM   720  C CD  A LYS A 1 93  ? -5.605  -3.809  16.265  0.56 39.00 ? 90  LYS A CD  1 
ATOM   721  C CD  B LYS A 1 93  ? -4.228  -4.674  16.794  0.44 37.71 ? 90  LYS A CD  1 
ATOM   722  C CE  A LYS A 1 93  ? -6.335  -5.023  16.809  0.56 49.86 ? 90  LYS A CE  1 
ATOM   723  C CE  B LYS A 1 93  ? -5.570  -4.770  17.503  0.44 46.19 ? 90  LYS A CE  1 
ATOM   724  N NZ  A LYS A 1 93  ? -7.765  -4.724  17.103  0.56 51.13 ? 90  LYS A NZ  1 
ATOM   725  N NZ  B LYS A 1 93  ? -6.568  -5.540  16.707  0.44 47.83 ? 90  LYS A NZ  1 
ATOM   726  N N   . HIS A 1 94  ? -2.329  -4.246  12.610  1.00 23.70 ? 91  HIS A N   1 
ATOM   727  C CA  . HIS A 1 94  ? -2.284  -5.324  11.620  1.00 20.74 ? 91  HIS A CA  1 
ATOM   728  C C   . HIS A 1 94  ? -1.484  -4.844  10.420  1.00 20.36 ? 91  HIS A C   1 
ATOM   729  O O   . HIS A 1 94  ? -1.449  -3.638  10.135  1.00 23.06 ? 91  HIS A O   1 
ATOM   730  C CB  . HIS A 1 94  ? -3.686  -5.679  11.113  1.00 25.16 ? 91  HIS A CB  1 
ATOM   731  C CG  . HIS A 1 94  ? -4.612  -6.187  12.169  1.00 33.11 ? 91  HIS A CG  1 
ATOM   732  N ND1 . HIS A 1 94  ? -4.173  -6.844  13.297  1.00 42.53 ? 91  HIS A ND1 1 
ATOM   733  C CD2 . HIS A 1 94  ? -5.950  -6.046  12.311  1.00 45.74 ? 91  HIS A CD2 1 
ATOM   734  C CE1 . HIS A 1 94  ? -5.210  -7.138  14.061  1.00 39.63 ? 91  HIS A CE1 1 
ATOM   735  N NE2 . HIS A 1 94  ? -6.300  -6.661  13.487  1.00 40.56 ? 91  HIS A NE2 1 
ATOM   736  N N   . CYS A 1 95  ? -0.861  -5.773  9.700   1.00 20.65 ? 92  CYS A N   1 
ATOM   737  C CA  . CYS A 1 95  ? -0.328  -5.449  8.382   1.00 17.52 ? 92  CYS A CA  1 
ATOM   738  C C   . CYS A 1 95  ? -1.041  -6.317  7.352   1.00 17.68 ? 92  CYS A C   1 
ATOM   739  O O   . CYS A 1 95  ? -1.060  -7.554  7.459   1.00 20.03 ? 92  CYS A O   1 
ATOM   740  C CB  . CYS A 1 95  ? 1.187   -5.632  8.330   1.00 21.50 ? 92  CYS A CB  1 
ATOM   741  S SG  . CYS A 1 95  ? 1.856   -5.405  6.630   1.00 22.43 ? 92  CYS A SG  1 
ATOM   742  N N   . LEU A 1 96  ? -1.634  -5.674  6.357   1.00 18.08 ? 93  LEU A N   1 
ATOM   743  C CA  . LEU A 1 96  ? -2.275  -6.375  5.252   1.00 19.38 ? 93  LEU A CA  1 
ATOM   744  C C   . LEU A 1 96  ? -1.267  -6.511  4.116   1.00 18.54 ? 93  LEU A C   1 
ATOM   745  O O   . LEU A 1 96  ? -0.920  -5.522  3.461   1.00 20.54 ? 93  LEU A O   1 
ATOM   746  C CB  . LEU A 1 96  ? -3.541  -5.631  4.827   1.00 20.99 ? 93  LEU A CB  1 
ATOM   747  C CG  . LEU A 1 96  ? -4.300  -6.147  3.610   1.00 23.63 ? 93  LEU A CG  1 
ATOM   748  C CD1 . LEU A 1 96  ? -4.941  -7.501  3.889   1.00 23.84 ? 93  LEU A CD1 1 
ATOM   749  C CD2 . LEU A 1 96  ? -5.360  -5.113  3.155   1.00 24.47 ? 93  LEU A CD2 1 
ATOM   750  N N   . HIS A 1 97  ? -0.768  -7.734  3.903   1.00 17.90 ? 94  HIS A N   1 
ATOM   751  C CA  . HIS A 1 97  ? 0.159   -8.006  2.802   1.00 16.88 ? 94  HIS A CA  1 
ATOM   752  C C   . HIS A 1 97  ? -0.663  -8.338  1.572   1.00 20.71 ? 94  HIS A C   1 
ATOM   753  O O   . HIS A 1 97  ? -1.415  -9.318  1.577   1.00 20.03 ? 94  HIS A O   1 
ATOM   754  C CB  . HIS A 1 97  ? 1.098   -9.164  3.146   1.00 17.28 ? 94  HIS A CB  1 
ATOM   755  C CG  . HIS A 1 97  ? 1.905   -8.936  4.385   1.00 18.53 ? 94  HIS A CG  1 
ATOM   756  N ND1 . HIS A 1 97  ? 3.183   -8.414  4.338   1.00 17.22 ? 94  HIS A ND1 1 
ATOM   757  C CD2 . HIS A 1 97  ? 1.636   -9.163  5.695   1.00 17.72 ? 94  HIS A CD2 1 
ATOM   758  C CE1 . HIS A 1 97  ? 3.666   -8.332  5.565   1.00 19.85 ? 94  HIS A CE1 1 
ATOM   759  N NE2 . HIS A 1 97  ? 2.755   -8.797  6.404   1.00 18.13 ? 94  HIS A NE2 1 
ATOM   760  N N   . VAL A 1 98  ? -0.537  -7.532  0.523   1.00 19.04 ? 95  VAL A N   1 
ATOM   761  C CA  . VAL A 1 98  ? -1.345  -7.676  -0.682  1.00 15.92 ? 95  VAL A CA  1 
ATOM   762  C C   . VAL A 1 98  ? -0.402  -7.872  -1.859  1.00 17.10 ? 95  VAL A C   1 
ATOM   763  O O   . VAL A 1 98  ? 0.555   -7.117  -2.006  1.00 19.30 ? 95  VAL A O   1 
ATOM   764  C CB  . VAL A 1 98  ? -2.238  -6.454  -0.944  1.00 20.14 ? 95  VAL A CB  1 
ATOM   765  C CG1 . VAL A 1 98  ? -3.056  -6.704  -2.219  1.00 23.64 ? 95  VAL A CG1 1 
ATOM   766  C CG2 . VAL A 1 98  ? -3.134  -6.147  0.255   1.00 25.78 ? 95  VAL A CG2 1 
ATOM   767  N N   . VAL A 1 99  ? -0.673  -8.871  -2.694  1.00 17.54 ? 96  VAL A N   1 
ATOM   768  C CA  . VAL A 1 99  ? 0.148   -9.135  -3.880  1.00 20.27 ? 96  VAL A CA  1 
ATOM   769  C C   . VAL A 1 99  ? -0.565  -8.598  -5.119  1.00 18.72 ? 96  VAL A C   1 
ATOM   770  O O   . VAL A 1 99  ? -1.566  -9.173  -5.570  1.00 20.36 ? 96  VAL A O   1 
ATOM   771  C CB  . VAL A 1 99  ? 0.439   -10.635 -4.025  1.00 18.60 ? 96  VAL A CB  1 
ATOM   772  C CG1 . VAL A 1 99  ? 1.338   -10.868 -5.211  1.00 21.79 ? 96  VAL A CG1 1 
ATOM   773  C CG2 . VAL A 1 99  ? 1.079   -11.198 -2.727  1.00 19.57 ? 96  VAL A CG2 1 
ATOM   774  N N   . GLY A 1 100 ? -0.051  -7.501  -5.690  1.00 16.63 ? 97  GLY A N   1 
ATOM   775  C CA  . GLY A 1 100 ? -0.528  -7.027  -6.969  1.00 17.43 ? 97  GLY A CA  1 
ATOM   776  C C   . GLY A 1 100 ? 0.216   -7.723  -8.087  1.00 21.91 ? 97  GLY A C   1 
ATOM   777  O O   . GLY A 1 100 ? 1.253   -8.371  -7.865  1.00 20.46 ? 97  GLY A O   1 
ATOM   778  N N   . PRO A 1 101 ? -0.302  -7.621  -9.305  1.00 18.30 ? 98  PRO A N   1 
ATOM   779  C CA  . PRO A 1 101 ? 0.359   -8.279  -10.444 1.00 19.36 ? 98  PRO A CA  1 
ATOM   780  C C   . PRO A 1 101 ? 1.659   -7.574  -10.789 1.00 18.54 ? 98  PRO A C   1 
ATOM   781  O O   . PRO A 1 101 ? 1.789   -6.352  -10.666 1.00 18.59 ? 98  PRO A O   1 
ATOM   782  C CB  . PRO A 1 101 ? -0.653  -8.134  -11.595 1.00 20.24 ? 98  PRO A CB  1 
ATOM   783  C CG  . PRO A 1 101 ? -1.510  -6.939  -11.192 1.00 19.88 ? 98  PRO A CG  1 
ATOM   784  C CD  . PRO A 1 101 ? -1.589  -7.004  -9.682  1.00 20.46 ? 98  PRO A CD  1 
ATOM   785  N N   . ASN A 1 102 ? 2.636   -8.369  -11.220 1.00 20.50 ? 99  ASN A N   1 
ATOM   786  C CA  . ASN A 1 102 ? 3.888   -7.856  -11.756 1.00 21.07 ? 99  ASN A CA  1 
ATOM   787  C C   . ASN A 1 102 ? 3.802   -7.940  -13.278 1.00 23.49 ? 99  ASN A C   1 
ATOM   788  O O   . ASN A 1 102 ? 3.950   -9.022  -13.861 1.00 23.35 ? 99  ASN A O   1 
ATOM   789  C CB  . ASN A 1 102 ? 5.057   -8.672  -11.218 1.00 18.30 ? 99  ASN A CB  1 
ATOM   790  C CG  . ASN A 1 102 ? 6.382   -8.080  -11.595 1.00 26.51 ? 99  ASN A CG  1 
ATOM   791  O OD1 . ASN A 1 102 ? 6.513   -7.504  -12.660 1.00 27.40 ? 99  ASN A OD1 1 
ATOM   792  N ND2 . ASN A 1 102 ? 7.399   -8.295  -10.758 1.00 26.27 ? 99  ASN A ND2 1 
ATOM   793  N N   . VAL A 1 103 ? 3.541   -6.807  -13.928 1.00 23.78 ? 100 VAL A N   1 
ATOM   794  C CA  . VAL A 1 103 ? 3.346   -6.856  -15.379 1.00 27.31 ? 100 VAL A CA  1 
ATOM   795  C C   . VAL A 1 103 ? 4.656   -7.044  -16.135 1.00 28.68 ? 100 VAL A C   1 
ATOM   796  O O   . VAL A 1 103 ? 4.634   -7.432  -17.307 1.00 34.17 ? 100 VAL A O   1 
ATOM   797  C CB  . VAL A 1 103 ? 2.579   -5.618  -15.870 1.00 31.80 ? 100 VAL A CB  1 
ATOM   798  C CG1 . VAL A 1 103 ? 1.289   -5.461  -15.082 1.00 31.29 ? 100 VAL A CG1 1 
ATOM   799  C CG2 . VAL A 1 103 ? 3.412   -4.385  -15.715 1.00 36.22 ? 100 VAL A CG2 1 
ATOM   800  N N   . ASN A 1 104 ? 5.798   -6.815  -15.490 1.00 25.39 ? 101 ASN A N   1 
ATOM   801  C CA  . ASN A 1 104 ? 7.077   -7.203  -16.083 1.00 30.47 ? 101 ASN A CA  1 
ATOM   802  C C   . ASN A 1 104 ? 7.134   -8.704  -16.327 1.00 34.45 ? 101 ASN A C   1 
ATOM   803  O O   . ASN A 1 104 ? 7.670   -9.155  -17.349 1.00 41.78 ? 101 ASN A O   1 
ATOM   804  C CB  . ASN A 1 104 ? 8.208   -6.773  -15.164 1.00 31.59 ? 101 ASN A CB  1 
ATOM   805  C CG  . ASN A 1 104 ? 8.371   -5.292  -15.137 1.00 32.63 ? 101 ASN A CG  1 
ATOM   806  O OD1 . ASN A 1 104 ? 8.070   -4.624  -16.120 1.00 45.58 ? 101 ASN A OD1 1 
ATOM   807  N ND2 . ASN A 1 104 ? 8.720   -4.750  -13.976 1.00 35.41 ? 101 ASN A ND2 1 
ATOM   808  N N   . LYS A 1 105 ? 6.591   -9.496  -15.397 1.00 25.44 ? 102 LYS A N   1 
ATOM   809  C CA  . LYS A 1 105 ? 6.561   -10.949 -15.544 1.00 32.26 ? 102 LYS A CA  1 
ATOM   810  C C   . LYS A 1 105 ? 5.390   -11.440 -16.380 1.00 32.84 ? 102 LYS A C   1 
ATOM   811  O O   . LYS A 1 105 ? 5.178   -12.658 -16.445 1.00 33.88 ? 102 LYS A O   1 
ATOM   812  C CB  . LYS A 1 105 ? 6.504   -11.671 -14.185 1.00 33.87 ? 102 LYS A CB  1 
ATOM   813  C CG  . LYS A 1 105 ? 7.788   -11.779 -13.345 1.00 45.81 ? 102 LYS A CG  1 
ATOM   814  C CD  . LYS A 1 105 ? 7.447   -12.133 -11.871 1.00 47.78 ? 102 LYS A CD  1 
ATOM   815  C CE  . LYS A 1 105 ? 8.687   -12.161 -10.953 1.00 60.50 ? 102 LYS A CE  1 
ATOM   816  N NZ  . LYS A 1 105 ? 8.349   -12.143 -9.478  1.00 66.69 ? 102 LYS A NZ  1 
ATOM   817  N N   . GLY A 1 106 ? 4.624   -10.555 -17.013 1.00 23.79 ? 103 GLY A N   1 
ATOM   818  C CA  . GLY A 1 106 ? 3.491   -10.980 -17.803 1.00 27.96 ? 103 GLY A CA  1 
ATOM   819  C C   . GLY A 1 106 ? 2.235   -11.259 -17.013 1.00 30.76 ? 103 GLY A C   1 
ATOM   820  O O   . GLY A 1 106 ? 1.294   -11.846 -17.561 1.00 30.31 ? 103 GLY A O   1 
ATOM   821  N N   . GLU A 1 107 ? 2.180   -10.864 -15.742 1.00 23.87 ? 104 GLU A N   1 
ATOM   822  C CA  . GLU A 1 107 ? 0.986   -11.134 -14.960 1.00 23.13 ? 104 GLU A CA  1 
ATOM   823  C C   . GLU A 1 107 ? -0.120  -10.157 -15.361 1.00 25.07 ? 104 GLU A C   1 
ATOM   824  O O   . GLU A 1 107 ? 0.142   -9.024  -15.772 1.00 27.64 ? 104 GLU A O   1 
ATOM   825  C CB  . GLU A 1 107 ? 1.301   -11.083 -13.459 1.00 24.60 ? 104 GLU A CB  1 
ATOM   826  C CG  . GLU A 1 107 ? 2.285   -12.183 -13.046 1.00 26.24 ? 104 GLU A CG  1 
ATOM   827  C CD  . GLU A 1 107 ? 2.766   -12.086 -11.609 1.00 33.69 ? 104 GLU A CD  1 
ATOM   828  O OE1 . GLU A 1 107 ? 2.447   -11.094 -10.908 1.00 22.65 ? 104 GLU A OE1 1 
ATOM   829  O OE2 . GLU A 1 107 ? 3.450   -13.036 -11.163 1.00 30.06 ? 104 GLU A OE2 1 
ATOM   830  N N   . ASP A 1 108 ? -1.363  -10.621 -15.262 1.00 25.37 ? 105 ASP A N   1 
ATOM   831  C CA  . ASP A 1 108 ? -2.520  -9.925  -15.831 1.00 24.83 ? 105 ASP A CA  1 
ATOM   832  C C   . ASP A 1 108 ? -2.855  -8.641  -15.055 1.00 21.90 ? 105 ASP A C   1 
ATOM   833  O O   . ASP A 1 108 ? -3.131  -8.697  -13.854 1.00 22.88 ? 105 ASP A O   1 
ATOM   834  C CB  . ASP A 1 108 ? -3.719  -10.868 -15.792 1.00 32.58 ? 105 ASP A CB  1 
ATOM   835  C CG  . ASP A 1 108 ? -4.887  -10.408 -16.673 1.00 49.73 ? 105 ASP A CG  1 
ATOM   836  O OD1 . ASP A 1 108 ? -4.956  -9.218  -17.065 1.00 54.20 ? 105 ASP A OD1 1 
ATOM   837  O OD2 . ASP A 1 108 ? -5.754  -11.263 -16.953 1.00 57.59 ? 105 ASP A OD2 1 
ATOM   838  N N   . ILE A 1 109 ? -2.898  -7.504  -15.759 1.00 23.20 ? 106 ILE A N   1 
ATOM   839  C CA  . ILE A 1 109 ? -3.227  -6.228  -15.123 1.00 28.14 ? 106 ILE A CA  1 
ATOM   840  C C   . ILE A 1 109 ? -4.631  -6.250  -14.518 1.00 30.79 ? 106 ILE A C   1 
ATOM   841  O O   . ILE A 1 109 ? -4.898  -5.537  -13.539 1.00 25.01 ? 106 ILE A O   1 
ATOM   842  C CB  . ILE A 1 109 ? -3.061  -5.079  -16.146 1.00 37.78 ? 106 ILE A CB  1 
ATOM   843  C CG1 . ILE A 1 109 ? -3.147  -3.713  -15.471 1.00 36.99 ? 106 ILE A CG1 1 
ATOM   844  C CG2 . ILE A 1 109 ? -4.108  -5.179  -17.250 1.00 34.93 ? 106 ILE A CG2 1 
ATOM   845  C CD1 . ILE A 1 109 ? -1.934  -3.337  -14.681 1.00 36.93 ? 106 ILE A CD1 1 
ATOM   846  N N   . GLN A 1 110 ? -5.549  -7.054  -15.083 1.00 29.79 ? 107 GLN A N   1 
ATOM   847  C CA  . GLN A 1 110 ? -6.877  -7.273  -14.483 1.00 29.46 ? 107 GLN A CA  1 
ATOM   848  C C   . GLN A 1 110 ? -6.807  -7.611  -13.003 1.00 29.33 ? 107 GLN A C   1 
ATOM   849  O O   . GLN A 1 110 ? -7.735  -7.302  -12.246 1.00 28.27 ? 107 GLN A O   1 
ATOM   850  C CB  . GLN A 1 110 ? -7.610  -8.447  -15.159 1.00 39.32 ? 107 GLN A CB  1 
ATOM   851  C CG  . GLN A 1 110 ? -8.232  -8.286  -16.541 1.00 56.30 ? 107 GLN A CG  1 
ATOM   852  C CD  . GLN A 1 110 ? -9.246  -7.171  -16.639 1.00 65.20 ? 107 GLN A CD  1 
ATOM   853  O OE1 . GLN A 1 110 ? -10.311 -7.229  -16.026 1.00 68.06 ? 107 GLN A OE1 1 
ATOM   854  N NE2 . GLN A 1 110 ? -8.971  -6.206  -17.494 1.00 60.65 ? 107 GLN A NE2 1 
ATOM   855  N N   . LEU A 1 111 ? -5.760  -8.316  -12.584 1.00 20.62 ? 108 LEU A N   1 
ATOM   856  C CA  . LEU A 1 111 ? -5.688  -8.782  -11.211 1.00 22.81 ? 108 LEU A CA  1 
ATOM   857  C C   . LEU A 1 111 ? -5.451  -7.633  -10.243 1.00 19.22 ? 108 LEU A C   1 
ATOM   858  O O   . LEU A 1 111 ? -5.529  -7.832  -9.024  1.00 20.48 ? 108 LEU A O   1 
ATOM   859  C CB  . LEU A 1 111 ? -4.583  -9.814  -11.099 1.00 21.09 ? 108 LEU A CB  1 
ATOM   860  C CG  . LEU A 1 111 ? -4.947  -11.153 -11.744 1.00 25.79 ? 108 LEU A CG  1 
ATOM   861  C CD1 . LEU A 1 111 ? -3.753  -12.090 -11.671 1.00 28.57 ? 108 LEU A CD1 1 
ATOM   862  C CD2 . LEU A 1 111 ? -6.181  -11.778 -11.086 1.00 27.53 ? 108 LEU A CD2 1 
ATOM   863  N N   . LEU A 1 112 ? -5.159  -6.441  -10.753 1.00 19.53 ? 109 LEU A N   1 
ATOM   864  C CA  . LEU A 1 112 ? -4.966  -5.310  -9.847  1.00 19.05 ? 109 LEU A CA  1 
ATOM   865  C C   . LEU A 1 112 ? -6.280  -4.945  -9.165  1.00 23.58 ? 109 LEU A C   1 
ATOM   866  O O   . LEU A 1 112 ? -6.288  -4.533  -7.997  1.00 19.41 ? 109 LEU A O   1 
ATOM   867  C CB  . LEU A 1 112 ? -4.370  -4.147  -10.622 1.00 24.14 ? 109 LEU A CB  1 
ATOM   868  C CG  . LEU A 1 112 ? -4.085  -2.839  -9.896  1.00 25.03 ? 109 LEU A CG  1 
ATOM   869  C CD1 . LEU A 1 112 ? -3.067  -3.137  -8.810  1.00 23.95 ? 109 LEU A CD1 1 
ATOM   870  C CD2 . LEU A 1 112 ? -3.510  -1.811  -10.882 1.00 24.23 ? 109 LEU A CD2 1 
ATOM   871  N N   . LYS A 1 113 ? -7.405  -5.134  -9.861  1.00 20.76 ? 110 LYS A N   1 
ATOM   872  C CA  . LYS A 1 113 ? -8.707  -4.944  -9.231  1.00 20.89 ? 110 LYS A CA  1 
ATOM   873  C C   . LYS A 1 113 ? -8.879  -5.902  -8.057  1.00 25.22 ? 110 LYS A C   1 
ATOM   874  O O   . LYS A 1 113 ? -9.288  -5.494  -6.963  1.00 23.29 ? 110 LYS A O   1 
ATOM   875  C CB  . LYS A 1 113 ? -9.823  -5.156  -10.261 1.00 23.93 ? 110 LYS A CB  1 
ATOM   876  C CG  . LYS A 1 113 ? -11.230 -4.931  -9.695  1.00 31.60 ? 110 LYS A CG  1 
ATOM   877  C CD  . LYS A 1 113 ? -11.876 -6.210  -9.169  1.00 53.42 ? 110 LYS A CD  1 
ATOM   878  C CE  . LYS A 1 113 ? -12.264 -7.209  -10.242 1.00 68.41 ? 110 LYS A CE  1 
ATOM   879  N NZ  . LYS A 1 113 ? -12.870 -8.433  -9.607  1.00 48.80 ? 110 LYS A NZ  1 
ATOM   880  N N   A SER A 1 114 ? -8.599  -7.197  -8.279  0.81 22.12 ? 111 SER A N   1 
ATOM   881  N N   B SER A 1 114 ? -8.545  -7.183  -8.254  0.19 22.25 ? 111 SER A N   1 
ATOM   882  C CA  A SER A 1 114 ? -8.678  -8.180  -7.203  0.81 20.09 ? 111 SER A CA  1 
ATOM   883  C CA  B SER A 1 114 ? -8.715  -8.152  -7.176  0.19 20.31 ? 111 SER A CA  1 
ATOM   884  C C   A SER A 1 114 ? -7.804  -7.791  -6.020  0.81 19.26 ? 111 SER A C   1 
ATOM   885  C C   B SER A 1 114 ? -7.760  -7.886  -6.019  0.19 19.48 ? 111 SER A C   1 
ATOM   886  O O   A SER A 1 114 ? -8.210  -7.940  -4.859  0.81 21.84 ? 111 SER A O   1 
ATOM   887  O O   B SER A 1 114 ? -8.066  -8.236  -4.873  0.19 21.73 ? 111 SER A O   1 
ATOM   888  C CB  A SER A 1 114 ? -8.274  -9.560  -7.729  0.81 26.00 ? 111 SER A CB  1 
ATOM   889  C CB  B SER A 1 114 ? -8.516  -9.576  -7.697  0.19 25.84 ? 111 SER A CB  1 
ATOM   890  O OG  A SER A 1 114 ? -8.517  -10.564 -6.770  0.81 35.36 ? 111 SER A OG  1 
ATOM   891  O OG  B SER A 1 114 ? -7.375  -9.660  -8.529  0.19 28.08 ? 111 SER A OG  1 
ATOM   892  N N   . ALA A 1 115 ? -6.602  -7.279  -6.291  1.00 20.23 ? 112 ALA A N   1 
ATOM   893  C CA  . ALA A 1 115 ? -5.706  -6.895  -5.202  1.00 19.48 ? 112 ALA A CA  1 
ATOM   894  C C   . ALA A 1 115 ? -6.345  -5.828  -4.306  1.00 17.77 ? 112 ALA A C   1 
ATOM   895  O O   . ALA A 1 115 ? -6.358  -5.956  -3.079  1.00 19.36 ? 112 ALA A O   1 
ATOM   896  C CB  . ALA A 1 115 ? -4.379  -6.384  -5.767  1.00 21.28 ? 112 ALA A CB  1 
ATOM   897  N N   . TYR A 1 116 ? -6.904  -4.789  -4.909  1.00 17.92 ? 113 TYR A N   1 
ATOM   898  C CA  . TYR A 1 116 ? -7.444  -3.648  -4.155  1.00 15.84 ? 113 TYR A CA  1 
ATOM   899  C C   . TYR A 1 116 ? -8.695  -3.964  -3.346  1.00 21.21 ? 113 TYR A C   1 
ATOM   900  O O   . TYR A 1 116 ? -9.266  -3.083  -2.751  1.00 28.76 ? 113 TYR A O   1 
ATOM   901  C CB  . TYR A 1 116 ? -7.721  -2.535  -5.158  1.00 20.02 ? 113 TYR A CB  1 
ATOM   902  C CG  . TYR A 1 116 ? -6.570  -1.583  -5.358  1.00 18.09 ? 113 TYR A CG  1 
ATOM   903  C CD1 . TYR A 1 116 ? -5.975  -0.914  -4.284  1.00 20.27 ? 113 TYR A CD1 1 
ATOM   904  C CD2 . TYR A 1 116 ? -5.998  -1.430  -6.620  1.00 17.86 ? 113 TYR A CD2 1 
ATOM   905  C CE1 . TYR A 1 116 ? -4.921  -0.022  -4.496  1.00 18.98 ? 113 TYR A CE1 1 
ATOM   906  C CE2 . TYR A 1 116 ? -4.930  -0.563  -6.831  1.00 17.52 ? 113 TYR A CE2 1 
ATOM   907  C CZ  . TYR A 1 116 ? -4.391  0.125   -5.770  1.00 21.33 ? 113 TYR A CZ  1 
ATOM   908  O OH  . TYR A 1 116 ? -3.328  0.964   -6.010  1.00 21.68 ? 113 TYR A OH  1 
ATOM   909  N N   A GLU A 1 117 ? -9.290  -5.092  -3.750  0.31 25.49 ? 114 GLU A N   1 
ATOM   910  N N   B GLU A 1 117 ? -9.323  -5.065  -3.809  0.69 25.33 ? 114 GLU A N   1 
ATOM   911  C CA  A GLU A 1 117 ? -10.552 -5.600  -3.261  0.31 24.71 ? 114 GLU A CA  1 
ATOM   912  C CA  B GLU A 1 117 ? -10.565 -5.565  -3.250  0.69 24.66 ? 114 GLU A CA  1 
ATOM   913  C C   A GLU A 1 117 ? -10.357 -6.169  -1.887  0.31 21.39 ? 114 GLU A C   1 
ATOM   914  C C   B GLU A 1 117 ? -10.320 -6.043  -1.851  0.69 20.77 ? 114 GLU A C   1 
ATOM   915  O O   A GLU A 1 117 ? -11.293 -6.172  -1.075  0.31 24.70 ? 114 GLU A O   1 
ATOM   916  O O   B GLU A 1 117 ? -11.192 -5.890  -0.981  0.69 24.13 ? 114 GLU A O   1 
ATOM   917  C CB  A GLU A 1 117 ? -11.068 -6.689  -4.204  0.31 26.58 ? 114 GLU A CB  1 
ATOM   918  C CB  B GLU A 1 117 ? -11.112 -6.728  -4.082  0.69 26.44 ? 114 GLU A CB  1 
ATOM   919  C CG  A GLU A 1 117 ? -12.484 -7.119  -3.994  0.31 28.65 ? 114 GLU A CG  1 
ATOM   920  C CG  B GLU A 1 117 ? -12.013 -6.326  -5.200  0.69 23.42 ? 114 GLU A CG  1 
ATOM   921  C CD  A GLU A 1 117 ? -13.452 -6.166  -4.664  0.31 38.77 ? 114 GLU A CD  1 
ATOM   922  C CD  B GLU A 1 117 ? -13.417 -5.985  -4.754  0.69 39.33 ? 114 GLU A CD  1 
ATOM   923  O OE1 A GLU A 1 117 ? -13.658 -5.051  -4.143  0.31 31.50 ? 114 GLU A OE1 1 
ATOM   924  O OE1 B GLU A 1 117 ? -13.753 -6.195  -3.564  0.69 44.58 ? 114 GLU A OE1 1 
ATOM   925  O OE2 A GLU A 1 117 ? -13.978 -6.528  -5.739  0.31 38.55 ? 114 GLU A OE2 1 
ATOM   926  O OE2 B GLU A 1 117 ? -14.190 -5.508  -5.611  0.69 43.87 ? 114 GLU A OE2 1 
ATOM   927  N N   . ASN A 1 118 ? -9.147  -6.660  -1.606  1.00 21.96 ? 115 ASN A N   1 
ATOM   928  C CA  . ASN A 1 118 ? -8.852  -6.895  -0.194  1.00 19.40 ? 115 ASN A CA  1 
ATOM   929  C C   . ASN A 1 118 ? -8.946  -5.691  0.738   1.00 19.24 ? 115 ASN A C   1 
ATOM   930  O O   . ASN A 1 118 ? -9.082  -5.911  1.948   1.00 23.52 ? 115 ASN A O   1 
ATOM   931  C CB  . ASN A 1 118 ? -7.474  -7.558  -0.020  1.00 23.05 ? 115 ASN A CB  1 
ATOM   932  C CG  . ASN A 1 118 ? -7.282  -8.776  -0.938  1.00 25.28 ? 115 ASN A CG  1 
ATOM   933  O OD1 . ASN A 1 118 ? -7.743  -9.855  -0.574  1.00 29.37 ? 115 ASN A OD1 1 
ATOM   934  N ND2 . ASN A 1 118 ? -6.542  -8.643  -2.041  1.00 26.20 ? 115 ASN A ND2 1 
ATOM   935  N N   . PHE A 1 119 ? -8.850  -4.453  0.237   1.00 17.31 ? 116 PHE A N   1 
ATOM   936  C CA  . PHE A 1 119 ? -8.922  -3.291  1.126   1.00 18.51 ? 116 PHE A CA  1 
ATOM   937  C C   . PHE A 1 119 ? -10.302 -3.169  1.750   1.00 25.05 ? 116 PHE A C   1 
ATOM   938  O O   . PHE A 1 119 ? -10.451 -2.551  2.814   1.00 22.93 ? 116 PHE A O   1 
ATOM   939  C CB  . PHE A 1 119 ? -8.648  -2.000  0.362   1.00 19.87 ? 116 PHE A CB  1 
ATOM   940  C CG  . PHE A 1 119 ? -7.191  -1.767  0.001   1.00 22.19 ? 116 PHE A CG  1 
ATOM   941  C CD1 . PHE A 1 119 ? -6.316  -2.818  -0.202  1.00 25.11 ? 116 PHE A CD1 1 
ATOM   942  C CD2 . PHE A 1 119 ? -6.721  -0.462  -0.156  1.00 19.41 ? 116 PHE A CD2 1 
ATOM   943  C CE1 . PHE A 1 119 ? -4.972  -2.567  -0.563  1.00 22.13 ? 116 PHE A CE1 1 
ATOM   944  C CE2 . PHE A 1 119 ? -5.399  -0.207  -0.517  1.00 19.93 ? 116 PHE A CE2 1 
ATOM   945  C CZ  . PHE A 1 119 ? -4.531  -1.259  -0.723  1.00 21.54 ? 116 PHE A CZ  1 
ATOM   946  N N   . ASN A 1 120 ? -11.321 -3.711  1.073   1.00 23.11 ? 117 ASN A N   1 
ATOM   947  C CA  . ASN A 1 120 ? -12.703 -3.556  1.515   1.00 20.74 ? 117 ASN A CA  1 
ATOM   948  C C   . ASN A 1 120 ? -13.047 -4.353  2.765   1.00 26.17 ? 117 ASN A C   1 
ATOM   949  O O   . ASN A 1 120 ? -14.133 -4.142  3.311   1.00 25.49 ? 117 ASN A O   1 
ATOM   950  C CB  . ASN A 1 120 ? -13.650 -3.914  0.364   1.00 22.22 ? 117 ASN A CB  1 
ATOM   951  C CG  . ASN A 1 120 ? -13.641 -2.862  -0.736  1.00 31.59 ? 117 ASN A CG  1 
ATOM   952  O OD1 . ASN A 1 120 ? -13.513 -1.677  -0.448  1.00 31.26 ? 117 ASN A OD1 1 
ATOM   953  N ND2 . ASN A 1 120 ? -13.784 -3.282  -1.991  1.00 26.39 ? 117 ASN A ND2 1 
ATOM   954  N N   . GLN A 1 121 ? -12.163 -5.225  3.258   1.00 24.24 ? 118 GLN A N   1 
ATOM   955  C CA  . GLN A 1 121 ? -12.355 -5.898  4.543   1.00 26.59 ? 118 GLN A CA  1 
ATOM   956  C C   . GLN A 1 121 ? -11.879 -5.100  5.755   1.00 23.76 ? 118 GLN A C   1 
ATOM   957  O O   . GLN A 1 121 ? -11.966 -5.608  6.882   1.00 25.54 ? 118 GLN A O   1 
ATOM   958  C CB  . GLN A 1 121 ? -11.666 -7.270  4.536   1.00 29.18 ? 118 GLN A CB  1 
ATOM   959  C CG  . GLN A 1 121 ? -12.448 -8.364  3.816   1.00 43.56 ? 118 GLN A CG  1 
ATOM   960  C CD  . GLN A 1 121 ? -12.420 -8.242  2.313   1.00 61.99 ? 118 GLN A CD  1 
ATOM   961  O OE1 . GLN A 1 121 ? -11.452 -8.643  1.659   1.00 66.62 ? 118 GLN A OE1 1 
ATOM   962  N NE2 . GLN A 1 121 ? -13.507 -7.708  1.744   1.00 54.69 ? 118 GLN A NE2 1 
ATOM   963  N N   . HIS A 1 122 ? -11.413 -3.864  5.571   1.00 20.11 ? 119 HIS A N   1 
ATOM   964  C CA  . HIS A 1 122 ? -10.843 -3.063  6.656   1.00 21.83 ? 119 HIS A CA  1 
ATOM   965  C C   . HIS A 1 122 ? -11.369 -1.647  6.579   1.00 23.34 ? 119 HIS A C   1 
ATOM   966  O O   . HIS A 1 122 ? -11.500 -1.082  5.494   1.00 24.97 ? 119 HIS A O   1 
ATOM   967  C CB  . HIS A 1 122 ? -9.309  -3.057  6.596   1.00 22.11 ? 119 HIS A CB  1 
ATOM   968  C CG  . HIS A 1 122 ? -8.721  -4.430  6.591   1.00 26.85 ? 119 HIS A CG  1 
ATOM   969  N ND1 . HIS A 1 122 ? -8.457  -5.121  7.752   1.00 30.12 ? 119 HIS A ND1 1 
ATOM   970  C CD2 . HIS A 1 122 ? -8.467  -5.287  5.573   1.00 30.33 ? 119 HIS A CD2 1 
ATOM   971  C CE1 . HIS A 1 122 ? -7.995  -6.321  7.449   1.00 26.57 ? 119 HIS A CE1 1 
ATOM   972  N NE2 . HIS A 1 122 ? -8.001  -6.450  6.134   1.00 30.67 ? 119 HIS A NE2 1 
ATOM   973  N N   . GLU A 1 123 ? -11.655 -1.058  7.730   1.00 26.48 ? 120 GLU A N   1 
ATOM   974  C CA  . GLU A 1 123 ? -12.463 0.139   7.619   1.00 25.82 ? 120 GLU A CA  1 
ATOM   975  C C   . GLU A 1 123 ? -11.605 1.363   7.309   1.00 24.47 ? 120 GLU A C   1 
ATOM   976  O O   . GLU A 1 123 ? -12.079 2.277   6.624   1.00 23.79 ? 120 GLU A O   1 
ATOM   977  C CB  . GLU A 1 123 ? -13.342 0.267   8.871   1.00 35.22 ? 120 GLU A CB  1 
ATOM   978  C CG  . GLU A 1 123 ? -14.279 1.438   8.812   1.00 65.42 ? 120 GLU A CG  1 
ATOM   979  C CD  . GLU A 1 123 ? -15.397 1.345   9.834   1.00 74.32 ? 120 GLU A CD  1 
ATOM   980  O OE1 . GLU A 1 123 ? -15.470 0.323   10.552  1.00 59.44 ? 120 GLU A OE1 1 
ATOM   981  O OE2 . GLU A 1 123 ? -16.241 2.266   9.868   1.00 82.49 ? 120 GLU A OE2 1 
ATOM   982  N N   A VAL A 1 124 ? -10.343 1.372   7.739   0.40 23.87 ? 121 VAL A N   1 
ATOM   983  N N   B VAL A 1 124 ? -10.350 1.385   7.769   0.60 23.86 ? 121 VAL A N   1 
ATOM   984  C CA  A VAL A 1 124 ? -9.411  2.456   7.424   0.40 26.06 ? 121 VAL A CA  1 
ATOM   985  C CA  B VAL A 1 124 ? -9.394  2.453   7.467   0.60 26.10 ? 121 VAL A CA  1 
ATOM   986  C C   A VAL A 1 124 ? -8.014  1.857   7.258   0.40 23.64 ? 121 VAL A C   1 
ATOM   987  C C   B VAL A 1 124 ? -8.021  1.818   7.236   0.60 23.60 ? 121 VAL A C   1 
ATOM   988  O O   A VAL A 1 124 ? -7.591  1.001   8.041   0.40 23.35 ? 121 VAL A O   1 
ATOM   989  O O   B VAL A 1 124 ? -7.617  0.900   7.961   0.60 23.28 ? 121 VAL A O   1 
ATOM   990  C CB  A VAL A 1 124 ? -9.452  3.567   8.502   0.40 24.89 ? 121 VAL A CB  1 
ATOM   991  C CB  B VAL A 1 124 ? -9.330  3.520   8.591   0.60 24.75 ? 121 VAL A CB  1 
ATOM   992  C CG1 A VAL A 1 124 ? -9.224  2.993   9.893   0.40 24.13 ? 121 VAL A CG1 1 
ATOM   993  C CG1 B VAL A 1 124 ? -8.436  4.669   8.173   0.60 29.33 ? 121 VAL A CG1 1 
ATOM   994  C CG2 A VAL A 1 124 ? -8.443  4.660   8.189   0.40 29.29 ? 121 VAL A CG2 1 
ATOM   995  C CG2 B VAL A 1 124 ? -10.716 4.053   8.932   0.60 26.50 ? 121 VAL A CG2 1 
ATOM   996  N N   . LEU A 1 125 ? -7.304  2.295   6.214   1.00 20.32 ? 122 LEU A N   1 
ATOM   997  C CA  . LEU A 1 125 ? -6.005  1.706   5.870   1.00 20.14 ? 122 LEU A CA  1 
ATOM   998  C C   . LEU A 1 125 ? -5.031  2.809   5.481   1.00 18.53 ? 122 LEU A C   1 
ATOM   999  O O   . LEU A 1 125 ? -5.411  3.759   4.785   1.00 21.15 ? 122 LEU A O   1 
ATOM   1000 C CB  . LEU A 1 125 ? -6.107  0.753   4.677   1.00 21.02 ? 122 LEU A CB  1 
ATOM   1001 C CG  . LEU A 1 125 ? -7.082  -0.415  4.761   1.00 23.20 ? 122 LEU A CG  1 
ATOM   1002 C CD1 . LEU A 1 125 ? -8.298  0.083   3.991   1.00 23.22 ? 122 LEU A CD1 1 
ATOM   1003 C CD2 . LEU A 1 125 ? -6.519  -1.641  4.108   1.00 23.13 ? 122 LEU A CD2 1 
ATOM   1004 N N   . LEU A 1 126 ? -3.765  2.660   5.905   1.00 18.40 ? 123 LEU A N   1 
ATOM   1005 C CA  . LEU A 1 126 ? -2.633  3.402   5.358   1.00 18.42 ? 123 LEU A CA  1 
ATOM   1006 C C   . LEU A 1 126 ? -1.958  2.523   4.314   1.00 17.16 ? 123 LEU A C   1 
ATOM   1007 O O   . LEU A 1 126 ? -1.587  1.382   4.626   1.00 22.44 ? 123 LEU A O   1 
ATOM   1008 C CB  . LEU A 1 126 ? -1.638  3.755   6.464   1.00 18.33 ? 123 LEU A CB  1 
ATOM   1009 C CG  . LEU A 1 126 ? -0.328  4.405   5.997   1.00 20.10 ? 123 LEU A CG  1 
ATOM   1010 C CD1 . LEU A 1 126 ? -0.564  5.767   5.356   1.00 21.45 ? 123 LEU A CD1 1 
ATOM   1011 C CD2 . LEU A 1 126 ? 0.625   4.530   7.188   1.00 22.75 ? 123 LEU A CD2 1 
ATOM   1012 N N   . ALA A 1 127 ? -1.837  3.016   3.079   1.00 16.38 ? 124 ALA A N   1 
ATOM   1013 C CA  . ALA A 1 127 ? -1.412  2.138   1.997   1.00 17.74 ? 124 ALA A CA  1 
ATOM   1014 C C   . ALA A 1 127 ? -0.500  2.816   0.983   1.00 18.82 ? 124 ALA A C   1 
ATOM   1015 O O   . ALA A 1 127 ? -0.590  4.027   0.769   1.00 18.05 ? 124 ALA A O   1 
ATOM   1016 C CB  . ALA A 1 127 ? -2.636  1.596   1.244   1.00 17.54 ? 124 ALA A CB  1 
ATOM   1017 N N   . PRO A 1 128 ? 0.324   2.039   0.273   1.00 16.12 ? 125 PRO A N   1 
ATOM   1018 C CA  . PRO A 1 128 ? 0.994   2.544   -0.923  1.00 17.28 ? 125 PRO A CA  1 
ATOM   1019 C C   . PRO A 1 128 ? 0.153   2.224   -2.153  1.00 17.03 ? 125 PRO A C   1 
ATOM   1020 O O   . PRO A 1 128 ? -0.820  1.473   -2.090  1.00 21.43 ? 125 PRO A O   1 
ATOM   1021 C CB  . PRO A 1 128 ? 2.302   1.741   -0.938  1.00 21.40 ? 125 PRO A CB  1 
ATOM   1022 C CG  . PRO A 1 128 ? 1.857   0.396   -0.427  1.00 21.67 ? 125 PRO A CG  1 
ATOM   1023 C CD  . PRO A 1 128 ? 0.732   0.649   0.566   1.00 17.12 ? 125 PRO A CD  1 
ATOM   1024 N N   . LEU A 1 129 ? 0.553   2.803   -3.291  1.00 19.93 ? 126 LEU A N   1 
ATOM   1025 C CA  . LEU A 1 129 ? -0.013  2.362   -4.568  1.00 20.78 ? 126 LEU A CA  1 
ATOM   1026 C C   . LEU A 1 129 ? 0.466   0.969   -4.940  1.00 21.76 ? 126 LEU A C   1 
ATOM   1027 O O   . LEU A 1 129 ? 1.670   0.698   -4.933  1.00 24.89 ? 126 LEU A O   1 
ATOM   1028 C CB  . LEU A 1 129 ? 0.361   3.302   -5.708  1.00 23.46 ? 126 LEU A CB  1 
ATOM   1029 C CG  . LEU A 1 129 ? -0.155  4.731   -5.715  1.00 32.47 ? 126 LEU A CG  1 
ATOM   1030 C CD1 . LEU A 1 129 ? 0.474   5.444   -6.888  1.00 32.63 ? 126 LEU A CD1 1 
ATOM   1031 C CD2 . LEU A 1 129 ? -1.654  4.657   -5.899  1.00 29.49 ? 126 LEU A CD2 1 
ATOM   1032 N N   . LEU A 1 130 ? -0.465  0.115   -5.352  1.00 19.23 ? 127 LEU A N   1 
ATOM   1033 C CA  . LEU A 1 130 ? -0.108  -1.263  -5.671  1.00 17.43 ? 127 LEU A CA  1 
ATOM   1034 C C   . LEU A 1 130 ? 0.420   -1.359  -7.101  1.00 18.97 ? 127 LEU A C   1 
ATOM   1035 O O   . LEU A 1 130 ? 0.031   -0.588  -7.989  1.00 20.31 ? 127 LEU A O   1 
ATOM   1036 C CB  . LEU A 1 130 ? -1.315  -2.180  -5.474  1.00 17.97 ? 127 LEU A CB  1 
ATOM   1037 C CG  . LEU A 1 130 ? -1.822  -2.298  -4.024  1.00 21.89 ? 127 LEU A CG  1 
ATOM   1038 C CD1 . LEU A 1 130 ? -2.983  -3.286  -3.966  1.00 18.99 ? 127 LEU A CD1 1 
ATOM   1039 C CD2 . LEU A 1 130 ? -0.710  -2.789  -3.122  1.00 27.35 ? 127 LEU A CD2 1 
ATOM   1040 N N   . SER A 1 131 ? 1.343   -2.305  -7.305  1.00 16.90 ? 128 SER A N   1 
ATOM   1041 C CA  . SER A 1 131 ? 1.920   -2.681  -8.593  1.00 20.75 ? 128 SER A CA  1 
ATOM   1042 C C   . SER A 1 131 ? 2.749   -1.582  -9.251  1.00 23.18 ? 128 SER A C   1 
ATOM   1043 O O   . SER A 1 131 ? 3.084   -1.704  -10.430 1.00 25.55 ? 128 SER A O   1 
ATOM   1044 C CB  . SER A 1 131 ? 0.848   -3.184  -9.564  1.00 22.63 ? 128 SER A CB  1 
ATOM   1045 O OG  . SER A 1 131 ? 0.400   -4.460  -9.124  1.00 22.86 ? 128 SER A OG  1 
ATOM   1046 N N   . ALA A 1 132 ? 3.109   -0.529  -8.525  1.00 22.81 ? 129 ALA A N   1 
ATOM   1047 C CA  . ALA A 1 132 ? 4.055   0.456   -9.036  1.00 21.73 ? 129 ALA A CA  1 
ATOM   1048 C C   . ALA A 1 132 ? 5.487   -0.040  -8.834  1.00 26.68 ? 129 ALA A C   1 
ATOM   1049 O O   . ALA A 1 132 ? 5.736   -1.120  -8.281  1.00 24.99 ? 129 ALA A O   1 
ATOM   1050 C CB  . ALA A 1 132 ? 3.857   1.801   -8.340  1.00 28.81 ? 129 ALA A CB  1 
ATOM   1051 N N   . GLY A 1 133 ? 6.449   0.749   -9.293  1.00 26.48 ? 130 GLY A N   1 
ATOM   1052 C CA  . GLY A 1 133 ? 7.838   0.408   -9.005  1.00 27.21 ? 130 GLY A CA  1 
ATOM   1053 C C   . GLY A 1 133 ? 8.279   -0.795  -9.815  1.00 25.23 ? 130 GLY A C   1 
ATOM   1054 O O   . GLY A 1 133 ? 8.081   -0.860  -11.035 1.00 24.47 ? 130 GLY A O   1 
ATOM   1055 N N   A ILE A 1 134 ? 8.920   -1.750  -9.141  0.77 20.83 ? 131 ILE A N   1 
ATOM   1056 N N   B ILE A 1 134 ? 8.852   -1.789  -9.131  0.23 21.05 ? 131 ILE A N   1 
ATOM   1057 C CA  A ILE A 1 134 ? 9.422   -2.926  -9.847  0.77 20.47 ? 131 ILE A CA  1 
ATOM   1058 C CA  B ILE A 1 134 ? 9.387   -2.962  -9.818  0.23 20.76 ? 131 ILE A CA  1 
ATOM   1059 C C   A ILE A 1 134 ? 8.314   -3.836  -10.352 0.77 23.22 ? 131 ILE A C   1 
ATOM   1060 C C   B ILE A 1 134 ? 8.313   -3.895  -10.361 0.23 23.23 ? 131 ILE A C   1 
ATOM   1061 O O   A ILE A 1 134 ? 8.598   -4.776  -11.091 0.77 24.08 ? 131 ILE A O   1 
ATOM   1062 O O   B ILE A 1 134 ? 8.642   -4.823  -11.105 0.23 24.10 ? 131 ILE A O   1 
ATOM   1063 C CB  A ILE A 1 134 ? 10.367  -3.759  -8.958  0.77 26.06 ? 131 ILE A CB  1 
ATOM   1064 C CB  B ILE A 1 134 ? 10.315  -3.786  -8.903  0.23 26.14 ? 131 ILE A CB  1 
ATOM   1065 C CG1 A ILE A 1 134 ? 9.599   -4.352  -7.776  0.77 24.77 ? 131 ILE A CG1 1 
ATOM   1066 C CG1 B ILE A 1 134 ? 9.521   -4.414  -7.756  0.23 24.87 ? 131 ILE A CG1 1 
ATOM   1067 C CG2 A ILE A 1 134 ? 11.523  -2.892  -8.452  0.77 30.57 ? 131 ILE A CG2 1 
ATOM   1068 C CG2 B ILE A 1 134 ? 11.447  -2.914  -8.370  0.23 30.34 ? 131 ILE A CG2 1 
ATOM   1069 C CD1 A ILE A 1 134 ? 10.465  -5.118  -6.801  0.77 39.02 ? 131 ILE A CD1 1 
ATOM   1070 C CD1 B ILE A 1 134 ? 10.382  -5.053  -6.687  0.23 37.83 ? 131 ILE A CD1 1 
ATOM   1071 N N   A PHE A 1 135 ? 7.058   -3.600  -9.961  0.77 21.40 ? 132 PHE A N   1 
ATOM   1072 N N   B PHE A 1 135 ? 7.044   -3.698  -10.002 0.23 21.58 ? 132 PHE A N   1 
ATOM   1073 C CA  A PHE A 1 135 ? 5.949   -4.392  -10.495 0.77 19.90 ? 132 PHE A CA  1 
ATOM   1074 C CA  B PHE A 1 135 ? 5.978   -4.494  -10.600 0.23 19.96 ? 132 PHE A CA  1 
ATOM   1075 C C   A PHE A 1 135 ? 5.475   -3.901  -11.859 0.77 20.05 ? 132 PHE A C   1 
ATOM   1076 C C   B PHE A 1 135 ? 5.476   -3.917  -11.916 0.23 20.31 ? 132 PHE A C   1 
ATOM   1077 O O   A PHE A 1 135 ? 4.722   -4.612  -12.534 0.77 24.22 ? 132 PHE A O   1 
ATOM   1078 O O   B PHE A 1 135 ? 4.709   -4.588  -12.616 0.23 24.00 ? 132 PHE A O   1 
ATOM   1079 C CB  A PHE A 1 135 ? 4.758   -4.395  -9.515  0.77 20.32 ? 132 PHE A CB  1 
ATOM   1080 C CB  B PHE A 1 135 ? 4.806   -4.664  -9.623  0.23 20.27 ? 132 PHE A CB  1 
ATOM   1081 C CG  A PHE A 1 135 ? 4.988   -5.167  -8.241  0.77 21.09 ? 132 PHE A CG  1 
ATOM   1082 C CG  B PHE A 1 135 ? 5.014   -5.750  -8.600  0.23 23.78 ? 132 PHE A CG  1 
ATOM   1083 C CD1 A PHE A 1 135 ? 5.679   -4.594  -7.170  0.77 21.54 ? 132 PHE A CD1 1 
ATOM   1084 C CD1 B PHE A 1 135 ? 6.194   -6.480  -8.566  0.23 20.12 ? 132 PHE A CD1 1 
ATOM   1085 C CD2 A PHE A 1 135 ? 4.480   -6.467  -8.102  0.77 19.36 ? 132 PHE A CD2 1 
ATOM   1086 C CD2 B PHE A 1 135 ? 4.022   -6.055  -7.682  0.23 24.98 ? 132 PHE A CD2 1 
ATOM   1087 C CE1 A PHE A 1 135 ? 5.890   -5.305  -5.989  0.77 26.72 ? 132 PHE A CE1 1 
ATOM   1088 C CE1 B PHE A 1 135 ? 6.382   -7.486  -7.629  0.23 23.11 ? 132 PHE A CE1 1 
ATOM   1089 C CE2 A PHE A 1 135 ? 4.693   -7.180  -6.931  0.77 25.19 ? 132 PHE A CE2 1 
ATOM   1090 C CE2 B PHE A 1 135 ? 4.204   -7.056  -6.742  0.23 22.84 ? 132 PHE A CE2 1 
ATOM   1091 C CZ  A PHE A 1 135 ? 5.406   -6.595  -5.873  0.77 26.73 ? 132 PHE A CZ  1 
ATOM   1092 C CZ  B PHE A 1 135 ? 5.386   -7.773  -6.716  0.23 24.06 ? 132 PHE A CZ  1 
ATOM   1093 N N   . GLY A 1 136 ? 5.881   -2.697  -12.270 1.00 24.66 ? 133 GLY A N   1 
ATOM   1094 C CA  . GLY A 1 136 ? 5.785   -2.258  -13.644 1.00 23.51 ? 133 GLY A CA  1 
ATOM   1095 C C   . GLY A 1 136 ? 4.502   -1.589  -14.073 1.00 27.32 ? 133 GLY A C   1 
ATOM   1096 O O   . GLY A 1 136 ? 4.409   -1.175  -15.232 1.00 32.57 ? 133 GLY A O   1 
ATOM   1097 N N   . ALA A 1 137 ? 3.508   -1.474  -13.208 1.00 23.42 ? 134 ALA A N   1 
ATOM   1098 C CA  . ALA A 1 137 ? 2.289   -0.855  -13.703 1.00 20.38 ? 134 ALA A CA  1 
ATOM   1099 C C   . ALA A 1 137 ? 2.383   0.671   -13.617 1.00 28.50 ? 134 ALA A C   1 
ATOM   1100 O O   . ALA A 1 137 ? 3.153   1.242   -12.836 1.00 27.21 ? 134 ALA A O   1 
ATOM   1101 C CB  . ALA A 1 137 ? 1.065   -1.330  -12.924 1.00 24.74 ? 134 ALA A CB  1 
ATOM   1102 N N   A ASP A 1 138 ? 1.582   1.326   -14.440 0.53 23.79 ? 135 ASP A N   1 
ATOM   1103 N N   B ASP A 1 138 ? 1.568   1.324   -14.428 0.47 23.82 ? 135 ASP A N   1 
ATOM   1104 C CA  A ASP A 1 138 ? 1.465   2.785   -14.417 0.53 26.93 ? 135 ASP A CA  1 
ATOM   1105 C CA  B ASP A 1 138 ? 1.518   2.777   -14.396 0.47 26.89 ? 135 ASP A CA  1 
ATOM   1106 C C   A ASP A 1 138 ? 0.820   3.243   -13.115 0.53 25.95 ? 135 ASP A C   1 
ATOM   1107 C C   B ASP A 1 138 ? 0.855   3.208   -13.094 0.47 25.94 ? 135 ASP A C   1 
ATOM   1108 O O   A ASP A 1 138 ? -0.308  2.825   -12.816 0.53 22.51 ? 135 ASP A O   1 
ATOM   1109 O O   B ASP A 1 138 ? -0.245  2.738   -12.783 0.47 22.58 ? 135 ASP A O   1 
ATOM   1110 C CB  A ASP A 1 138 ? 0.665   3.209   -15.652 0.53 26.82 ? 135 ASP A CB  1 
ATOM   1111 C CB  B ASP A 1 138 ? 0.732   3.309   -15.584 0.47 26.92 ? 135 ASP A CB  1 
ATOM   1112 C CG  A ASP A 1 138 ? 0.122   4.633   -15.576 0.53 31.41 ? 135 ASP A CG  1 
ATOM   1113 C CG  B ASP A 1 138 ? 0.424   4.790   -15.456 0.47 27.62 ? 135 ASP A CG  1 
ATOM   1114 O OD1 A ASP A 1 138 ? 0.715   5.495   -14.901 0.53 25.93 ? 135 ASP A OD1 1 
ATOM   1115 O OD1 B ASP A 1 138 ? 1.281   5.594   -15.879 0.47 38.69 ? 135 ASP A OD1 1 
ATOM   1116 O OD2 A ASP A 1 138 ? -0.882  4.900   -16.279 0.53 39.83 ? 135 ASP A OD2 1 
ATOM   1117 O OD2 B ASP A 1 138 ? -0.642  5.146   -14.908 0.47 31.03 ? 135 ASP A OD2 1 
ATOM   1118 N N   . PRO A 1 139 ? 1.494   4.075   -12.302 1.00 23.67 ? 136 PRO A N   1 
ATOM   1119 C CA  . PRO A 1 139 ? 0.912   4.459   -11.007 1.00 22.00 ? 136 PRO A CA  1 
ATOM   1120 C C   . PRO A 1 139 ? -0.364  5.257   -11.115 1.00 20.12 ? 136 PRO A C   1 
ATOM   1121 O O   . PRO A 1 139 ? -1.207  5.160   -10.219 1.00 20.71 ? 136 PRO A O   1 
ATOM   1122 C CB  . PRO A 1 139 ? 2.030   5.288   -10.346 1.00 27.93 ? 136 PRO A CB  1 
ATOM   1123 C CG  . PRO A 1 139 ? 2.886   5.746   -11.486 1.00 29.62 ? 136 PRO A CG  1 
ATOM   1124 C CD  . PRO A 1 139 ? 2.841   4.633   -12.489 1.00 23.63 ? 136 PRO A CD  1 
ATOM   1125 N N   . ILE A 1 140 ? -0.532  6.070   -12.161 1.00 20.15 ? 137 ILE A N   1 
ATOM   1126 C CA  . ILE A 1 140 ? -1.785  6.793   -12.287 1.00 22.16 ? 137 ILE A CA  1 
ATOM   1127 C C   . ILE A 1 140 ? -2.901  5.812   -12.587 1.00 24.29 ? 137 ILE A C   1 
ATOM   1128 O O   . ILE A 1 140 ? -4.009  5.907   -12.035 1.00 20.68 ? 137 ILE A O   1 
ATOM   1129 C CB  . ILE A 1 140 ? -1.673  7.867   -13.373 1.00 22.47 ? 137 ILE A CB  1 
ATOM   1130 C CG1 . ILE A 1 140 ? -0.482  8.782   -13.112 1.00 33.14 ? 137 ILE A CG1 1 
ATOM   1131 C CG2 . ILE A 1 140 ? -2.897  8.712   -13.338 1.00 27.80 ? 137 ILE A CG2 1 
ATOM   1132 C CD1 . ILE A 1 140 ? -0.370  9.841   -14.164 1.00 35.73 ? 137 ILE A CD1 1 
ATOM   1133 N N   . HIS A 1 141 ? -2.621  4.838   -13.456 1.00 23.38 ? 138 HIS A N   1 
ATOM   1134 C CA  . HIS A 1 141 ? -3.593  3.780   -13.690 1.00 21.47 ? 138 HIS A CA  1 
ATOM   1135 C C   . HIS A 1 141 ? -3.917  3.033   -12.400 1.00 20.26 ? 138 HIS A C   1 
ATOM   1136 O O   . HIS A 1 141 ? -5.083  2.728   -12.141 1.00 21.57 ? 138 HIS A O   1 
ATOM   1137 C CB  . HIS A 1 141 ? -3.093  2.810   -14.770 1.00 22.88 ? 138 HIS A CB  1 
ATOM   1138 C CG  . HIS A 1 141 ? -3.978  1.611   -14.947 1.00 30.89 ? 138 HIS A CG  1 
ATOM   1139 N ND1 . HIS A 1 141 ? -5.173  1.671   -15.629 1.00 33.86 ? 138 HIS A ND1 1 
ATOM   1140 C CD2 . HIS A 1 141 ? -3.843  0.326   -14.537 1.00 26.77 ? 138 HIS A CD2 1 
ATOM   1141 C CE1 . HIS A 1 141 ? -5.742  0.477   -15.627 1.00 27.21 ? 138 HIS A CE1 1 
ATOM   1142 N NE2 . HIS A 1 141 ? -4.956  -0.355  -14.967 1.00 30.22 ? 138 HIS A NE2 1 
ATOM   1143 N N   . SER A 1 142 ? -2.903  2.749   -11.559 1.00 18.34 ? 139 SER A N   1 
ATOM   1144 C CA  . SER A 1 142 ? -3.188  2.036   -10.316 1.00 16.95 ? 139 SER A CA  1 
ATOM   1145 C C   . SER A 1 142 ? -4.098  2.874   -9.404  1.00 18.02 ? 139 SER A C   1 
ATOM   1146 O O   . SER A 1 142 ? -5.019  2.339   -8.773  1.00 21.98 ? 139 SER A O   1 
ATOM   1147 C CB  . SER A 1 142 ? -1.862  1.646   -9.631  1.00 19.73 ? 139 SER A CB  1 
ATOM   1148 O OG  . SER A 1 142 ? -2.068  1.029   -8.361  1.00 20.73 ? 139 SER A OG  1 
ATOM   1149 N N   . LEU A 1 143 ? -3.884  4.196   -9.351  1.00 19.13 ? 140 LEU A N   1 
ATOM   1150 C CA  . LEU A 1 143 ? -4.778  5.026   -8.547  1.00 20.28 ? 140 LEU A CA  1 
ATOM   1151 C C   . LEU A 1 143 ? -6.207  5.007   -9.089  1.00 20.80 ? 140 LEU A C   1 
ATOM   1152 O O   . LEU A 1 143 ? -7.173  5.000   -8.305  1.00 22.42 ? 140 LEU A O   1 
ATOM   1153 C CB  . LEU A 1 143 ? -4.228  6.454   -8.445  1.00 21.69 ? 140 LEU A CB  1 
ATOM   1154 C CG  . LEU A 1 143 ? -5.086  7.497   -7.727  1.00 26.06 ? 140 LEU A CG  1 
ATOM   1155 C CD1 . LEU A 1 143 ? -5.169  7.228   -6.266  1.00 26.95 ? 140 LEU A CD1 1 
ATOM   1156 C CD2 . LEU A 1 143 ? -4.398  8.839   -7.928  1.00 32.57 ? 140 LEU A CD2 1 
ATOM   1157 N N   . ARG A 1 144 ? -6.364  5.022   -10.414 1.00 19.24 ? 141 ARG A N   1 
ATOM   1158 C CA  . ARG A 1 144 ? -7.697  4.874   -10.997 1.00 21.49 ? 141 ARG A CA  1 
ATOM   1159 C C   . ARG A 1 144 ? -8.379  3.619   -10.485 1.00 24.01 ? 141 ARG A C   1 
ATOM   1160 O O   . ARG A 1 144 ? -9.558  3.645   -10.107 1.00 25.12 ? 141 ARG A O   1 
ATOM   1161 C CB  . ARG A 1 144 ? -7.620  4.813   -12.520 1.00 25.48 ? 141 ARG A CB  1 
ATOM   1162 C CG  . ARG A 1 144 ? -7.062  6.038   -13.217 1.00 41.48 ? 141 ARG A CG  1 
ATOM   1163 C CD  . ARG A 1 144 ? -8.139  7.072   -13.506 1.00 41.10 ? 141 ARG A CD  1 
ATOM   1164 N NE  . ARG A 1 144 ? -7.551  8.304   -14.016 1.00 32.88 ? 141 ARG A NE  1 
ATOM   1165 C CZ  . ARG A 1 144 ? -7.963  9.512   -13.656 1.00 31.64 ? 141 ARG A CZ  1 
ATOM   1166 N NH1 . ARG A 1 144 ? -7.366  10.592  -14.146 1.00 37.08 ? 141 ARG A NH1 1 
ATOM   1167 N NH2 . ARG A 1 144 ? -8.985  9.639   -12.819 1.00 31.34 ? 141 ARG A NH2 1 
ATOM   1168 N N   . VAL A 1 145 ? -7.671  2.489   -10.524 1.00 18.77 ? 142 VAL A N   1 
ATOM   1169 C CA  . VAL A 1 145 ? -8.299  1.236   -10.097 1.00 20.54 ? 142 VAL A CA  1 
ATOM   1170 C C   . VAL A 1 145 ? -8.653  1.308   -8.618  1.00 22.54 ? 142 VAL A C   1 
ATOM   1171 O O   . VAL A 1 145 ? -9.722  0.858   -8.190  1.00 21.38 ? 142 VAL A O   1 
ATOM   1172 C CB  . VAL A 1 145 ? -7.384  0.039   -10.401 1.00 19.34 ? 142 VAL A CB  1 
ATOM   1173 C CG1 . VAL A 1 145 ? -8.040  -1.251  -9.950  1.00 20.96 ? 142 VAL A CG1 1 
ATOM   1174 C CG2 . VAL A 1 145 ? -7.078  -0.018  -11.882 1.00 26.74 ? 142 VAL A CG2 1 
ATOM   1175 N N   . CYS A 1 146 ? -7.771  1.897   -7.817  1.00 22.64 ? 143 CYS A N   1 
ATOM   1176 C CA  . CYS A 1 146 ? -8.044  2.043   -6.394  1.00 22.07 ? 143 CYS A CA  1 
ATOM   1177 C C   . CYS A 1 146 ? -9.342  2.813   -6.168  1.00 20.62 ? 143 CYS A C   1 
ATOM   1178 O O   . CYS A 1 146 ? -10.233 2.350   -5.448  1.00 21.56 ? 143 CYS A O   1 
ATOM   1179 C CB  . CYS A 1 146 ? -6.872  2.762   -5.719  1.00 22.28 ? 143 CYS A CB  1 
ATOM   1180 S SG  . CYS A 1 146 ? -7.106  3.059   -3.945  1.00 24.75 ? 143 CYS A SG  1 
ATOM   1181 N N   A VAL A 1 147 ? -9.482  3.982   -6.809  0.58 22.06 ? 144 VAL A N   1 
ATOM   1182 N N   B VAL A 1 147 ? -9.454  4.002   -6.771  0.42 22.07 ? 144 VAL A N   1 
ATOM   1183 C CA  A VAL A 1 147 ? -10.657 4.807   -6.527  0.58 28.40 ? 144 VAL A CA  1 
ATOM   1184 C CA  B VAL A 1 147 ? -10.649 4.828   -6.590  0.42 28.33 ? 144 VAL A CA  1 
ATOM   1185 C C   A VAL A 1 147 ? -11.927 4.146   -7.060  0.58 25.77 ? 144 VAL A C   1 
ATOM   1186 C C   B VAL A 1 147 ? -11.899 4.065   -7.010  0.42 25.86 ? 144 VAL A C   1 
ATOM   1187 O O   A VAL A 1 147 ? -13.019 4.365   -6.518  0.58 27.88 ? 144 VAL A O   1 
ATOM   1188 O O   B VAL A 1 147 ? -12.938 4.118   -6.336  0.42 28.43 ? 144 VAL A O   1 
ATOM   1189 C CB  A VAL A 1 147 ? -10.501 6.231   -7.097  0.58 24.66 ? 144 VAL A CB  1 
ATOM   1190 C CB  B VAL A 1 147 ? -10.506 6.149   -7.370  0.42 25.45 ? 144 VAL A CB  1 
ATOM   1191 C CG1 A VAL A 1 147 ? -9.330  6.965   -6.428  0.58 26.90 ? 144 VAL A CG1 1 
ATOM   1192 C CG1 B VAL A 1 147 ? -11.848 6.856   -7.482  0.42 22.86 ? 144 VAL A CG1 1 
ATOM   1193 C CG2 A VAL A 1 147 ? -10.389 6.220   -8.612  0.58 28.09 ? 144 VAL A CG2 1 
ATOM   1194 C CG2 B VAL A 1 147 ? -9.471  7.045   -6.698  0.42 27.55 ? 144 VAL A CG2 1 
ATOM   1195 N N   . ASP A 1 148 ? -11.810 3.327   -8.116  1.00 27.03 ? 145 ASP A N   1 
ATOM   1196 C CA  . ASP A 1 148 ? -12.955 2.573   -8.641  1.00 28.67 ? 145 ASP A CA  1 
ATOM   1197 C C   . ASP A 1 148 ? -13.376 1.410   -7.748  1.00 32.40 ? 145 ASP A C   1 
ATOM   1198 O O   . ASP A 1 148 ? -14.556 1.041   -7.726  1.00 37.00 ? 145 ASP A O   1 
ATOM   1199 C CB  . ASP A 1 148 ? -12.602 2.044   -10.037 1.00 32.01 ? 145 ASP A CB  1 
ATOM   1200 C CG  . ASP A 1 148 ? -13.805 1.913   -10.951 1.00 57.25 ? 145 ASP A CG  1 
ATOM   1201 O OD1 . ASP A 1 148 ? -13.928 0.846   -11.596 1.00 57.31 ? 145 ASP A OD1 1 
ATOM   1202 O OD2 . ASP A 1 148 ? -14.629 2.846   -11.021 1.00 45.86 ? 145 ASP A OD2 1 
ATOM   1203 N N   . THR A 1 149 ? -12.443 0.809   -7.019  1.00 25.83 ? 146 THR A N   1 
ATOM   1204 C CA  . THR A 1 149 ? -12.669 -0.479  -6.379  1.00 21.29 ? 146 THR A CA  1 
ATOM   1205 C C   . THR A 1 149 ? -12.921 -0.374  -4.886  1.00 25.68 ? 146 THR A C   1 
ATOM   1206 O O   . THR A 1 149 ? -13.736 -1.132  -4.347  1.00 27.20 ? 146 THR A O   1 
ATOM   1207 C CB  . THR A 1 149 ? -11.456 -1.379  -6.608  1.00 21.03 ? 146 THR A CB  1 
ATOM   1208 O OG1 . THR A 1 149 ? -11.234 -1.510  -8.016  1.00 27.40 ? 146 THR A OG1 1 
ATOM   1209 C CG2 . THR A 1 149 ? -11.672 -2.737  -5.977  1.00 21.48 ? 146 THR A CG2 1 
ATOM   1210 N N   . VAL A 1 150 ? -12.221 0.523   -4.194  1.00 22.45 ? 147 VAL A N   1 
ATOM   1211 C CA  . VAL A 1 150 ? -12.207 0.512   -2.739  1.00 25.58 ? 147 VAL A CA  1 
ATOM   1212 C C   . VAL A 1 150 ? -13.371 1.343   -2.229  1.00 23.67 ? 147 VAL A C   1 
ATOM   1213 O O   . VAL A 1 150 ? -13.562 2.479   -2.668  1.00 30.86 ? 147 VAL A O   1 
ATOM   1214 C CB  . VAL A 1 150 ? -10.884 1.062   -2.193  1.00 26.11 ? 147 VAL A CB  1 
ATOM   1215 C CG1 . VAL A 1 150 ? -10.889 0.931   -0.666  1.00 26.09 ? 147 VAL A CG1 1 
ATOM   1216 C CG2 . VAL A 1 150 ? -9.685  0.338   -2.825  1.00 25.71 ? 147 VAL A CG2 1 
ATOM   1217 N N   A ARG A 1 151 ? -14.131 0.786   -1.291  0.55 25.93 ? 148 ARG A N   1 
ATOM   1218 N N   B ARG A 1 151 ? -14.137 0.791   -1.290  0.45 25.97 ? 148 ARG A N   1 
ATOM   1219 C CA  A ARG A 1 151 ? -15.267 1.478   -0.703  0.55 30.47 ? 148 ARG A CA  1 
ATOM   1220 C CA  B ARG A 1 151 ? -15.264 1.506   -0.703  0.45 30.41 ? 148 ARG A CA  1 
ATOM   1221 C C   A ARG A 1 151 ? -15.022 1.885   0.742   0.55 34.46 ? 148 ARG A C   1 
ATOM   1222 C C   B ARG A 1 151 ? -15.059 1.806   0.775   0.45 34.40 ? 148 ARG A C   1 
ATOM   1223 O O   A ARG A 1 151 ? -15.879 2.545   1.342   0.55 32.68 ? 148 ARG A O   1 
ATOM   1224 O O   B ARG A 1 151 ? -15.986 2.290   1.435   0.45 31.76 ? 148 ARG A O   1 
ATOM   1225 C CB  A ARG A 1 151 ? -16.527 0.606   -0.797  0.55 35.16 ? 148 ARG A CB  1 
ATOM   1226 C CB  B ARG A 1 151 ? -16.565 0.722   -0.898  0.45 35.39 ? 148 ARG A CB  1 
ATOM   1227 C CG  A ARG A 1 151 ? -16.931 0.254   -2.228  0.55 33.83 ? 148 ARG A CG  1 
ATOM   1228 C CG  B ARG A 1 151 ? -16.565 -0.652  -0.269  0.45 32.50 ? 148 ARG A CG  1 
ATOM   1229 C CD  A ARG A 1 151 ? -18.256 -0.492  -2.270  0.55 42.30 ? 148 ARG A CD  1 
ATOM   1230 C CD  B ARG A 1 151 ? -17.878 -1.390  -0.546  0.45 36.82 ? 148 ARG A CD  1 
ATOM   1231 N NE  A ARG A 1 151 ? -18.164 -1.745  -3.009  0.55 54.49 ? 148 ARG A NE  1 
ATOM   1232 N NE  B ARG A 1 151 ? -18.182 -1.465  -1.973  0.45 43.16 ? 148 ARG A NE  1 
ATOM   1233 C CZ  A ARG A 1 151 ? -17.950 -2.925  -2.436  0.55 57.61 ? 148 ARG A CZ  1 
ATOM   1234 C CZ  B ARG A 1 151 ? -17.836 -2.478  -2.763  0.45 54.96 ? 148 ARG A CZ  1 
ATOM   1235 N NH1 A ARG A 1 151 ? -17.805 -2.993  -1.117  0.55 47.51 ? 148 ARG A NH1 1 
ATOM   1236 N NH1 B ARG A 1 151 ? -18.157 -2.458  -4.052  0.45 59.47 ? 148 ARG A NH1 1 
ATOM   1237 N NH2 A ARG A 1 151 ? -17.881 -4.032  -3.173  0.55 60.47 ? 148 ARG A NH2 1 
ATOM   1238 N NH2 B ARG A 1 151 ? -17.162 -3.510  -2.270  0.45 57.04 ? 148 ARG A NH2 1 
ATOM   1239 N N   . THR A 1 152 ? -13.884 1.522   1.314   1.00 21.56 ? 149 THR A N   1 
ATOM   1240 C CA  . THR A 1 152 ? -13.535 1.913   2.665   1.00 24.78 ? 149 THR A CA  1 
ATOM   1241 C C   . THR A 1 152 ? -12.527 3.067   2.610   1.00 24.08 ? 149 THR A C   1 
ATOM   1242 O O   . THR A 1 152 ? -12.153 3.556   1.539   1.00 24.64 ? 149 THR A O   1 
ATOM   1243 C CB  . THR A 1 152 ? -12.998 0.709   3.432   1.00 25.30 ? 149 THR A CB  1 
ATOM   1244 O OG1 . THR A 1 152 ? -11.927 0.115   2.681   1.00 26.99 ? 149 THR A OG1 1 
ATOM   1245 C CG2 . THR A 1 152 ? -14.111 -0.339  3.609   1.00 26.07 ? 149 THR A CG2 1 
ATOM   1246 N N   . ASN A 1 153 ? -12.094 3.535   3.775   1.00 23.49 ? 150 ASN A N   1 
ATOM   1247 C CA  . ASN A 1 153 ? -11.276 4.747   3.825   1.00 21.76 ? 150 ASN A CA  1 
ATOM   1248 C C   . ASN A 1 153 ? -9.811  4.387   3.638   1.00 18.83 ? 150 ASN A C   1 
ATOM   1249 O O   . ASN A 1 153 ? -9.232  3.675   4.472   1.00 25.21 ? 150 ASN A O   1 
ATOM   1250 C CB  . ASN A 1 153 ? -11.481 5.477   5.149   1.00 25.23 ? 150 ASN A CB  1 
ATOM   1251 C CG  . ASN A 1 153 ? -12.915 5.902   5.358   1.00 35.39 ? 150 ASN A CG  1 
ATOM   1252 O OD1 . ASN A 1 153 ? -13.497 5.657   6.411   1.00 43.61 ? 150 ASN A OD1 1 
ATOM   1253 N ND2 . ASN A 1 153 ? -13.471 6.610   4.371   1.00 29.21 ? 150 ASN A ND2 1 
ATOM   1254 N N   A VAL A 1 154 ? -9.195  4.865   2.566   0.46 21.71 ? 151 VAL A N   1 
ATOM   1255 N N   B VAL A 1 154 ? -9.205  4.924   2.579   0.54 21.69 ? 151 VAL A N   1 
ATOM   1256 C CA  A VAL A 1 154 ? -7.797  4.542   2.309   0.46 21.32 ? 151 VAL A CA  1 
ATOM   1257 C CA  B VAL A 1 154 ? -7.830  4.630   2.190   0.54 20.98 ? 151 VAL A CA  1 
ATOM   1258 C C   A VAL A 1 154 ? -6.989  5.830   2.259   0.46 20.83 ? 151 VAL A C   1 
ATOM   1259 C C   B VAL A 1 154 ? -7.007  5.906   2.279   0.54 20.85 ? 151 VAL A C   1 
ATOM   1260 O O   A VAL A 1 154 ? -7.369  6.793   1.582   0.46 21.18 ? 151 VAL A O   1 
ATOM   1261 O O   B VAL A 1 154 ? -7.380  6.932   1.697   0.54 20.96 ? 151 VAL A O   1 
ATOM   1262 C CB  A VAL A 1 154 ? -7.616  3.709   1.026   0.46 22.43 ? 151 VAL A CB  1 
ATOM   1263 C CB  B VAL A 1 154 ? -7.765  4.042   0.769   0.54 16.75 ? 151 VAL A CB  1 
ATOM   1264 C CG1 A VAL A 1 154 ? -8.251  4.376   -0.167  0.46 23.52 ? 151 VAL A CG1 1 
ATOM   1265 C CG1 B VAL A 1 154 ? -6.314  3.864   0.323   0.54 23.27 ? 151 VAL A CG1 1 
ATOM   1266 C CG2 A VAL A 1 154 ? -6.132  3.401   0.796   0.46 18.42 ? 151 VAL A CG2 1 
ATOM   1267 C CG2 B VAL A 1 154 ? -8.449  2.721   0.762   0.54 27.57 ? 151 VAL A CG2 1 
ATOM   1268 N N   . TYR A 1 155 ? -5.888  5.846   3.003   1.00 18.26 ? 152 TYR A N   1 
ATOM   1269 C CA  . TYR A 1 155 ? -4.961  6.973   3.072   1.00 18.47 ? 152 TYR A CA  1 
ATOM   1270 C C   . TYR A 1 155 ? -3.683  6.542   2.364   1.00 15.92 ? 152 TYR A C   1 
ATOM   1271 O O   . TYR A 1 155 ? -2.991  5.632   2.840   1.00 22.27 ? 152 TYR A O   1 
ATOM   1272 C CB  . TYR A 1 155 ? -4.693  7.380   4.522   1.00 19.98 ? 152 TYR A CB  1 
ATOM   1273 C CG  . TYR A 1 155 ? -5.900  8.018   5.174   1.00 20.89 ? 152 TYR A CG  1 
ATOM   1274 C CD1 . TYR A 1 155 ? -6.954  7.243   5.642   1.00 22.05 ? 152 TYR A CD1 1 
ATOM   1275 C CD2 . TYR A 1 155 ? -5.991  9.399   5.295   1.00 21.79 ? 152 TYR A CD2 1 
ATOM   1276 C CE1 . TYR A 1 155 ? -8.070  7.824   6.223   1.00 23.48 ? 152 TYR A CE1 1 
ATOM   1277 C CE2 . TYR A 1 155 ? -7.102  9.984   5.870   1.00 25.88 ? 152 TYR A CE2 1 
ATOM   1278 C CZ  . TYR A 1 155 ? -8.127  9.196   6.336   1.00 30.28 ? 152 TYR A CZ  1 
ATOM   1279 O OH  . TYR A 1 155 ? -9.229  9.796   6.915   1.00 31.81 ? 152 TYR A OH  1 
ATOM   1280 N N   . LEU A 1 156 ? -3.392  7.169   1.219   1.00 17.58 ? 153 LEU A N   1 
ATOM   1281 C CA  . LEU A 1 156 ? -2.265  6.786   0.372   1.00 14.48 ? 153 LEU A CA  1 
ATOM   1282 C C   . LEU A 1 156 ? -1.055  7.665   0.659   1.00 22.46 ? 153 LEU A C   1 
ATOM   1283 O O   . LEU A 1 156 ? -1.164  8.890   0.674   1.00 21.77 ? 153 LEU A O   1 
ATOM   1284 C CB  . LEU A 1 156 ? -2.631  6.907   -1.111  1.00 18.83 ? 153 LEU A CB  1 
ATOM   1285 C CG  . LEU A 1 156 ? -3.700  5.938   -1.614  1.00 23.36 ? 153 LEU A CG  1 
ATOM   1286 C CD1 . LEU A 1 156 ? -4.165  6.311   -3.017  1.00 27.91 ? 153 LEU A CD1 1 
ATOM   1287 C CD2 . LEU A 1 156 ? -3.169  4.496   -1.609  1.00 22.57 ? 153 LEU A CD2 1 
ATOM   1288 N N   . ALA A 1 157 ? 0.102   7.041   0.858   1.00 18.02 ? 154 ALA A N   1 
ATOM   1289 C CA  . ALA A 1 157 ? 1.351   7.771   1.076   1.00 21.48 ? 154 ALA A CA  1 
ATOM   1290 C C   . ALA A 1 157 ? 2.237   7.590   -0.151  1.00 20.47 ? 154 ALA A C   1 
ATOM   1291 O O   . ALA A 1 157 ? 2.583   6.459   -0.516  1.00 24.97 ? 154 ALA A O   1 
ATOM   1292 C CB  . ALA A 1 157 ? 2.052   7.268   2.339   1.00 22.73 ? 154 ALA A CB  1 
ATOM   1293 N N   A VAL A 1 158 ? 2.584   8.696   -0.802  0.59 20.10 ? 155 VAL A N   1 
ATOM   1294 N N   B VAL A 1 158 ? 2.595   8.694   -0.799  0.41 20.15 ? 155 VAL A N   1 
ATOM   1295 C CA  A VAL A 1 158 ? 3.417   8.669   -2.004  0.59 20.47 ? 155 VAL A CA  1 
ATOM   1296 C CA  B VAL A 1 158 ? 3.468   8.658   -1.971  0.41 20.57 ? 155 VAL A CA  1 
ATOM   1297 C C   A VAL A 1 158 ? 4.695   9.428   -1.690  0.59 26.12 ? 155 VAL A C   1 
ATOM   1298 C C   B VAL A 1 158 ? 4.674   9.535   -1.677  0.41 26.06 ? 155 VAL A C   1 
ATOM   1299 O O   A VAL A 1 158 ? 4.634   10.594  -1.294  0.59 24.50 ? 155 VAL A O   1 
ATOM   1300 O O   B VAL A 1 158 ? 4.533   10.755  -1.547  0.41 24.40 ? 155 VAL A O   1 
ATOM   1301 C CB  A VAL A 1 158 ? 2.692   9.282   -3.216  0.59 25.39 ? 155 VAL A CB  1 
ATOM   1302 C CB  B VAL A 1 158 ? 2.749   9.132   -3.245  0.41 25.90 ? 155 VAL A CB  1 
ATOM   1303 C CG1 A VAL A 1 158 ? 3.611   9.299   -4.427  0.59 29.75 ? 155 VAL A CG1 1 
ATOM   1304 C CG1 B VAL A 1 158 ? 3.697   9.069   -4.431  0.41 29.44 ? 155 VAL A CG1 1 
ATOM   1305 C CG2 A VAL A 1 158 ? 1.413   8.488   -3.524  0.59 27.36 ? 155 VAL A CG2 1 
ATOM   1306 C CG2 B VAL A 1 158 ? 1.514   8.270   -3.507  0.41 26.54 ? 155 VAL A CG2 1 
ATOM   1307 N N   A PHE A 1 159 ? 5.851   8.776   -1.871  0.59 25.14 ? 156 PHE A N   1 
ATOM   1308 N N   B PHE A 1 159 ? 5.860   8.924   -1.597  0.41 27.27 ? 156 PHE A N   1 
ATOM   1309 C CA  A PHE A 1 159 ? 7.105   9.392   -1.437  0.59 30.84 ? 156 PHE A CA  1 
ATOM   1310 C CA  B PHE A 1 159 ? 7.023   9.683   -1.141  0.41 28.75 ? 156 PHE A CA  1 
ATOM   1311 C C   A PHE A 1 159 ? 7.628   10.418  -2.441  0.59 30.42 ? 156 PHE A C   1 
ATOM   1312 C C   B PHE A 1 159 ? 7.603   10.583  -2.230  0.41 29.93 ? 156 PHE A C   1 
ATOM   1313 O O   A PHE A 1 159 ? 8.044   11.516  -2.058  0.59 33.23 ? 156 PHE A O   1 
ATOM   1314 O O   B PHE A 1 159 ? 8.061   11.690  -1.932  0.41 33.65 ? 156 PHE A O   1 
ATOM   1315 C CB  A PHE A 1 159 ? 8.175   8.326   -1.187  0.59 26.81 ? 156 PHE A CB  1 
ATOM   1316 C CB  B PHE A 1 159 ? 8.108   8.746   -0.611  0.41 34.59 ? 156 PHE A CB  1 
ATOM   1317 C CG  A PHE A 1 159 ? 9.512   8.909   -0.804  0.59 41.00 ? 156 PHE A CG  1 
ATOM   1318 C CG  B PHE A 1 159 ? 9.285   9.478   -0.018  0.41 39.98 ? 156 PHE A CG  1 
ATOM   1319 C CD1 A PHE A 1 159 ? 9.661   9.590   0.396   0.59 42.95 ? 156 PHE A CD1 1 
ATOM   1320 C CD1 B PHE A 1 159 ? 9.190   10.074  1.234   0.41 38.29 ? 156 PHE A CD1 1 
ATOM   1321 C CD2 A PHE A 1 159 ? 10.609  8.791   -1.641  0.59 41.41 ? 156 PHE A CD2 1 
ATOM   1322 C CD2 B PHE A 1 159 ? 10.475  9.593   -0.721  0.41 42.53 ? 156 PHE A CD2 1 
ATOM   1323 C CE1 A PHE A 1 159 ? 10.874  10.143  0.754   0.59 49.92 ? 156 PHE A CE1 1 
ATOM   1324 C CE1 B PHE A 1 159 ? 10.262  10.760  1.780   0.41 41.59 ? 156 PHE A CE1 1 
ATOM   1325 C CE2 A PHE A 1 159 ? 11.829  9.341   -1.288  0.59 45.86 ? 156 PHE A CE2 1 
ATOM   1326 C CE2 B PHE A 1 159 ? 11.551  10.275  -0.183  0.41 49.84 ? 156 PHE A CE2 1 
ATOM   1327 C CZ  A PHE A 1 159 ? 11.962  10.015  -0.089  0.59 52.02 ? 156 PHE A CZ  1 
ATOM   1328 C CZ  B PHE A 1 159 ? 11.445  10.860  1.070   0.41 50.94 ? 156 PHE A CZ  1 
ATOM   1329 N N   A ASP A 1 160 ? 7.638   10.064  -3.724  0.59 28.97 ? 157 ASP A N   1 
ATOM   1330 N N   B ASP A 1 160 ? 7.614   10.136  -3.486  0.41 29.21 ? 157 ASP A N   1 
ATOM   1331 C CA  A ASP A 1 160 ? 8.233   10.903  -4.763  0.59 32.62 ? 157 ASP A CA  1 
ATOM   1332 C CA  B ASP A 1 160 ? 8.236   10.936  -4.538  0.41 32.43 ? 157 ASP A CA  1 
ATOM   1333 C C   A ASP A 1 160 ? 7.365   12.133  -5.017  0.59 29.10 ? 157 ASP A C   1 
ATOM   1334 C C   B ASP A 1 160 ? 7.351   12.131  -4.871  0.41 29.17 ? 157 ASP A C   1 
ATOM   1335 O O   A ASP A 1 160 ? 6.209   12.008  -5.427  0.59 29.76 ? 157 ASP A O   1 
ATOM   1336 O O   B ASP A 1 160 ? 6.175   11.972  -5.208  0.41 30.10 ? 157 ASP A O   1 
ATOM   1337 C CB  A ASP A 1 160 ? 8.398   10.064  -6.031  0.59 31.91 ? 157 ASP A CB  1 
ATOM   1338 C CB  B ASP A 1 160 ? 8.485   10.102  -5.790  0.41 31.42 ? 157 ASP A CB  1 
ATOM   1339 C CG  A ASP A 1 160 ? 9.247   10.739  -7.097  0.59 37.30 ? 157 ASP A CG  1 
ATOM   1340 C CG  B ASP A 1 160 ? 9.049   10.934  -6.931  0.41 36.76 ? 157 ASP A CG  1 
ATOM   1341 O OD1 A ASP A 1 160 ? 9.222   11.981  -7.220  0.59 39.53 ? 157 ASP A OD1 1 
ATOM   1342 O OD1 B ASP A 1 160 ? 10.207  11.392  -6.811  0.41 35.73 ? 157 ASP A OD1 1 
ATOM   1343 O OD2 A ASP A 1 160 ? 9.955   10.003  -7.815  0.59 42.13 ? 157 ASP A OD2 1 
ATOM   1344 O OD2 B ASP A 1 160 ? 8.329   11.168  -7.925  0.41 28.83 ? 157 ASP A OD2 1 
ATOM   1345 N N   . LYS A 1 161 ? 7.926   13.328  -4.787  1.00 27.65 ? 158 LYS A N   1 
ATOM   1346 C CA  . LYS A 1 161 ? 7.160   14.557  -4.997  1.00 27.82 ? 158 LYS A CA  1 
ATOM   1347 C C   . LYS A 1 161 ? 6.746   14.722  -6.458  1.00 30.14 ? 158 LYS A C   1 
ATOM   1348 O O   . LYS A 1 161 ? 5.643   15.200  -6.749  1.00 28.18 ? 158 LYS A O   1 
ATOM   1349 C CB  . LYS A 1 161 ? 8.009   15.743  -4.529  1.00 34.65 ? 158 LYS A CB  1 
ATOM   1350 C CG  . LYS A 1 161 ? 7.551   17.124  -4.948  1.00 41.01 ? 158 LYS A CG  1 
ATOM   1351 C CD  . LYS A 1 161 ? 6.268   17.533  -4.266  1.00 39.82 ? 158 LYS A CD  1 
ATOM   1352 C CE  . LYS A 1 161 ? 5.922   18.997  -4.595  1.00 44.66 ? 158 LYS A CE  1 
ATOM   1353 N NZ  . LYS A 1 161 ? 4.523   19.323  -4.226  1.00 40.79 ? 158 LYS A NZ  1 
ATOM   1354 N N   . ASN A 1 162 ? 7.615   14.326  -7.398  1.00 30.19 ? 159 ASN A N   1 
ATOM   1355 C CA  . ASN A 1 162 ? 7.271   14.440  -8.813  1.00 33.07 ? 159 ASN A CA  1 
ATOM   1356 C C   . ASN A 1 162 ? 6.058   13.588  -9.152  1.00 27.05 ? 159 ASN A C   1 
ATOM   1357 O O   . ASN A 1 162 ? 5.142   14.042  -9.847  1.00 30.34 ? 159 ASN A O   1 
ATOM   1358 C CB  . ASN A 1 162 ? 8.459   14.030  -9.680  1.00 37.16 ? 159 ASN A CB  1 
ATOM   1359 C CG  . ASN A 1 162 ? 9.578   15.042  -9.640  1.00 58.06 ? 159 ASN A CG  1 
ATOM   1360 O OD1 . ASN A 1 162 ? 9.332   16.247  -9.542  1.00 52.58 ? 159 ASN A OD1 1 
ATOM   1361 N ND2 . ASN A 1 162 ? 10.818  14.563  -9.713  1.00 57.42 ? 159 ASN A ND2 1 
ATOM   1362 N N   . LEU A 1 163 ? 6.043   12.341  -8.669  1.00 29.04 ? 160 LEU A N   1 
ATOM   1363 C CA  . LEU A 1 163 ? 4.888   11.476  -8.894  1.00 27.14 ? 160 LEU A CA  1 
ATOM   1364 C C   . LEU A 1 163 ? 3.651   11.992  -8.174  1.00 31.94 ? 160 LEU A C   1 
ATOM   1365 O O   . LEU A 1 163 ? 2.545   11.956  -8.731  1.00 26.10 ? 160 LEU A O   1 
ATOM   1366 C CB  . LEU A 1 163 ? 5.209   10.051  -8.453  1.00 26.44 ? 160 LEU A CB  1 
ATOM   1367 C CG  . LEU A 1 163 ? 4.037   9.108   -8.674  1.00 29.74 ? 160 LEU A CG  1 
ATOM   1368 C CD1 . LEU A 1 163 ? 3.739   8.916   -10.157 1.00 29.84 ? 160 LEU A CD1 1 
ATOM   1369 C CD2 . LEU A 1 163 ? 4.379   7.783   -8.009  1.00 32.30 ? 160 LEU A CD2 1 
ATOM   1370 N N   . TYR A 1 164 ? 3.814   12.456  -6.931  1.00 27.23 ? 161 TYR A N   1 
ATOM   1371 C CA  . TYR A 1 164 ? 2.686   13.020  -6.201  1.00 23.93 ? 161 TYR A CA  1 
ATOM   1372 C C   . TYR A 1 164 ? 2.014   14.123  -7.007  1.00 28.43 ? 161 TYR A C   1 
ATOM   1373 O O   . TYR A 1 164 ? 0.792   14.119  -7.174  1.00 25.61 ? 161 TYR A O   1 
ATOM   1374 C CB  . TYR A 1 164 ? 3.141   13.530  -4.826  1.00 23.82 ? 161 TYR A CB  1 
ATOM   1375 C CG  . TYR A 1 164 ? 2.039   14.225  -4.061  1.00 23.99 ? 161 TYR A CG  1 
ATOM   1376 C CD1 . TYR A 1 164 ? 1.206   13.514  -3.221  1.00 22.78 ? 161 TYR A CD1 1 
ATOM   1377 C CD2 . TYR A 1 164 ? 1.835   15.601  -4.177  1.00 26.22 ? 161 TYR A CD2 1 
ATOM   1378 C CE1 . TYR A 1 164 ? 0.185   14.146  -2.511  1.00 22.38 ? 161 TYR A CE1 1 
ATOM   1379 C CE2 . TYR A 1 164 ? 0.823   16.238  -3.477  1.00 28.58 ? 161 TYR A CE2 1 
ATOM   1380 C CZ  . TYR A 1 164 ? 0.006   15.509  -2.644  1.00 31.25 ? 161 TYR A CZ  1 
ATOM   1381 O OH  . TYR A 1 164 ? -1.002  16.134  -1.964  1.00 28.73 ? 161 TYR A OH  1 
ATOM   1382 N N   . ASP A 1 165 ? 2.799   15.077  -7.521  1.00 29.56 ? 162 ASP A N   1 
ATOM   1383 C CA  . ASP A 1 165 ? 2.201   16.168  -8.291  1.00 28.62 ? 162 ASP A CA  1 
ATOM   1384 C C   . ASP A 1 165 ? 1.499   15.647  -9.537  1.00 26.45 ? 162 ASP A C   1 
ATOM   1385 O O   . ASP A 1 165 ? 0.424   16.145  -9.904  1.00 29.99 ? 162 ASP A O   1 
ATOM   1386 C CB  . ASP A 1 165 ? 3.259   17.206  -8.672  1.00 26.50 ? 162 ASP A CB  1 
ATOM   1387 C CG  . ASP A 1 165 ? 3.763   18.010  -7.469  1.00 33.94 ? 162 ASP A CG  1 
ATOM   1388 O OD1 . ASP A 1 165 ? 3.105   18.006  -6.408  1.00 35.80 ? 162 ASP A OD1 1 
ATOM   1389 O OD2 . ASP A 1 165 ? 4.819   18.664  -7.598  1.00 42.17 ? 162 ASP A OD2 1 
ATOM   1390 N N   A LYS A 1 166 ? 2.082   14.636  -10.188 0.56 29.82 ? 163 LYS A N   1 
ATOM   1391 N N   B LYS A 1 166 ? 2.084   14.636  -10.194 0.44 29.85 ? 163 LYS A N   1 
ATOM   1392 C CA  A LYS A 1 166 ? 1.472   14.051  -11.379 0.56 33.62 ? 163 LYS A CA  1 
ATOM   1393 C CA  B LYS A 1 166 ? 1.473   14.043  -11.382 0.44 33.63 ? 163 LYS A CA  1 
ATOM   1394 C C   A LYS A 1 166 ? 0.143   13.382  -11.042 0.56 33.21 ? 163 LYS A C   1 
ATOM   1395 C C   B LYS A 1 166 ? 0.147   13.370  -11.047 0.44 33.25 ? 163 LYS A C   1 
ATOM   1396 O O   A LYS A 1 166 ? -0.830  13.493  -11.798 0.56 33.79 ? 163 LYS A O   1 
ATOM   1397 O O   B LYS A 1 166 ? -0.823  13.474  -11.807 0.44 33.83 ? 163 LYS A O   1 
ATOM   1398 C CB  A LYS A 1 166 ? 2.443   13.045  -12.000 0.56 35.89 ? 163 LYS A CB  1 
ATOM   1399 C CB  B LYS A 1 166 ? 2.455   13.048  -12.017 0.44 35.92 ? 163 LYS A CB  1 
ATOM   1400 C CG  A LYS A 1 166 ? 2.034   12.492  -13.347 0.56 45.31 ? 163 LYS A CG  1 
ATOM   1401 C CG  B LYS A 1 166 ? 2.075   12.525  -13.402 0.44 45.25 ? 163 LYS A CG  1 
ATOM   1402 C CD  A LYS A 1 166 ? 3.169   11.681  -13.972 0.56 52.91 ? 163 LYS A CD  1 
ATOM   1403 C CD  B LYS A 1 166 ? 3.131   11.550  -13.971 0.44 52.83 ? 163 LYS A CD  1 
ATOM   1404 C CE  A LYS A 1 166 ? 4.347   12.550  -14.363 0.56 48.20 ? 163 LYS A CE  1 
ATOM   1405 C CE  B LYS A 1 166 ? 2.967   10.117  -13.461 0.44 53.83 ? 163 LYS A CE  1 
ATOM   1406 N NZ  A LYS A 1 166 ? 5.556   11.720  -14.566 0.56 64.28 ? 163 LYS A NZ  1 
ATOM   1407 N NZ  B LYS A 1 166 ? 3.836   9.122   -14.166 0.44 45.45 ? 163 LYS A NZ  1 
ATOM   1408 N N   . LEU A 1 167 ? 0.082   12.686  -9.904  1.00 27.38 ? 164 LEU A N   1 
ATOM   1409 C CA  . LEU A 1 167 ? -1.152  12.023  -9.492  1.00 27.67 ? 164 LEU A CA  1 
ATOM   1410 C C   . LEU A 1 167 ? -2.250  13.038  -9.188  1.00 29.38 ? 164 LEU A C   1 
ATOM   1411 O O   . LEU A 1 167 ? -3.376  12.930  -9.689  1.00 37.83 ? 164 LEU A O   1 
ATOM   1412 C CB  . LEU A 1 167 ? -0.872  11.159  -8.258  1.00 26.38 ? 164 LEU A CB  1 
ATOM   1413 C CG  . LEU A 1 167 ? -0.123  9.840   -8.478  1.00 29.22 ? 164 LEU A CG  1 
ATOM   1414 C CD1 . LEU A 1 167 ? 0.246   9.218   -7.113  1.00 32.38 ? 164 LEU A CD1 1 
ATOM   1415 C CD2 . LEU A 1 167 ? -0.955  8.872   -9.310  1.00 30.01 ? 164 LEU A CD2 1 
ATOM   1416 N N   . VAL A 1 168 ? -1.937  14.041  -8.365  1.00 29.02 ? 165 VAL A N   1 
ATOM   1417 C CA  . VAL A 1 168 ? -2.951  15.016  -7.981  1.00 29.98 ? 165 VAL A CA  1 
ATOM   1418 C C   . VAL A 1 168 ? -3.460  15.767  -9.206  1.00 29.77 ? 165 VAL A C   1 
ATOM   1419 O O   . VAL A 1 168 ? -4.632  16.152  -9.264  1.00 34.10 ? 165 VAL A O   1 
ATOM   1420 C CB  . VAL A 1 168 ? -2.397  15.966  -6.899  1.00 34.95 ? 165 VAL A CB  1 
ATOM   1421 C CG1 . VAL A 1 168 ? -3.423  17.051  -6.550  1.00 38.01 ? 165 VAL A CG1 1 
ATOM   1422 C CG2 . VAL A 1 168 ? -1.994  15.155  -5.663  1.00 32.93 ? 165 VAL A CG2 1 
ATOM   1423 N N   A SER A 1 169 ? -2.581  16.023  -10.175 0.69 36.34 ? 166 SER A N   1 
ATOM   1424 N N   B SER A 1 169 ? -2.626  15.915  -10.234 0.31 37.11 ? 166 SER A N   1 
ATOM   1425 C CA  A SER A 1 169 ? -3.004  16.642  -11.427 0.69 46.61 ? 166 SER A CA  1 
ATOM   1426 C CA  B SER A 1 169 ? -3.101  16.487  -11.492 0.31 47.34 ? 166 SER A CA  1 
ATOM   1427 C C   A SER A 1 169 ? -3.936  15.730  -12.211 0.69 50.79 ? 166 SER A C   1 
ATOM   1428 C C   B SER A 1 169 ? -4.093  15.559  -12.187 0.31 50.70 ? 166 SER A C   1 
ATOM   1429 O O   A SER A 1 169 ? -4.997  16.159  -12.675 0.69 52.36 ? 166 SER A O   1 
ATOM   1430 O O   B SER A 1 169 ? -5.243  15.933  -12.439 0.31 54.64 ? 166 SER A O   1 
ATOM   1431 C CB  A SER A 1 169 ? -1.782  16.999  -12.270 0.69 48.68 ? 166 SER A CB  1 
ATOM   1432 C CB  B SER A 1 169 ? -1.917  16.788  -12.410 0.31 49.24 ? 166 SER A CB  1 
ATOM   1433 O OG  A SER A 1 169 ? -2.177  17.424  -13.561 0.69 57.09 ? 166 SER A OG  1 
ATOM   1434 O OG  B SER A 1 169 ? -1.087  17.785  -11.848 0.31 45.93 ? 166 SER A OG  1 
ATOM   1435 N N   A SER A 1 170 ? -3.556  14.465  -12.377 0.69 45.23 ? 167 SER A N   1 
ATOM   1436 N N   B SER A 1 170 ? -3.667  14.333  -12.495 0.31 45.75 ? 167 SER A N   1 
ATOM   1437 C CA  A SER A 1 170 ? -4.341  13.570  -13.214 0.69 46.13 ? 167 SER A CA  1 
ATOM   1438 C CA  B SER A 1 170 ? -4.463  13.416  -13.303 0.31 46.53 ? 167 SER A CA  1 
ATOM   1439 C C   A SER A 1 170 ? -5.710  13.262  -12.620 0.69 49.55 ? 167 SER A C   1 
ATOM   1440 C C   B SER A 1 170 ? -5.846  13.130  -12.731 0.31 50.14 ? 167 SER A C   1 
ATOM   1441 O O   A SER A 1 170 ? -6.607  12.829  -13.355 0.69 53.86 ? 167 SER A O   1 
ATOM   1442 O O   B SER A 1 170 ? -6.699  12.610  -13.459 0.31 52.70 ? 167 SER A O   1 
ATOM   1443 C CB  A SER A 1 170 ? -3.555  12.282  -13.454 0.69 43.12 ? 167 SER A CB  1 
ATOM   1444 C CB  B SER A 1 170 ? -3.709  12.102  -13.465 0.31 43.46 ? 167 SER A CB  1 
ATOM   1445 O OG  A SER A 1 170 ? -2.440  12.541  -14.289 0.69 40.85 ? 167 SER A OG  1 
ATOM   1446 O OG  B SER A 1 170 ? -3.575  11.470  -12.206 0.31 43.72 ? 167 SER A OG  1 
ATOM   1447 N N   A PHE A 1 171 ? -5.902  13.479  -11.321 0.69 41.88 ? 168 PHE A N   1 
ATOM   1448 N N   B PHE A 1 171 ? -6.094  13.439  -11.457 0.31 43.01 ? 168 PHE A N   1 
ATOM   1449 C CA  A PHE A 1 171 ? -7.181  13.171  -10.696 0.69 48.49 ? 168 PHE A CA  1 
ATOM   1450 C CA  B PHE A 1 171 ? -7.368  13.100  -10.841 0.31 48.36 ? 168 PHE A CA  1 
ATOM   1451 C C   A PHE A 1 171 ? -8.058  14.397  -10.501 0.69 50.43 ? 168 PHE A C   1 
ATOM   1452 C C   B PHE A 1 171 ? -8.254  14.300  -10.543 0.31 50.39 ? 168 PHE A C   1 
ATOM   1453 O O   A PHE A 1 171 ? -9.283  14.305  -10.638 0.69 51.98 ? 168 PHE A O   1 
ATOM   1454 O O   B PHE A 1 171 ? -9.474  14.131  -10.450 0.31 52.31 ? 168 PHE A O   1 
ATOM   1455 C CB  A PHE A 1 171 ? -6.975  12.474  -9.345  0.69 41.77 ? 168 PHE A CB  1 
ATOM   1456 C CB  B PHE A 1 171 ? -7.140  12.295  -9.553  0.31 43.08 ? 168 PHE A CB  1 
ATOM   1457 C CG  A PHE A 1 171 ? -8.094  11.549  -8.981  0.69 39.23 ? 168 PHE A CG  1 
ATOM   1458 C CG  B PHE A 1 171 ? -7.256  10.812  -9.752  0.31 41.43 ? 168 PHE A CG  1 
ATOM   1459 C CD1 A PHE A 1 171 ? -8.082  10.224  -9.400  0.69 40.28 ? 168 PHE A CD1 1 
ATOM   1460 C CD1 B PHE A 1 171 ? -6.291  10.116  -10.461 0.31 39.67 ? 168 PHE A CD1 1 
ATOM   1461 C CD2 A PHE A 1 171 ? -9.173  12.008  -8.249  0.69 43.15 ? 168 PHE A CD2 1 
ATOM   1462 C CD2 B PHE A 1 171 ? -8.334  10.117  -9.241  0.31 40.73 ? 168 PHE A CD2 1 
ATOM   1463 C CE1 A PHE A 1 171 ? -9.128  9.377   -9.080  0.69 42.68 ? 168 PHE A CE1 1 
ATOM   1464 C CE1 B PHE A 1 171 ? -6.404  8.758   -10.655 0.31 34.03 ? 168 PHE A CE1 1 
ATOM   1465 C CE2 A PHE A 1 171 ? -10.212 11.167  -7.924  0.69 33.24 ? 168 PHE A CE2 1 
ATOM   1466 C CE2 B PHE A 1 171 ? -8.446  8.761   -9.431  0.31 40.90 ? 168 PHE A CE2 1 
ATOM   1467 C CZ  A PHE A 1 171 ? -10.193 9.848   -8.341  0.69 43.37 ? 168 PHE A CZ  1 
ATOM   1468 C CZ  B PHE A 1 171 ? -7.482  8.083   -10.134 0.31 34.03 ? 168 PHE A CZ  1 
ATOM   1469 N N   A LEU A 1 172 ? -7.468  15.547  -10.195 0.69 50.28 ? 169 LEU A N   1 
ATOM   1470 N N   B LEU A 1 172 ? -7.687  15.501  -10.406 0.31 51.08 ? 169 LEU A N   1 
ATOM   1471 C CA  A LEU A 1 172 ? -8.233  16.758  -9.954  0.69 51.93 ? 169 LEU A CA  1 
ATOM   1472 C CA  B LEU A 1 172 ? -8.503  16.698  -10.237 0.31 52.59 ? 169 LEU A CA  1 
ATOM   1473 C C   A LEU A 1 172 ? -8.084  17.801  -11.056 0.69 57.20 ? 169 LEU A C   1 
ATOM   1474 C C   B LEU A 1 172 ? -8.045  17.839  -11.144 0.31 57.16 ? 169 LEU A C   1 
ATOM   1475 O O   A LEU A 1 172 ? -8.670  18.881  -10.942 0.69 58.23 ? 169 LEU A O   1 
ATOM   1476 O O   B LEU A 1 172 ? -8.323  19.005  -10.847 0.31 58.37 ? 169 LEU A O   1 
ATOM   1477 C CB  A LEU A 1 172 ? -7.844  17.363  -8.598  0.69 49.45 ? 169 LEU A CB  1 
ATOM   1478 C CB  B LEU A 1 172 ? -8.525  17.138  -8.768  0.31 51.98 ? 169 LEU A CB  1 
ATOM   1479 C CG  A LEU A 1 172 ? -7.976  16.408  -7.406  0.69 45.47 ? 169 LEU A CG  1 
ATOM   1480 C CG  B LEU A 1 172 ? -7.235  17.270  -7.953  0.31 47.92 ? 169 LEU A CG  1 
ATOM   1481 C CD1 A LEU A 1 172 ? -7.559  17.090  -6.120  0.69 50.17 ? 169 LEU A CD1 1 
ATOM   1482 C CD1 B LEU A 1 172 ? -6.483  18.555  -8.264  0.31 46.82 ? 169 LEU A CD1 1 
ATOM   1483 C CD2 A LEU A 1 172 ? -9.402  15.883  -7.281  0.69 43.60 ? 169 LEU A CD2 1 
ATOM   1484 C CD2 B LEU A 1 172 ? -7.530  17.160  -6.464  0.31 50.03 ? 169 LEU A CD2 1 
ATOM   1485 N N   A GLU A 1 173 ? -7.333  17.511  -12.119 0.69 61.39 ? 170 GLU A N   1 
ATOM   1486 N N   B GLU A 1 173 ? -7.361  17.530  -12.242 0.31 61.08 ? 170 GLU A N   1 
ATOM   1487 C CA  A GLU A 1 173 ? -7.194  18.443  -13.245 0.69 62.42 ? 170 GLU A CA  1 
ATOM   1488 C CA  B GLU A 1 173 ? -7.045  18.528  -13.265 0.31 62.41 ? 170 GLU A CA  1 
ATOM   1489 C C   A GLU A 1 173 ? -7.660  17.792  -14.551 0.69 64.25 ? 170 GLU A C   1 
ATOM   1490 C C   B GLU A 1 173 ? -7.553  18.059  -14.626 0.31 63.72 ? 170 GLU A C   1 
ATOM   1491 O O   A GLU A 1 173 ? -7.173  16.727  -14.943 0.69 65.60 ? 170 GLU A O   1 
ATOM   1492 O O   B GLU A 1 173 ? -7.874  16.882  -14.811 0.31 64.18 ? 170 GLU A O   1 
ATOM   1493 C CB  A GLU A 1 173 ? -5.744  18.916  -13.389 0.69 66.39 ? 170 GLU A CB  1 
ATOM   1494 C CB  B GLU A 1 173 ? -5.538  18.799  -13.334 0.31 65.85 ? 170 GLU A CB  1 
ATOM   1495 C CG  A GLU A 1 173 ? -5.172  19.599  -12.147 0.69 66.52 ? 170 GLU A CG  1 
ATOM   1496 C CG  B GLU A 1 173 ? -4.963  19.527  -12.124 0.31 66.21 ? 170 GLU A CG  1 
ATOM   1497 C CD  A GLU A 1 173 ? -3.697  19.969  -12.301 0.69 74.78 ? 170 GLU A CD  1 
ATOM   1498 C CD  B GLU A 1 173 ? -3.477  19.831  -12.275 0.31 73.42 ? 170 GLU A CD  1 
ATOM   1499 O OE1 A GLU A 1 173 ? -3.222  20.089  -13.453 0.69 75.79 ? 170 GLU A OE1 1 
ATOM   1500 O OE1 B GLU A 1 173 ? -3.007  19.964  -13.426 0.31 74.74 ? 170 GLU A OE1 1 
ATOM   1501 O OE2 A GLU A 1 173 ? -3.010  20.129  -11.265 0.69 75.02 ? 170 GLU A OE2 1 
ATOM   1502 O OE2 B GLU A 1 173 ? -2.778  19.926  -11.242 0.31 73.20 ? 170 GLU A OE2 1 
HETATM 1503 O O   . HOH B 2 .   ? 0.685   -8.573  -17.936 1.00 49.72 ? 201 HOH A O   1 
HETATM 1504 O O   . HOH B 2 .   ? 3.320   -13.966 -16.201 1.00 65.25 ? 202 HOH A O   1 
HETATM 1505 O O   . HOH B 2 .   ? -4.282  -15.842 5.663   1.00 57.58 ? 203 HOH A O   1 
HETATM 1506 O O   . HOH B 2 .   ? 8.034   -21.031 11.181  1.00 52.36 ? 204 HOH A O   1 
HETATM 1507 O O   . HOH B 2 .   ? -9.967  11.696  -12.226 1.00 55.16 ? 205 HOH A O   1 
HETATM 1508 O O   . HOH B 2 .   ? -1.080  18.572  -2.052  1.00 44.19 ? 206 HOH A O   1 
HETATM 1509 O O   . HOH B 2 .   ? 4.398   -13.832 -9.018  1.00 40.67 ? 207 HOH A O   1 
HETATM 1510 O O   . HOH B 2 .   ? 2.932   3.401   14.665  1.00 46.41 ? 208 HOH A O   1 
HETATM 1511 O O   . HOH B 2 .   ? -9.432  -10.177 1.797   1.00 53.18 ? 209 HOH A O   1 
HETATM 1512 O O   . HOH B 2 .   ? 9.463   -2.370  -13.356 1.00 32.62 ? 210 HOH A O   1 
HETATM 1513 O O   . HOH B 2 .   ? -15.541 -2.806  -5.099  1.00 49.48 ? 211 HOH A O   1 
HETATM 1514 O O   . HOH B 2 .   ? 4.185   18.201  -1.917  1.00 49.20 ? 212 HOH A O   1 
HETATM 1515 O O   . HOH B 2 .   ? 7.234   11.596  5.368   1.00 30.63 ? 213 HOH A O   1 
HETATM 1516 O O   . HOH B 2 .   ? 4.157   0.247   -4.322  1.00 40.94 ? 214 HOH A O   1 
HETATM 1517 O O   . HOH B 2 .   ? 8.798   -11.692 14.634  1.00 48.92 ? 215 HOH A O   1 
HETATM 1518 O O   . HOH B 2 .   ? -1.213  7.151   -17.576 1.00 45.93 ? 216 HOH A O   1 
HETATM 1519 O O   . HOH B 2 .   ? -0.066  -26.584 5.814   1.00 51.19 ? 217 HOH A O   1 
HETATM 1520 O O   . HOH B 2 .   ? 13.937  -9.748  3.973   1.00 47.15 ? 218 HOH A O   1 
HETATM 1521 O O   . HOH B 2 .   ? 3.891   -7.735  16.826  1.00 59.63 ? 219 HOH A O   1 
HETATM 1522 O O   . HOH B 2 .   ? 1.167   -4.582  16.782  1.00 44.97 ? 220 HOH A O   1 
HETATM 1523 O O   . HOH B 2 .   ? 0.442   17.524  3.964   1.00 37.59 ? 221 HOH A O   1 
HETATM 1524 O O   . HOH B 2 .   ? 5.326   11.985  7.292   1.00 40.02 ? 222 HOH A O   1 
HETATM 1525 O O   . HOH B 2 .   ? 3.564   -8.710  9.299   1.00 22.47 ? 223 HOH A O   1 
HETATM 1526 O O   . HOH B 2 .   ? -17.003 -1.735  9.658   1.00 41.62 ? 224 HOH A O   1 
HETATM 1527 O O   . HOH B 2 .   ? 10.230  -6.949  -11.762 1.00 35.15 ? 225 HOH A O   1 
HETATM 1528 O O   . HOH B 2 .   ? 6.254   -23.147 2.122   1.00 47.21 ? 226 HOH A O   1 
HETATM 1529 O O   . HOH B 2 .   ? -1.799  1.740   16.320  1.00 56.81 ? 227 HOH A O   1 
HETATM 1530 O O   . HOH B 2 .   ? 2.125   -6.228  -4.152  1.00 21.91 ? 228 HOH A O   1 
HETATM 1531 O O   . HOH B 2 .   ? -5.737  2.164   9.710   1.00 33.87 ? 229 HOH A O   1 
HETATM 1532 O O   . HOH B 2 .   ? 6.751   18.198  -9.532  1.00 44.33 ? 230 HOH A O   1 
HETATM 1533 O O   . HOH B 2 .   ? 3.208   -10.310 -8.249  1.00 23.38 ? 231 HOH A O   1 
HETATM 1534 O O   . HOH B 2 .   ? -13.484 6.284   -4.375  1.00 32.03 ? 232 HOH A O   1 
HETATM 1535 O O   . HOH B 2 .   ? 2.687   -3.887  -5.438  1.00 24.73 ? 233 HOH A O   1 
HETATM 1536 O O   . HOH B 2 .   ? -9.125  -0.377  9.940   1.00 33.90 ? 234 HOH A O   1 
HETATM 1537 O O   . HOH B 2 .   ? -1.480  16.257  0.986   1.00 38.71 ? 235 HOH A O   1 
HETATM 1538 O O   . HOH B 2 .   ? 8.735   -16.219 3.505   1.00 45.18 ? 236 HOH A O   1 
HETATM 1539 O O   . HOH B 2 .   ? -9.431  -10.605 -4.095  1.00 51.71 ? 237 HOH A O   1 
HETATM 1540 O O   . HOH B 2 .   ? 3.736   22.001  -4.723  1.00 48.70 ? 238 HOH A O   1 
HETATM 1541 O O   . HOH B 2 .   ? 12.669  1.652   7.297   1.00 32.21 ? 239 HOH A O   1 
HETATM 1542 O O   . HOH B 2 .   ? 0.107   -13.569 12.825  1.00 52.05 ? 240 HOH A O   1 
HETATM 1543 O O   . HOH B 2 .   ? 1.177   16.171  0.789   1.00 27.01 ? 241 HOH A O   1 
HETATM 1544 O O   . HOH B 2 .   ? -0.173  -0.010  -16.271 1.00 41.93 ? 242 HOH A O   1 
HETATM 1545 O O   . HOH B 2 .   ? -15.352 2.871   -4.873  1.00 43.76 ? 243 HOH A O   1 
HETATM 1546 O O   . HOH B 2 .   ? 7.206   -9.005  0.161   1.00 23.55 ? 244 HOH A O   1 
HETATM 1547 O O   . HOH B 2 .   ? 7.477   -3.632  -2.116  1.00 29.49 ? 245 HOH A O   1 
HETATM 1548 O O   . HOH B 2 .   ? -3.948  -16.030 2.142   1.00 51.48 ? 246 HOH A O   1 
HETATM 1549 O O   . HOH B 2 .   ? 2.752   4.814   -2.883  1.00 29.27 ? 247 HOH A O   1 
HETATM 1550 O O   . HOH B 2 .   ? -6.576  -11.102 4.119   1.00 39.27 ? 248 HOH A O   1 
HETATM 1551 O O   . HOH B 2 .   ? 4.697   -14.942 -12.953 1.00 55.15 ? 249 HOH A O   1 
HETATM 1552 O O   . HOH B 2 .   ? -0.470  12.098  9.362   1.00 31.18 ? 250 HOH A O   1 
HETATM 1553 O O   . HOH B 2 .   ? -0.429  -16.587 -8.310  1.00 39.71 ? 251 HOH A O   1 
HETATM 1554 O O   . HOH B 2 .   ? -9.081  -3.696  10.206  1.00 42.08 ? 252 HOH A O   1 
HETATM 1555 O O   . HOH B 2 .   ? -5.681  18.038  5.388   0.50 50.45 ? 253 HOH A O   1 
HETATM 1556 O O   . HOH B 2 .   ? -11.718 4.483   -11.913 1.00 70.06 ? 254 HOH A O   1 
HETATM 1557 O O   . HOH B 2 .   ? 4.779   -2.050  -5.657  1.00 38.92 ? 255 HOH A O   1 
HETATM 1558 O O   . HOH B 2 .   ? -1.992  -7.654  -18.564 1.00 50.67 ? 256 HOH A O   1 
HETATM 1559 O O   . HOH B 2 .   ? -5.010  -13.704 6.796   1.00 37.80 ? 257 HOH A O   1 
HETATM 1560 O O   . HOH B 2 .   ? -8.410  -8.937  4.559   1.00 43.40 ? 258 HOH A O   1 
HETATM 1561 O O   . HOH B 2 .   ? -6.223  -2.893  -14.078 1.00 37.26 ? 259 HOH A O   1 
HETATM 1562 O O   . HOH B 2 .   ? -3.482  -16.022 -1.737  1.00 35.99 ? 260 HOH A O   1 
HETATM 1563 O O   . HOH B 2 .   ? -3.960  -15.597 -9.205  1.00 50.44 ? 261 HOH A O   1 
HETATM 1564 O O   . HOH B 2 .   ? -15.000 2.607   6.106   1.00 42.65 ? 262 HOH A O   1 
HETATM 1565 O O   . HOH B 2 .   ? 5.752   6.193   0.880   1.00 43.91 ? 263 HOH A O   1 
HETATM 1566 O O   . HOH B 2 .   ? -13.220 -8.249  7.567   1.00 50.56 ? 264 HOH A O   1 
HETATM 1567 O O   . HOH B 2 .   ? 7.763   -6.936  -2.241  1.00 36.74 ? 265 HOH A O   1 
HETATM 1568 O O   . HOH B 2 .   ? -1.593  -13.544 -14.464 1.00 42.48 ? 266 HOH A O   1 
HETATM 1569 O O   . HOH B 2 .   ? 9.183   -8.204  -4.954  1.00 39.65 ? 267 HOH A O   1 
HETATM 1570 O O   . HOH B 2 .   ? 4.877   -11.777 -6.529  1.00 28.36 ? 268 HOH A O   1 
HETATM 1571 O O   . HOH B 2 .   ? -10.827 7.463   -11.692 1.00 53.19 ? 269 HOH A O   1 
HETATM 1572 O O   . HOH B 2 .   ? -5.763  14.549  6.887   1.00 42.07 ? 270 HOH A O   1 
HETATM 1573 O O   . HOH B 2 .   ? -9.065  12.875  7.209   1.00 56.88 ? 271 HOH A O   1 
HETATM 1574 O O   . HOH B 2 .   ? 10.601  -7.038  -1.895  1.00 44.48 ? 272 HOH A O   1 
HETATM 1575 O O   . HOH B 2 .   ? 2.828   -11.827 15.385  1.00 57.41 ? 273 HOH A O   1 
HETATM 1576 O O   . HOH B 2 .   ? -11.801 -2.629  10.445  1.00 42.06 ? 274 HOH A O   1 
HETATM 1577 O O   . HOH B 2 .   ? 6.617   -7.929  -20.091 1.00 52.60 ? 275 HOH A O   1 
HETATM 1578 O O   . HOH B 2 .   ? 14.730  -0.817  -3.022  1.00 50.87 ? 276 HOH A O   1 
HETATM 1579 O O   . HOH B 2 .   ? 7.178   -6.102  16.875  1.00 64.60 ? 277 HOH A O   1 
HETATM 1580 O O   . HOH B 2 .   ? 1.733   -17.878 -7.174  1.00 62.67 ? 278 HOH A O   1 
HETATM 1581 O O   . HOH B 2 .   ? 7.365   -1.679  -3.830  1.00 45.75 ? 279 HOH A O   1 
HETATM 1582 O O   . HOH B 2 .   ? 10.185  -20.503 9.625   1.00 56.71 ? 280 HOH A O   1 
HETATM 1583 O O   . HOH B 2 .   ? -10.185 1.673   -13.579 1.00 54.10 ? 281 HOH A O   1 
HETATM 1584 O O   . HOH B 2 .   ? 13.169  4.287   10.440  1.00 82.68 ? 282 HOH A O   1 
# 
loop_
_pdbx_poly_seq_scheme.asym_id 
_pdbx_poly_seq_scheme.entity_id 
_pdbx_poly_seq_scheme.seq_id 
_pdbx_poly_seq_scheme.mon_id 
_pdbx_poly_seq_scheme.ndb_seq_num 
_pdbx_poly_seq_scheme.pdb_seq_num 
_pdbx_poly_seq_scheme.auth_seq_num 
_pdbx_poly_seq_scheme.pdb_mon_id 
_pdbx_poly_seq_scheme.auth_mon_id 
_pdbx_poly_seq_scheme.pdb_strand_id 
_pdbx_poly_seq_scheme.pdb_ins_code 
_pdbx_poly_seq_scheme.hetero 
A 1 1   SER 1   -2  ?   ?   ?   A . n 
A 1 2   ASN 2   -1  ?   ?   ?   A . n 
A 1 3   ALA 3   0   ?   ?   ?   A . n 
A 1 4   GLY 4   1   ?   ?   ?   A . n 
A 1 5   GLU 5   2   ?   ?   ?   A . n 
A 1 6   VAL 6   3   3   VAL VAL A . n 
A 1 7   ASN 7   4   4   ASN ASN A . n 
A 1 8   SER 8   5   5   SER SER A . n 
A 1 9   PHE 9   6   6   PHE PHE A . n 
A 1 10  SER 10  7   7   SER SER A . n 
A 1 11  GLY 11  8   8   GLY GLY A . n 
A 1 12  TYR 12  9   9   TYR TYR A . n 
A 1 13  LEU 13  10  10  LEU LEU A . n 
A 1 14  LYS 14  11  11  LYS LYS A . n 
A 1 15  LEU 15  12  12  LEU LEU A . n 
A 1 16  THR 16  13  13  THR THR A . n 
A 1 17  ASP 17  14  14  ASP ASP A . n 
A 1 18  ASN 18  15  15  ASN ASN A . n 
A 1 19  VAL 19  16  16  VAL VAL A . n 
A 1 20  TYR 20  17  17  TYR TYR A . n 
A 1 21  ILE 21  18  18  ILE ILE A . n 
A 1 22  LYS 22  19  19  LYS LYS A . n 
A 1 23  ASN 23  20  20  ASN ASN A . n 
A 1 24  ALA 24  21  21  ALA ALA A . n 
A 1 25  ASP 25  22  22  ASP ASP A . n 
A 1 26  ILE 26  23  23  ILE ILE A . n 
A 1 27  VAL 27  24  24  VAL VAL A . n 
A 1 28  GLU 28  25  25  GLU GLU A . n 
A 1 29  GLU 29  26  26  GLU GLU A . n 
A 1 30  ALA 30  27  27  ALA ALA A . n 
A 1 31  LYS 31  28  28  LYS LYS A . n 
A 1 32  LYS 32  29  29  LYS LYS A . n 
A 1 33  VAL 33  30  30  VAL VAL A . n 
A 1 34  LYS 34  31  31  LYS LYS A . n 
A 1 35  PRO 35  32  32  PRO PRO A . n 
A 1 36  THR 36  33  33  THR THR A . n 
A 1 37  VAL 37  34  34  VAL VAL A . n 
A 1 38  VAL 38  35  35  VAL VAL A . n 
A 1 39  VAL 39  36  36  VAL VAL A . n 
A 1 40  ASN 40  37  37  ASN ASN A . n 
A 1 41  ALA 41  38  38  ALA ALA A . n 
A 1 42  ALA 42  39  39  ALA ALA A . n 
A 1 43  ASN 43  40  40  ASN ASN A . n 
A 1 44  VAL 44  41  41  VAL VAL A . n 
A 1 45  TYR 45  42  42  TYR TYR A . n 
A 1 46  LEU 46  43  43  LEU LEU A . n 
A 1 47  LYS 47  44  44  LYS LYS A . n 
A 1 48  HIS 48  45  45  HIS HIS A . n 
A 1 49  GLY 49  46  46  GLY GLY A . n 
A 1 50  GLY 50  47  47  GLY GLY A . n 
A 1 51  GLY 51  48  48  GLY GLY A . n 
A 1 52  VAL 52  49  49  VAL VAL A . n 
A 1 53  ALA 53  50  50  ALA ALA A . n 
A 1 54  GLY 54  51  51  GLY GLY A . n 
A 1 55  ALA 55  52  52  ALA ALA A . n 
A 1 56  LEU 56  53  53  LEU LEU A . n 
A 1 57  ASN 57  54  54  ASN ASN A . n 
A 1 58  LYS 58  55  55  LYS LYS A . n 
A 1 59  ALA 59  56  56  ALA ALA A . n 
A 1 60  THR 60  57  57  THR THR A . n 
A 1 61  ASN 61  58  58  ASN ASN A . n 
A 1 62  ASN 62  59  59  ASN ASN A . n 
A 1 63  ALA 63  60  60  ALA ALA A . n 
A 1 64  MET 64  61  61  MET MET A . n 
A 1 65  GLN 65  62  62  GLN GLN A . n 
A 1 66  VAL 66  63  63  VAL VAL A . n 
A 1 67  GLU 67  64  64  GLU GLU A . n 
A 1 68  SER 68  65  65  SER SER A . n 
A 1 69  ASP 69  66  66  ASP ASP A . n 
A 1 70  ASP 70  67  67  ASP ASP A . n 
A 1 71  TYR 71  68  68  TYR TYR A . n 
A 1 72  ILE 72  69  69  ILE ILE A . n 
A 1 73  ALA 73  70  70  ALA ALA A . n 
A 1 74  THR 74  71  71  THR THR A . n 
A 1 75  ASN 75  72  72  ASN ASN A . n 
A 1 76  GLY 76  73  73  GLY GLY A . n 
A 1 77  PRO 77  74  74  PRO PRO A . n 
A 1 78  LEU 78  75  75  LEU LEU A . n 
A 1 79  LYS 79  76  76  LYS LYS A . n 
A 1 80  VAL 80  77  77  VAL VAL A . n 
A 1 81  GLY 81  78  78  GLY GLY A . n 
A 1 82  GLY 82  79  79  GLY GLY A . n 
A 1 83  SER 83  80  80  SER SER A . n 
A 1 84  CYS 84  81  81  CYS CYS A . n 
A 1 85  VAL 85  82  82  VAL VAL A . n 
A 1 86  LEU 86  83  83  LEU LEU A . n 
A 1 87  SER 87  84  84  SER SER A . n 
A 1 88  GLY 88  85  85  GLY GLY A . n 
A 1 89  HIS 89  86  86  HIS HIS A . n 
A 1 90  ASN 90  87  87  ASN ASN A . n 
A 1 91  LEU 91  88  88  LEU LEU A . n 
A 1 92  ALA 92  89  89  ALA ALA A . n 
A 1 93  LYS 93  90  90  LYS LYS A . n 
A 1 94  HIS 94  91  91  HIS HIS A . n 
A 1 95  CYS 95  92  92  CYS CYS A . n 
A 1 96  LEU 96  93  93  LEU LEU A . n 
A 1 97  HIS 97  94  94  HIS HIS A . n 
A 1 98  VAL 98  95  95  VAL VAL A . n 
A 1 99  VAL 99  96  96  VAL VAL A . n 
A 1 100 GLY 100 97  97  GLY GLY A . n 
A 1 101 PRO 101 98  98  PRO PRO A . n 
A 1 102 ASN 102 99  99  ASN ASN A . n 
A 1 103 VAL 103 100 100 VAL VAL A . n 
A 1 104 ASN 104 101 101 ASN ASN A . n 
A 1 105 LYS 105 102 102 LYS LYS A . n 
A 1 106 GLY 106 103 103 GLY GLY A . n 
A 1 107 GLU 107 104 104 GLU GLU A . n 
A 1 108 ASP 108 105 105 ASP ASP A . n 
A 1 109 ILE 109 106 106 ILE ILE A . n 
A 1 110 GLN 110 107 107 GLN GLN A . n 
A 1 111 LEU 111 108 108 LEU LEU A . n 
A 1 112 LEU 112 109 109 LEU LEU A . n 
A 1 113 LYS 113 110 110 LYS LYS A . n 
A 1 114 SER 114 111 111 SER SER A . n 
A 1 115 ALA 115 112 112 ALA ALA A . n 
A 1 116 TYR 116 113 113 TYR TYR A . n 
A 1 117 GLU 117 114 114 GLU GLU A . n 
A 1 118 ASN 118 115 115 ASN ASN A . n 
A 1 119 PHE 119 116 116 PHE PHE A . n 
A 1 120 ASN 120 117 117 ASN ASN A . n 
A 1 121 GLN 121 118 118 GLN GLN A . n 
A 1 122 HIS 122 119 119 HIS HIS A . n 
A 1 123 GLU 123 120 120 GLU GLU A . n 
A 1 124 VAL 124 121 121 VAL VAL A . n 
A 1 125 LEU 125 122 122 LEU LEU A . n 
A 1 126 LEU 126 123 123 LEU LEU A . n 
A 1 127 ALA 127 124 124 ALA ALA A . n 
A 1 128 PRO 128 125 125 PRO PRO A . n 
A 1 129 LEU 129 126 126 LEU LEU A . n 
A 1 130 LEU 130 127 127 LEU LEU A . n 
A 1 131 SER 131 128 128 SER SER A . n 
A 1 132 ALA 132 129 129 ALA ALA A . n 
A 1 133 GLY 133 130 130 GLY GLY A . n 
A 1 134 ILE 134 131 131 ILE ILE A . n 
A 1 135 PHE 135 132 132 PHE PHE A . n 
A 1 136 GLY 136 133 133 GLY GLY A . n 
A 1 137 ALA 137 134 134 ALA ALA A . n 
A 1 138 ASP 138 135 135 ASP ASP A . n 
A 1 139 PRO 139 136 136 PRO PRO A . n 
A 1 140 ILE 140 137 137 ILE ILE A . n 
A 1 141 HIS 141 138 138 HIS HIS A . n 
A 1 142 SER 142 139 139 SER SER A . n 
A 1 143 LEU 143 140 140 LEU LEU A . n 
A 1 144 ARG 144 141 141 ARG ARG A . n 
A 1 145 VAL 145 142 142 VAL VAL A . n 
A 1 146 CYS 146 143 143 CYS CYS A . n 
A 1 147 VAL 147 144 144 VAL VAL A . n 
A 1 148 ASP 148 145 145 ASP ASP A . n 
A 1 149 THR 149 146 146 THR THR A . n 
A 1 150 VAL 150 147 147 VAL VAL A . n 
A 1 151 ARG 151 148 148 ARG ARG A . n 
A 1 152 THR 152 149 149 THR THR A . n 
A 1 153 ASN 153 150 150 ASN ASN A . n 
A 1 154 VAL 154 151 151 VAL VAL A . n 
A 1 155 TYR 155 152 152 TYR TYR A . n 
A 1 156 LEU 156 153 153 LEU LEU A . n 
A 1 157 ALA 157 154 154 ALA ALA A . n 
A 1 158 VAL 158 155 155 VAL VAL A . n 
A 1 159 PHE 159 156 156 PHE PHE A . n 
A 1 160 ASP 160 157 157 ASP ASP A . n 
A 1 161 LYS 161 158 158 LYS LYS A . n 
A 1 162 ASN 162 159 159 ASN ASN A . n 
A 1 163 LEU 163 160 160 LEU LEU A . n 
A 1 164 TYR 164 161 161 TYR TYR A . n 
A 1 165 ASP 165 162 162 ASP ASP A . n 
A 1 166 LYS 166 163 163 LYS LYS A . n 
A 1 167 LEU 167 164 164 LEU LEU A . n 
A 1 168 VAL 168 165 165 VAL VAL A . n 
A 1 169 SER 169 166 166 SER SER A . n 
A 1 170 SER 170 167 167 SER SER A . n 
A 1 171 PHE 171 168 168 PHE PHE A . n 
A 1 172 LEU 172 169 169 LEU LEU A . n 
A 1 173 GLU 173 170 170 GLU GLU A . n 
# 
loop_
_pdbx_nonpoly_scheme.asym_id 
_pdbx_nonpoly_scheme.entity_id 
_pdbx_nonpoly_scheme.mon_id 
_pdbx_nonpoly_scheme.ndb_seq_num 
_pdbx_nonpoly_scheme.pdb_seq_num 
_pdbx_nonpoly_scheme.auth_seq_num 
_pdbx_nonpoly_scheme.pdb_mon_id 
_pdbx_nonpoly_scheme.auth_mon_id 
_pdbx_nonpoly_scheme.pdb_strand_id 
_pdbx_nonpoly_scheme.pdb_ins_code 
B 2 HOH 1  201 64 HOH HOH A . 
B 2 HOH 2  202 60 HOH HOH A . 
B 2 HOH 3  203 81 HOH HOH A . 
B 2 HOH 4  204 75 HOH HOH A . 
B 2 HOH 5  205 47 HOH HOH A . 
B 2 HOH 6  206 14 HOH HOH A . 
B 2 HOH 7  207 36 HOH HOH A . 
B 2 HOH 8  208 65 HOH HOH A . 
B 2 HOH 9  209 27 HOH HOH A . 
B 2 HOH 10 210 10 HOH HOH A . 
B 2 HOH 11 211 43 HOH HOH A . 
B 2 HOH 12 212 72 HOH HOH A . 
B 2 HOH 13 213 29 HOH HOH A . 
B 2 HOH 14 214 71 HOH HOH A . 
B 2 HOH 15 215 80 HOH HOH A . 
B 2 HOH 16 216 45 HOH HOH A . 
B 2 HOH 17 217 57 HOH HOH A . 
B 2 HOH 18 218 51 HOH HOH A . 
B 2 HOH 19 219 52 HOH HOH A . 
B 2 HOH 20 220 40 HOH HOH A . 
B 2 HOH 21 221 16 HOH HOH A . 
B 2 HOH 22 222 22 HOH HOH A . 
B 2 HOH 23 223 3  HOH HOH A . 
B 2 HOH 24 224 18 HOH HOH A . 
B 2 HOH 25 225 15 HOH HOH A . 
B 2 HOH 26 226 39 HOH HOH A . 
B 2 HOH 27 227 62 HOH HOH A . 
B 2 HOH 28 228 1  HOH HOH A . 
B 2 HOH 29 229 20 HOH HOH A . 
B 2 HOH 30 230 28 HOH HOH A . 
B 2 HOH 31 231 4  HOH HOH A . 
B 2 HOH 32 232 8  HOH HOH A . 
B 2 HOH 33 233 2  HOH HOH A . 
B 2 HOH 34 234 11 HOH HOH A . 
B 2 HOH 35 235 26 HOH HOH A . 
B 2 HOH 36 236 38 HOH HOH A . 
B 2 HOH 37 237 68 HOH HOH A . 
B 2 HOH 38 238 76 HOH HOH A . 
B 2 HOH 39 239 13 HOH HOH A . 
B 2 HOH 40 240 34 HOH HOH A . 
B 2 HOH 41 241 5  HOH HOH A . 
B 2 HOH 42 242 69 HOH HOH A . 
B 2 HOH 43 243 50 HOH HOH A . 
B 2 HOH 44 244 25 HOH HOH A . 
B 2 HOH 45 245 7  HOH HOH A . 
B 2 HOH 46 246 58 HOH HOH A . 
B 2 HOH 47 247 19 HOH HOH A . 
B 2 HOH 48 248 63 HOH HOH A . 
B 2 HOH 49 249 73 HOH HOH A . 
B 2 HOH 50 250 6  HOH HOH A . 
B 2 HOH 51 251 46 HOH HOH A . 
B 2 HOH 52 252 33 HOH HOH A . 
B 2 HOH 53 253 82 HOH HOH A . 
B 2 HOH 54 254 55 HOH HOH A . 
B 2 HOH 55 255 67 HOH HOH A . 
B 2 HOH 56 256 37 HOH HOH A . 
B 2 HOH 57 257 24 HOH HOH A . 
B 2 HOH 58 258 23 HOH HOH A . 
B 2 HOH 59 259 32 HOH HOH A . 
B 2 HOH 60 260 17 HOH HOH A . 
B 2 HOH 61 261 77 HOH HOH A . 
B 2 HOH 62 262 41 HOH HOH A . 
B 2 HOH 63 263 79 HOH HOH A . 
B 2 HOH 64 264 53 HOH HOH A . 
B 2 HOH 65 265 21 HOH HOH A . 
B 2 HOH 66 266 44 HOH HOH A . 
B 2 HOH 67 267 30 HOH HOH A . 
B 2 HOH 68 268 9  HOH HOH A . 
B 2 HOH 69 269 54 HOH HOH A . 
B 2 HOH 70 270 48 HOH HOH A . 
B 2 HOH 71 271 66 HOH HOH A . 
B 2 HOH 72 272 31 HOH HOH A . 
B 2 HOH 73 273 70 HOH HOH A . 
B 2 HOH 74 274 12 HOH HOH A . 
B 2 HOH 75 275 78 HOH HOH A . 
B 2 HOH 76 276 56 HOH HOH A . 
B 2 HOH 77 277 49 HOH HOH A . 
B 2 HOH 78 278 35 HOH HOH A . 
B 2 HOH 79 279 74 HOH HOH A . 
B 2 HOH 80 280 59 HOH HOH A . 
B 2 HOH 81 281 42 HOH HOH A . 
B 2 HOH 82 282 61 HOH HOH A . 
# 
_pdbx_struct_assembly.id                   1 
_pdbx_struct_assembly.details              author_and_software_defined_assembly 
_pdbx_struct_assembly.method_details       PISA 
_pdbx_struct_assembly.oligomeric_details   monomeric 
_pdbx_struct_assembly.oligomeric_count     1 
# 
_pdbx_struct_assembly_gen.assembly_id       1 
_pdbx_struct_assembly_gen.oper_expression   1 
_pdbx_struct_assembly_gen.asym_id_list      A,B 
# 
loop_
_pdbx_struct_assembly_prop.biol_id 
_pdbx_struct_assembly_prop.type 
_pdbx_struct_assembly_prop.value 
_pdbx_struct_assembly_prop.details 
1 'ABSA (A^2)' 0    ? 
1 MORE         0    ? 
1 'SSA (A^2)'  7960 ? 
# 
_pdbx_struct_oper_list.id                   1 
_pdbx_struct_oper_list.type                 'identity operation' 
_pdbx_struct_oper_list.name                 1_555 
_pdbx_struct_oper_list.symmetry_operation   x,y,z 
_pdbx_struct_oper_list.matrix[1][1]         1.0000000000 
_pdbx_struct_oper_list.matrix[1][2]         0.0000000000 
_pdbx_struct_oper_list.matrix[1][3]         0.0000000000 
_pdbx_struct_oper_list.vector[1]            0.0000000000 
_pdbx_struct_oper_list.matrix[2][1]         0.0000000000 
_pdbx_struct_oper_list.matrix[2][2]         1.0000000000 
_pdbx_struct_oper_list.matrix[2][3]         0.0000000000 
_pdbx_struct_oper_list.vector[2]            0.0000000000 
_pdbx_struct_oper_list.matrix[3][1]         0.0000000000 
_pdbx_struct_oper_list.matrix[3][2]         0.0000000000 
_pdbx_struct_oper_list.matrix[3][3]         1.0000000000 
_pdbx_struct_oper_list.vector[3]            0.0000000000 
# 
_pdbx_struct_special_symmetry.id              1 
_pdbx_struct_special_symmetry.PDB_model_num   1 
_pdbx_struct_special_symmetry.auth_asym_id    A 
_pdbx_struct_special_symmetry.auth_comp_id    HOH 
_pdbx_struct_special_symmetry.auth_seq_id     253 
_pdbx_struct_special_symmetry.PDB_ins_code    ? 
_pdbx_struct_special_symmetry.label_asym_id   B 
_pdbx_struct_special_symmetry.label_comp_id   HOH 
_pdbx_struct_special_symmetry.label_seq_id    . 
# 
loop_
_pdbx_audit_revision_history.ordinal 
_pdbx_audit_revision_history.data_content_type 
_pdbx_audit_revision_history.major_revision 
_pdbx_audit_revision_history.minor_revision 
_pdbx_audit_revision_history.revision_date 
1 'Structure model' 1 0 2020-12-09 
2 'Structure model' 1 1 2021-01-27 
3 'Structure model' 1 2 2021-06-30 
4 'Structure model' 1 3 2023-10-18 
# 
_pdbx_audit_revision_details.ordinal             1 
_pdbx_audit_revision_details.revision_ordinal    1 
_pdbx_audit_revision_details.data_content_type   'Structure model' 
_pdbx_audit_revision_details.provider            repository 
_pdbx_audit_revision_details.type                'Initial release' 
_pdbx_audit_revision_details.description         ? 
_pdbx_audit_revision_details.details             ? 
# 
loop_
_pdbx_audit_revision_group.ordinal 
_pdbx_audit_revision_group.revision_ordinal 
_pdbx_audit_revision_group.data_content_type 
_pdbx_audit_revision_group.group 
1 2 'Structure model' 'Structure summary'      
2 3 'Structure model' 'Database references'    
3 4 'Structure model' 'Data collection'        
4 4 'Structure model' 'Database references'    
5 4 'Structure model' 'Refinement description' 
# 
loop_
_pdbx_audit_revision_category.ordinal 
_pdbx_audit_revision_category.revision_ordinal 
_pdbx_audit_revision_category.data_content_type 
_pdbx_audit_revision_category.category 
1 2 'Structure model' entity                        
2 2 'Structure model' entity_name_com               
3 3 'Structure model' citation                      
4 3 'Structure model' citation_author               
5 4 'Structure model' chem_comp_atom                
6 4 'Structure model' chem_comp_bond                
7 4 'Structure model' database_2                    
8 4 'Structure model' pdbx_initial_refinement_model 
# 
loop_
_pdbx_audit_revision_item.ordinal 
_pdbx_audit_revision_item.revision_ordinal 
_pdbx_audit_revision_item.data_content_type 
_pdbx_audit_revision_item.item 
1  2 'Structure model' '_entity.pdbx_description'            
2  2 'Structure model' '_entity.pdbx_ec'                     
3  2 'Structure model' '_entity_name_com.name'               
4  3 'Structure model' '_citation.country'                   
5  3 'Structure model' '_citation.journal_abbrev'            
6  3 'Structure model' '_citation.journal_id_CSD'            
7  3 'Structure model' '_citation.journal_id_ISSN'           
8  3 'Structure model' '_citation.journal_volume'            
9  3 'Structure model' '_citation.pdbx_database_id_DOI'      
10 3 'Structure model' '_citation.pdbx_database_id_PubMed'   
11 3 'Structure model' '_citation.title'                     
12 3 'Structure model' '_citation.year'                      
13 4 'Structure model' '_database_2.pdbx_DOI'                
14 4 'Structure model' '_database_2.pdbx_database_accession' 
# 
loop_
_software.citation_id 
_software.classification 
_software.compiler_name 
_software.compiler_version 
_software.contact_author 
_software.contact_author_email 
_software.date 
_software.description 
_software.dependencies 
_software.hardware 
_software.language 
_software.location 
_software.mods 
_software.name 
_software.os 
_software.os_version 
_software.type 
_software.version 
_software.pdbx_ordinal 
? refinement        ? ? ? ? ? ? ? ? ? ? ? PHENIX      ? ? ? 1.18.2_3874 1 
? 'data scaling'    ? ? ? ? ? ? ? ? ? ? ? DIALS       ? ? ? 2.1.4       2 
? 'data extraction' ? ? ? ? ? ? ? ? ? ? ? PDB_EXTRACT ? ? ? 3.27        3 
? 'data reduction'  ? ? ? ? ? ? ? ? ? ? ? DIALS       ? ? ? 2.1.4       4 
? phasing           ? ? ? ? ? ? ? ? ? ? ? PHASER      ? ? ? 2.8.3       5 
# 
loop_
_pdbx_validate_symm_contact.id 
_pdbx_validate_symm_contact.PDB_model_num 
_pdbx_validate_symm_contact.auth_atom_id_1 
_pdbx_validate_symm_contact.auth_asym_id_1 
_pdbx_validate_symm_contact.auth_comp_id_1 
_pdbx_validate_symm_contact.auth_seq_id_1 
_pdbx_validate_symm_contact.PDB_ins_code_1 
_pdbx_validate_symm_contact.label_alt_id_1 
_pdbx_validate_symm_contact.site_symmetry_1 
_pdbx_validate_symm_contact.auth_atom_id_2 
_pdbx_validate_symm_contact.auth_asym_id_2 
_pdbx_validate_symm_contact.auth_comp_id_2 
_pdbx_validate_symm_contact.auth_seq_id_2 
_pdbx_validate_symm_contact.PDB_ins_code_2 
_pdbx_validate_symm_contact.label_alt_id_2 
_pdbx_validate_symm_contact.site_symmetry_2 
_pdbx_validate_symm_contact.dist 
1 1 OD2 A ASP 14  ? ? 1_555 NZ  A LYS 163 ? A 1_545 2.02 
2 1 OD1 A ASN 101 ? ? 1_555 NH1 A ARG 148 ? A 1_565 2.18 
3 1 O   A HOH 254 ? ? 1_555 O   A HOH 277 ? ? 1_554 2.19 
# 
loop_
_pdbx_validate_torsion.id 
_pdbx_validate_torsion.PDB_model_num 
_pdbx_validate_torsion.auth_comp_id 
_pdbx_validate_torsion.auth_asym_id 
_pdbx_validate_torsion.auth_seq_id 
_pdbx_validate_torsion.PDB_ins_code 
_pdbx_validate_torsion.label_alt_id 
_pdbx_validate_torsion.phi 
_pdbx_validate_torsion.psi 
1 1 ASN A 59 ? A 83.67 0.20    
2 1 HIS A 86 ? ? 55.16 -129.95 
# 
loop_
_pdbx_validate_main_chain_plane.id 
_pdbx_validate_main_chain_plane.PDB_model_num 
_pdbx_validate_main_chain_plane.auth_comp_id 
_pdbx_validate_main_chain_plane.auth_asym_id 
_pdbx_validate_main_chain_plane.auth_seq_id 
_pdbx_validate_main_chain_plane.PDB_ins_code 
_pdbx_validate_main_chain_plane.label_alt_id 
_pdbx_validate_main_chain_plane.improper_torsion_angle 
1 1 TYR A 113 ? ? 11.38 
2 1 TYR A 113 ? ? 12.98 
# 
loop_
_pdbx_unobs_or_zero_occ_residues.id 
_pdbx_unobs_or_zero_occ_residues.PDB_model_num 
_pdbx_unobs_or_zero_occ_residues.polymer_flag 
_pdbx_unobs_or_zero_occ_residues.occupancy_flag 
_pdbx_unobs_or_zero_occ_residues.auth_asym_id 
_pdbx_unobs_or_zero_occ_residues.auth_comp_id 
_pdbx_unobs_or_zero_occ_residues.auth_seq_id 
_pdbx_unobs_or_zero_occ_residues.PDB_ins_code 
_pdbx_unobs_or_zero_occ_residues.label_asym_id 
_pdbx_unobs_or_zero_occ_residues.label_comp_id 
_pdbx_unobs_or_zero_occ_residues.label_seq_id 
1 1 Y 1 A SER -2 ? A SER 1 
2 1 Y 1 A ASN -1 ? A ASN 2 
3 1 Y 1 A ALA 0  ? A ALA 3 
4 1 Y 1 A GLY 1  ? A GLY 4 
5 1 Y 1 A GLU 2  ? A GLU 5 
# 
loop_
_chem_comp_atom.comp_id 
_chem_comp_atom.atom_id 
_chem_comp_atom.type_symbol 
_chem_comp_atom.pdbx_aromatic_flag 
_chem_comp_atom.pdbx_stereo_config 
_chem_comp_atom.pdbx_ordinal 
ALA N    N N N 1   
ALA CA   C N S 2   
ALA C    C N N 3   
ALA O    O N N 4   
ALA CB   C N N 5   
ALA OXT  O N N 6   
ALA H    H N N 7   
ALA H2   H N N 8   
ALA HA   H N N 9   
ALA HB1  H N N 10  
ALA HB2  H N N 11  
ALA HB3  H N N 12  
ALA HXT  H N N 13  
ARG N    N N N 14  
ARG CA   C N S 15  
ARG C    C N N 16  
ARG O    O N N 17  
ARG CB   C N N 18  
ARG CG   C N N 19  
ARG CD   C N N 20  
ARG NE   N N N 21  
ARG CZ   C N N 22  
ARG NH1  N N N 23  
ARG NH2  N N N 24  
ARG OXT  O N N 25  
ARG H    H N N 26  
ARG H2   H N N 27  
ARG HA   H N N 28  
ARG HB2  H N N 29  
ARG HB3  H N N 30  
ARG HG2  H N N 31  
ARG HG3  H N N 32  
ARG HD2  H N N 33  
ARG HD3  H N N 34  
ARG HE   H N N 35  
ARG HH11 H N N 36  
ARG HH12 H N N 37  
ARG HH21 H N N 38  
ARG HH22 H N N 39  
ARG HXT  H N N 40  
ASN N    N N N 41  
ASN CA   C N S 42  
ASN C    C N N 43  
ASN O    O N N 44  
ASN CB   C N N 45  
ASN CG   C N N 46  
ASN OD1  O N N 47  
ASN ND2  N N N 48  
ASN OXT  O N N 49  
ASN H    H N N 50  
ASN H2   H N N 51  
ASN HA   H N N 52  
ASN HB2  H N N 53  
ASN HB3  H N N 54  
ASN HD21 H N N 55  
ASN HD22 H N N 56  
ASN HXT  H N N 57  
ASP N    N N N 58  
ASP CA   C N S 59  
ASP C    C N N 60  
ASP O    O N N 61  
ASP CB   C N N 62  
ASP CG   C N N 63  
ASP OD1  O N N 64  
ASP OD2  O N N 65  
ASP OXT  O N N 66  
ASP H    H N N 67  
ASP H2   H N N 68  
ASP HA   H N N 69  
ASP HB2  H N N 70  
ASP HB3  H N N 71  
ASP HD2  H N N 72  
ASP HXT  H N N 73  
CYS N    N N N 74  
CYS CA   C N R 75  
CYS C    C N N 76  
CYS O    O N N 77  
CYS CB   C N N 78  
CYS SG   S N N 79  
CYS OXT  O N N 80  
CYS H    H N N 81  
CYS H2   H N N 82  
CYS HA   H N N 83  
CYS HB2  H N N 84  
CYS HB3  H N N 85  
CYS HG   H N N 86  
CYS HXT  H N N 87  
GLN N    N N N 88  
GLN CA   C N S 89  
GLN C    C N N 90  
GLN O    O N N 91  
GLN CB   C N N 92  
GLN CG   C N N 93  
GLN CD   C N N 94  
GLN OE1  O N N 95  
GLN NE2  N N N 96  
GLN OXT  O N N 97  
GLN H    H N N 98  
GLN H2   H N N 99  
GLN HA   H N N 100 
GLN HB2  H N N 101 
GLN HB3  H N N 102 
GLN HG2  H N N 103 
GLN HG3  H N N 104 
GLN HE21 H N N 105 
GLN HE22 H N N 106 
GLN HXT  H N N 107 
GLU N    N N N 108 
GLU CA   C N S 109 
GLU C    C N N 110 
GLU O    O N N 111 
GLU CB   C N N 112 
GLU CG   C N N 113 
GLU CD   C N N 114 
GLU OE1  O N N 115 
GLU OE2  O N N 116 
GLU OXT  O N N 117 
GLU H    H N N 118 
GLU H2   H N N 119 
GLU HA   H N N 120 
GLU HB2  H N N 121 
GLU HB3  H N N 122 
GLU HG2  H N N 123 
GLU HG3  H N N 124 
GLU HE2  H N N 125 
GLU HXT  H N N 126 
GLY N    N N N 127 
GLY CA   C N N 128 
GLY C    C N N 129 
GLY O    O N N 130 
GLY OXT  O N N 131 
GLY H    H N N 132 
GLY H2   H N N 133 
GLY HA2  H N N 134 
GLY HA3  H N N 135 
GLY HXT  H N N 136 
HIS N    N N N 137 
HIS CA   C N S 138 
HIS C    C N N 139 
HIS O    O N N 140 
HIS CB   C N N 141 
HIS CG   C Y N 142 
HIS ND1  N Y N 143 
HIS CD2  C Y N 144 
HIS CE1  C Y N 145 
HIS NE2  N Y N 146 
HIS OXT  O N N 147 
HIS H    H N N 148 
HIS H2   H N N 149 
HIS HA   H N N 150 
HIS HB2  H N N 151 
HIS HB3  H N N 152 
HIS HD1  H N N 153 
HIS HD2  H N N 154 
HIS HE1  H N N 155 
HIS HE2  H N N 156 
HIS HXT  H N N 157 
HOH O    O N N 158 
HOH H1   H N N 159 
HOH H2   H N N 160 
ILE N    N N N 161 
ILE CA   C N S 162 
ILE C    C N N 163 
ILE O    O N N 164 
ILE CB   C N S 165 
ILE CG1  C N N 166 
ILE CG2  C N N 167 
ILE CD1  C N N 168 
ILE OXT  O N N 169 
ILE H    H N N 170 
ILE H2   H N N 171 
ILE HA   H N N 172 
ILE HB   H N N 173 
ILE HG12 H N N 174 
ILE HG13 H N N 175 
ILE HG21 H N N 176 
ILE HG22 H N N 177 
ILE HG23 H N N 178 
ILE HD11 H N N 179 
ILE HD12 H N N 180 
ILE HD13 H N N 181 
ILE HXT  H N N 182 
LEU N    N N N 183 
LEU CA   C N S 184 
LEU C    C N N 185 
LEU O    O N N 186 
LEU CB   C N N 187 
LEU CG   C N N 188 
LEU CD1  C N N 189 
LEU CD2  C N N 190 
LEU OXT  O N N 191 
LEU H    H N N 192 
LEU H2   H N N 193 
LEU HA   H N N 194 
LEU HB2  H N N 195 
LEU HB3  H N N 196 
LEU HG   H N N 197 
LEU HD11 H N N 198 
LEU HD12 H N N 199 
LEU HD13 H N N 200 
LEU HD21 H N N 201 
LEU HD22 H N N 202 
LEU HD23 H N N 203 
LEU HXT  H N N 204 
LYS N    N N N 205 
LYS CA   C N S 206 
LYS C    C N N 207 
LYS O    O N N 208 
LYS CB   C N N 209 
LYS CG   C N N 210 
LYS CD   C N N 211 
LYS CE   C N N 212 
LYS NZ   N N N 213 
LYS OXT  O N N 214 
LYS H    H N N 215 
LYS H2   H N N 216 
LYS HA   H N N 217 
LYS HB2  H N N 218 
LYS HB3  H N N 219 
LYS HG2  H N N 220 
LYS HG3  H N N 221 
LYS HD2  H N N 222 
LYS HD3  H N N 223 
LYS HE2  H N N 224 
LYS HE3  H N N 225 
LYS HZ1  H N N 226 
LYS HZ2  H N N 227 
LYS HZ3  H N N 228 
LYS HXT  H N N 229 
MET N    N N N 230 
MET CA   C N S 231 
MET C    C N N 232 
MET O    O N N 233 
MET CB   C N N 234 
MET CG   C N N 235 
MET SD   S N N 236 
MET CE   C N N 237 
MET OXT  O N N 238 
MET H    H N N 239 
MET H2   H N N 240 
MET HA   H N N 241 
MET HB2  H N N 242 
MET HB3  H N N 243 
MET HG2  H N N 244 
MET HG3  H N N 245 
MET HE1  H N N 246 
MET HE2  H N N 247 
MET HE3  H N N 248 
MET HXT  H N N 249 
PHE N    N N N 250 
PHE CA   C N S 251 
PHE C    C N N 252 
PHE O    O N N 253 
PHE CB   C N N 254 
PHE CG   C Y N 255 
PHE CD1  C Y N 256 
PHE CD2  C Y N 257 
PHE CE1  C Y N 258 
PHE CE2  C Y N 259 
PHE CZ   C Y N 260 
PHE OXT  O N N 261 
PHE H    H N N 262 
PHE H2   H N N 263 
PHE HA   H N N 264 
PHE HB2  H N N 265 
PHE HB3  H N N 266 
PHE HD1  H N N 267 
PHE HD2  H N N 268 
PHE HE1  H N N 269 
PHE HE2  H N N 270 
PHE HZ   H N N 271 
PHE HXT  H N N 272 
PRO N    N N N 273 
PRO CA   C N S 274 
PRO C    C N N 275 
PRO O    O N N 276 
PRO CB   C N N 277 
PRO CG   C N N 278 
PRO CD   C N N 279 
PRO OXT  O N N 280 
PRO H    H N N 281 
PRO HA   H N N 282 
PRO HB2  H N N 283 
PRO HB3  H N N 284 
PRO HG2  H N N 285 
PRO HG3  H N N 286 
PRO HD2  H N N 287 
PRO HD3  H N N 288 
PRO HXT  H N N 289 
SER N    N N N 290 
SER CA   C N S 291 
SER C    C N N 292 
SER O    O N N 293 
SER CB   C N N 294 
SER OG   O N N 295 
SER OXT  O N N 296 
SER H    H N N 297 
SER H2   H N N 298 
SER HA   H N N 299 
SER HB2  H N N 300 
SER HB3  H N N 301 
SER HG   H N N 302 
SER HXT  H N N 303 
THR N    N N N 304 
THR CA   C N S 305 
THR C    C N N 306 
THR O    O N N 307 
THR CB   C N R 308 
THR OG1  O N N 309 
THR CG2  C N N 310 
THR OXT  O N N 311 
THR H    H N N 312 
THR H2   H N N 313 
THR HA   H N N 314 
THR HB   H N N 315 
THR HG1  H N N 316 
THR HG21 H N N 317 
THR HG22 H N N 318 
THR HG23 H N N 319 
THR HXT  H N N 320 
TYR N    N N N 321 
TYR CA   C N S 322 
TYR C    C N N 323 
TYR O    O N N 324 
TYR CB   C N N 325 
TYR CG   C Y N 326 
TYR CD1  C Y N 327 
TYR CD2  C Y N 328 
TYR CE1  C Y N 329 
TYR CE2  C Y N 330 
TYR CZ   C Y N 331 
TYR OH   O N N 332 
TYR OXT  O N N 333 
TYR H    H N N 334 
TYR H2   H N N 335 
TYR HA   H N N 336 
TYR HB2  H N N 337 
TYR HB3  H N N 338 
TYR HD1  H N N 339 
TYR HD2  H N N 340 
TYR HE1  H N N 341 
TYR HE2  H N N 342 
TYR HH   H N N 343 
TYR HXT  H N N 344 
VAL N    N N N 345 
VAL CA   C N S 346 
VAL C    C N N 347 
VAL O    O N N 348 
VAL CB   C N N 349 
VAL CG1  C N N 350 
VAL CG2  C N N 351 
VAL OXT  O N N 352 
VAL H    H N N 353 
VAL H2   H N N 354 
VAL HA   H N N 355 
VAL HB   H N N 356 
VAL HG11 H N N 357 
VAL HG12 H N N 358 
VAL HG13 H N N 359 
VAL HG21 H N N 360 
VAL HG22 H N N 361 
VAL HG23 H N N 362 
VAL HXT  H N N 363 
# 
loop_
_chem_comp_bond.comp_id 
_chem_comp_bond.atom_id_1 
_chem_comp_bond.atom_id_2 
_chem_comp_bond.value_order 
_chem_comp_bond.pdbx_aromatic_flag 
_chem_comp_bond.pdbx_stereo_config 
_chem_comp_bond.pdbx_ordinal 
ALA N   CA   sing N N 1   
ALA N   H    sing N N 2   
ALA N   H2   sing N N 3   
ALA CA  C    sing N N 4   
ALA CA  CB   sing N N 5   
ALA CA  HA   sing N N 6   
ALA C   O    doub N N 7   
ALA C   OXT  sing N N 8   
ALA CB  HB1  sing N N 9   
ALA CB  HB2  sing N N 10  
ALA CB  HB3  sing N N 11  
ALA OXT HXT  sing N N 12  
ARG N   CA   sing N N 13  
ARG N   H    sing N N 14  
ARG N   H2   sing N N 15  
ARG CA  C    sing N N 16  
ARG CA  CB   sing N N 17  
ARG CA  HA   sing N N 18  
ARG C   O    doub N N 19  
ARG C   OXT  sing N N 20  
ARG CB  CG   sing N N 21  
ARG CB  HB2  sing N N 22  
ARG CB  HB3  sing N N 23  
ARG CG  CD   sing N N 24  
ARG CG  HG2  sing N N 25  
ARG CG  HG3  sing N N 26  
ARG CD  NE   sing N N 27  
ARG CD  HD2  sing N N 28  
ARG CD  HD3  sing N N 29  
ARG NE  CZ   sing N N 30  
ARG NE  HE   sing N N 31  
ARG CZ  NH1  sing N N 32  
ARG CZ  NH2  doub N N 33  
ARG NH1 HH11 sing N N 34  
ARG NH1 HH12 sing N N 35  
ARG NH2 HH21 sing N N 36  
ARG NH2 HH22 sing N N 37  
ARG OXT HXT  sing N N 38  
ASN N   CA   sing N N 39  
ASN N   H    sing N N 40  
ASN N   H2   sing N N 41  
ASN CA  C    sing N N 42  
ASN CA  CB   sing N N 43  
ASN CA  HA   sing N N 44  
ASN C   O    doub N N 45  
ASN C   OXT  sing N N 46  
ASN CB  CG   sing N N 47  
ASN CB  HB2  sing N N 48  
ASN CB  HB3  sing N N 49  
ASN CG  OD1  doub N N 50  
ASN CG  ND2  sing N N 51  
ASN ND2 HD21 sing N N 52  
ASN ND2 HD22 sing N N 53  
ASN OXT HXT  sing N N 54  
ASP N   CA   sing N N 55  
ASP N   H    sing N N 56  
ASP N   H2   sing N N 57  
ASP CA  C    sing N N 58  
ASP CA  CB   sing N N 59  
ASP CA  HA   sing N N 60  
ASP C   O    doub N N 61  
ASP C   OXT  sing N N 62  
ASP CB  CG   sing N N 63  
ASP CB  HB2  sing N N 64  
ASP CB  HB3  sing N N 65  
ASP CG  OD1  doub N N 66  
ASP CG  OD2  sing N N 67  
ASP OD2 HD2  sing N N 68  
ASP OXT HXT  sing N N 69  
CYS N   CA   sing N N 70  
CYS N   H    sing N N 71  
CYS N   H2   sing N N 72  
CYS CA  C    sing N N 73  
CYS CA  CB   sing N N 74  
CYS CA  HA   sing N N 75  
CYS C   O    doub N N 76  
CYS C   OXT  sing N N 77  
CYS CB  SG   sing N N 78  
CYS CB  HB2  sing N N 79  
CYS CB  HB3  sing N N 80  
CYS SG  HG   sing N N 81  
CYS OXT HXT  sing N N 82  
GLN N   CA   sing N N 83  
GLN N   H    sing N N 84  
GLN N   H2   sing N N 85  
GLN CA  C    sing N N 86  
GLN CA  CB   sing N N 87  
GLN CA  HA   sing N N 88  
GLN C   O    doub N N 89  
GLN C   OXT  sing N N 90  
GLN CB  CG   sing N N 91  
GLN CB  HB2  sing N N 92  
GLN CB  HB3  sing N N 93  
GLN CG  CD   sing N N 94  
GLN CG  HG2  sing N N 95  
GLN CG  HG3  sing N N 96  
GLN CD  OE1  doub N N 97  
GLN CD  NE2  sing N N 98  
GLN NE2 HE21 sing N N 99  
GLN NE2 HE22 sing N N 100 
GLN OXT HXT  sing N N 101 
GLU N   CA   sing N N 102 
GLU N   H    sing N N 103 
GLU N   H2   sing N N 104 
GLU CA  C    sing N N 105 
GLU CA  CB   sing N N 106 
GLU CA  HA   sing N N 107 
GLU C   O    doub N N 108 
GLU C   OXT  sing N N 109 
GLU CB  CG   sing N N 110 
GLU CB  HB2  sing N N 111 
GLU CB  HB3  sing N N 112 
GLU CG  CD   sing N N 113 
GLU CG  HG2  sing N N 114 
GLU CG  HG3  sing N N 115 
GLU CD  OE1  doub N N 116 
GLU CD  OE2  sing N N 117 
GLU OE2 HE2  sing N N 118 
GLU OXT HXT  sing N N 119 
GLY N   CA   sing N N 120 
GLY N   H    sing N N 121 
GLY N   H2   sing N N 122 
GLY CA  C    sing N N 123 
GLY CA  HA2  sing N N 124 
GLY CA  HA3  sing N N 125 
GLY C   O    doub N N 126 
GLY C   OXT  sing N N 127 
GLY OXT HXT  sing N N 128 
HIS N   CA   sing N N 129 
HIS N   H    sing N N 130 
HIS N   H2   sing N N 131 
HIS CA  C    sing N N 132 
HIS CA  CB   sing N N 133 
HIS CA  HA   sing N N 134 
HIS C   O    doub N N 135 
HIS C   OXT  sing N N 136 
HIS CB  CG   sing N N 137 
HIS CB  HB2  sing N N 138 
HIS CB  HB3  sing N N 139 
HIS CG  ND1  sing Y N 140 
HIS CG  CD2  doub Y N 141 
HIS ND1 CE1  doub Y N 142 
HIS ND1 HD1  sing N N 143 
HIS CD2 NE2  sing Y N 144 
HIS CD2 HD2  sing N N 145 
HIS CE1 NE2  sing Y N 146 
HIS CE1 HE1  sing N N 147 
HIS NE2 HE2  sing N N 148 
HIS OXT HXT  sing N N 149 
HOH O   H1   sing N N 150 
HOH O   H2   sing N N 151 
ILE N   CA   sing N N 152 
ILE N   H    sing N N 153 
ILE N   H2   sing N N 154 
ILE CA  C    sing N N 155 
ILE CA  CB   sing N N 156 
ILE CA  HA   sing N N 157 
ILE C   O    doub N N 158 
ILE C   OXT  sing N N 159 
ILE CB  CG1  sing N N 160 
ILE CB  CG2  sing N N 161 
ILE CB  HB   sing N N 162 
ILE CG1 CD1  sing N N 163 
ILE CG1 HG12 sing N N 164 
ILE CG1 HG13 sing N N 165 
ILE CG2 HG21 sing N N 166 
ILE CG2 HG22 sing N N 167 
ILE CG2 HG23 sing N N 168 
ILE CD1 HD11 sing N N 169 
ILE CD1 HD12 sing N N 170 
ILE CD1 HD13 sing N N 171 
ILE OXT HXT  sing N N 172 
LEU N   CA   sing N N 173 
LEU N   H    sing N N 174 
LEU N   H2   sing N N 175 
LEU CA  C    sing N N 176 
LEU CA  CB   sing N N 177 
LEU CA  HA   sing N N 178 
LEU C   O    doub N N 179 
LEU C   OXT  sing N N 180 
LEU CB  CG   sing N N 181 
LEU CB  HB2  sing N N 182 
LEU CB  HB3  sing N N 183 
LEU CG  CD1  sing N N 184 
LEU CG  CD2  sing N N 185 
LEU CG  HG   sing N N 186 
LEU CD1 HD11 sing N N 187 
LEU CD1 HD12 sing N N 188 
LEU CD1 HD13 sing N N 189 
LEU CD2 HD21 sing N N 190 
LEU CD2 HD22 sing N N 191 
LEU CD2 HD23 sing N N 192 
LEU OXT HXT  sing N N 193 
LYS N   CA   sing N N 194 
LYS N   H    sing N N 195 
LYS N   H2   sing N N 196 
LYS CA  C    sing N N 197 
LYS CA  CB   sing N N 198 
LYS CA  HA   sing N N 199 
LYS C   O    doub N N 200 
LYS C   OXT  sing N N 201 
LYS CB  CG   sing N N 202 
LYS CB  HB2  sing N N 203 
LYS CB  HB3  sing N N 204 
LYS CG  CD   sing N N 205 
LYS CG  HG2  sing N N 206 
LYS CG  HG3  sing N N 207 
LYS CD  CE   sing N N 208 
LYS CD  HD2  sing N N 209 
LYS CD  HD3  sing N N 210 
LYS CE  NZ   sing N N 211 
LYS CE  HE2  sing N N 212 
LYS CE  HE3  sing N N 213 
LYS NZ  HZ1  sing N N 214 
LYS NZ  HZ2  sing N N 215 
LYS NZ  HZ3  sing N N 216 
LYS OXT HXT  sing N N 217 
MET N   CA   sing N N 218 
MET N   H    sing N N 219 
MET N   H2   sing N N 220 
MET CA  C    sing N N 221 
MET CA  CB   sing N N 222 
MET CA  HA   sing N N 223 
MET C   O    doub N N 224 
MET C   OXT  sing N N 225 
MET CB  CG   sing N N 226 
MET CB  HB2  sing N N 227 
MET CB  HB3  sing N N 228 
MET CG  SD   sing N N 229 
MET CG  HG2  sing N N 230 
MET CG  HG3  sing N N 231 
MET SD  CE   sing N N 232 
MET CE  HE1  sing N N 233 
MET CE  HE2  sing N N 234 
MET CE  HE3  sing N N 235 
MET OXT HXT  sing N N 236 
PHE N   CA   sing N N 237 
PHE N   H    sing N N 238 
PHE N   H2   sing N N 239 
PHE CA  C    sing N N 240 
PHE CA  CB   sing N N 241 
PHE CA  HA   sing N N 242 
PHE C   O    doub N N 243 
PHE C   OXT  sing N N 244 
PHE CB  CG   sing N N 245 
PHE CB  HB2  sing N N 246 
PHE CB  HB3  sing N N 247 
PHE CG  CD1  doub Y N 248 
PHE CG  CD2  sing Y N 249 
PHE CD1 CE1  sing Y N 250 
PHE CD1 HD1  sing N N 251 
PHE CD2 CE2  doub Y N 252 
PHE CD2 HD2  sing N N 253 
PHE CE1 CZ   doub Y N 254 
PHE CE1 HE1  sing N N 255 
PHE CE2 CZ   sing Y N 256 
PHE CE2 HE2  sing N N 257 
PHE CZ  HZ   sing N N 258 
PHE OXT HXT  sing N N 259 
PRO N   CA   sing N N 260 
PRO N   CD   sing N N 261 
PRO N   H    sing N N 262 
PRO CA  C    sing N N 263 
PRO CA  CB   sing N N 264 
PRO CA  HA   sing N N 265 
PRO C   O    doub N N 266 
PRO C   OXT  sing N N 267 
PRO CB  CG   sing N N 268 
PRO CB  HB2  sing N N 269 
PRO CB  HB3  sing N N 270 
PRO CG  CD   sing N N 271 
PRO CG  HG2  sing N N 272 
PRO CG  HG3  sing N N 273 
PRO CD  HD2  sing N N 274 
PRO CD  HD3  sing N N 275 
PRO OXT HXT  sing N N 276 
SER N   CA   sing N N 277 
SER N   H    sing N N 278 
SER N   H2   sing N N 279 
SER CA  C    sing N N 280 
SER CA  CB   sing N N 281 
SER CA  HA   sing N N 282 
SER C   O    doub N N 283 
SER C   OXT  sing N N 284 
SER CB  OG   sing N N 285 
SER CB  HB2  sing N N 286 
SER CB  HB3  sing N N 287 
SER OG  HG   sing N N 288 
SER OXT HXT  sing N N 289 
THR N   CA   sing N N 290 
THR N   H    sing N N 291 
THR N   H2   sing N N 292 
THR CA  C    sing N N 293 
THR CA  CB   sing N N 294 
THR CA  HA   sing N N 295 
THR C   O    doub N N 296 
THR C   OXT  sing N N 297 
THR CB  OG1  sing N N 298 
THR CB  CG2  sing N N 299 
THR CB  HB   sing N N 300 
THR OG1 HG1  sing N N 301 
THR CG2 HG21 sing N N 302 
THR CG2 HG22 sing N N 303 
THR CG2 HG23 sing N N 304 
THR OXT HXT  sing N N 305 
TYR N   CA   sing N N 306 
TYR N   H    sing N N 307 
TYR N   H2   sing N N 308 
TYR CA  C    sing N N 309 
TYR CA  CB   sing N N 310 
TYR CA  HA   sing N N 311 
TYR C   O    doub N N 312 
TYR C   OXT  sing N N 313 
TYR CB  CG   sing N N 314 
TYR CB  HB2  sing N N 315 
TYR CB  HB3  sing N N 316 
TYR CG  CD1  doub Y N 317 
TYR CG  CD2  sing Y N 318 
TYR CD1 CE1  sing Y N 319 
TYR CD1 HD1  sing N N 320 
TYR CD2 CE2  doub Y N 321 
TYR CD2 HD2  sing N N 322 
TYR CE1 CZ   doub Y N 323 
TYR CE1 HE1  sing N N 324 
TYR CE2 CZ   sing Y N 325 
TYR CE2 HE2  sing N N 326 
TYR CZ  OH   sing N N 327 
TYR OH  HH   sing N N 328 
TYR OXT HXT  sing N N 329 
VAL N   CA   sing N N 330 
VAL N   H    sing N N 331 
VAL N   H2   sing N N 332 
VAL CA  C    sing N N 333 
VAL CA  CB   sing N N 334 
VAL CA  HA   sing N N 335 
VAL C   O    doub N N 336 
VAL C   OXT  sing N N 337 
VAL CB  CG1  sing N N 338 
VAL CB  CG2  sing N N 339 
VAL CB  HB   sing N N 340 
VAL CG1 HG11 sing N N 341 
VAL CG1 HG12 sing N N 342 
VAL CG1 HG13 sing N N 343 
VAL CG2 HG21 sing N N 344 
VAL CG2 HG22 sing N N 345 
VAL CG2 HG23 sing N N 346 
VAL OXT HXT  sing N N 347 
# 
_pdbx_audit_support.funding_organization   'National Science Foundation (NSF, United States)' 
_pdbx_audit_support.country                ? 
_pdbx_audit_support.grant_number           2031205 
_pdbx_audit_support.ordinal                1 
# 
_pdbx_entity_nonpoly.entity_id   2 
_pdbx_entity_nonpoly.name        water 
_pdbx_entity_nonpoly.comp_id     HOH 
# 
_pdbx_initial_refinement_model.id               1 
_pdbx_initial_refinement_model.entity_id_list   ? 
_pdbx_initial_refinement_model.type             'experimental model' 
_pdbx_initial_refinement_model.source_name      PDB 
_pdbx_initial_refinement_model.accession_code   7KR0 
_pdbx_initial_refinement_model.details          'PDB entry 7KR0' 
# 
_pdbx_struct_assembly_auth_evidence.id                     1 
_pdbx_struct_assembly_auth_evidence.assembly_id            1 
_pdbx_struct_assembly_auth_evidence.experimental_support   none 
_pdbx_struct_assembly_auth_evidence.details                ? 
# 
